data_2DOF
#
_entry.id   2DOF
#
_entity_poly.entity_id   1
_entity_poly.type   'polypeptide(L)'
_entity_poly.pdbx_seq_one_letter_code
;GSSGSSGDREREQHKREEAIQNFKALLSDMVRSSDVSWSDTRRTLRKDHRWESGSLLEREEKEKLFNEHIEALTKKKRES
GPSSG
;
_entity_poly.pdbx_strand_id   A
#
# COMPACT_ATOMS: atom_id res chain seq x y z
N GLY A 1 3.22 -11.26 28.49
CA GLY A 1 1.78 -11.43 28.66
C GLY A 1 1.20 -12.45 27.70
N SER A 2 -0.10 -12.66 27.77
CA SER A 2 -0.77 -13.62 26.91
C SER A 2 -0.45 -13.36 25.44
N SER A 3 0.08 -14.39 24.77
CA SER A 3 0.44 -14.27 23.36
C SER A 3 -0.76 -13.87 22.52
N GLY A 4 -1.81 -14.69 22.56
CA GLY A 4 -3.00 -14.41 21.80
C GLY A 4 -3.55 -13.02 22.07
N SER A 5 -3.92 -12.32 21.00
CA SER A 5 -4.46 -10.97 21.14
C SER A 5 -5.98 -10.99 21.23
N SER A 6 -6.52 -10.28 22.21
CA SER A 6 -7.96 -10.22 22.40
C SER A 6 -8.35 -8.99 23.22
N GLY A 7 -9.59 -8.55 23.06
CA GLY A 7 -10.06 -7.38 23.78
C GLY A 7 -10.12 -6.14 22.91
N ASP A 8 -10.79 -5.11 23.40
CA ASP A 8 -10.92 -3.86 22.66
C ASP A 8 -9.91 -2.83 23.15
N ARG A 9 -8.71 -3.30 23.47
CA ARG A 9 -7.65 -2.42 23.95
C ARG A 9 -7.36 -1.30 22.95
N GLU A 10 -7.09 -1.70 21.70
CA GLU A 10 -6.81 -0.73 20.64
C GLU A 10 -7.78 -0.88 19.49
N ARG A 11 -8.78 0.01 19.43
CA ARG A 11 -9.78 -0.03 18.38
C ARG A 11 -9.64 1.18 17.45
N GLU A 12 -9.48 2.35 18.05
CA GLU A 12 -9.33 3.58 17.28
C GLU A 12 -8.29 3.43 16.18
N GLN A 13 -7.02 3.42 16.57
CA GLN A 13 -5.93 3.27 15.62
C GLN A 13 -6.14 2.05 14.74
N HIS A 14 -6.31 0.89 15.37
CA HIS A 14 -6.52 -0.36 14.64
C HIS A 14 -7.35 -0.12 13.38
N LYS A 15 -8.52 0.49 13.55
CA LYS A 15 -9.39 0.78 12.43
C LYS A 15 -8.60 1.29 11.23
N ARG A 16 -7.75 2.29 11.47
CA ARG A 16 -6.94 2.86 10.41
C ARG A 16 -5.88 1.87 9.94
N GLU A 17 -5.08 1.37 10.89
CA GLU A 17 -4.03 0.42 10.58
C GLU A 17 -4.46 -0.52 9.45
N GLU A 18 -5.61 -1.16 9.63
CA GLU A 18 -6.14 -2.08 8.64
C GLU A 18 -6.10 -1.46 7.25
N ALA A 19 -6.55 -0.22 7.14
CA ALA A 19 -6.55 0.49 5.86
C ALA A 19 -5.15 0.60 5.28
N ILE A 20 -4.19 0.94 6.14
CA ILE A 20 -2.81 1.09 5.72
C ILE A 20 -2.30 -0.18 5.04
N GLN A 21 -2.25 -1.28 5.80
CA GLN A 21 -1.78 -2.54 5.27
C GLN A 21 -2.59 -2.95 4.03
N ASN A 22 -3.90 -2.82 4.13
CA ASN A 22 -4.79 -3.17 3.02
C ASN A 22 -4.43 -2.37 1.76
N PHE A 23 -4.12 -1.09 1.96
CA PHE A 23 -3.76 -0.22 0.85
C PHE A 23 -2.52 -0.74 0.12
N LYS A 24 -1.46 -0.99 0.88
CA LYS A 24 -0.22 -1.50 0.31
C LYS A 24 -0.46 -2.76 -0.51
N ALA A 25 -1.10 -3.75 0.12
CA ALA A 25 -1.40 -5.00 -0.55
C ALA A 25 -2.16 -4.77 -1.85
N LEU A 26 -3.14 -3.87 -1.82
CA LEU A 26 -3.94 -3.55 -2.99
C LEU A 26 -3.07 -2.94 -4.09
N LEU A 27 -2.03 -2.21 -3.68
CA LEU A 27 -1.13 -1.57 -4.63
C LEU A 27 -0.32 -2.62 -5.39
N SER A 28 0.17 -3.62 -4.67
CA SER A 28 0.96 -4.69 -5.27
C SER A 28 0.11 -5.55 -6.18
N ASP A 29 -1.07 -5.92 -5.71
CA ASP A 29 -1.99 -6.75 -6.48
C ASP A 29 -2.42 -6.02 -7.75
N MET A 30 -3.04 -4.86 -7.58
CA MET A 30 -3.51 -4.07 -8.72
C MET A 30 -2.33 -3.53 -9.53
N VAL A 31 -1.44 -2.80 -8.86
CA VAL A 31 -0.27 -2.23 -9.52
C VAL A 31 0.98 -3.06 -9.25
N ARG A 32 1.05 -4.23 -9.88
CA ARG A 32 2.19 -5.12 -9.71
C ARG A 32 3.40 -4.60 -10.47
N SER A 33 3.16 -3.76 -11.46
CA SER A 33 4.24 -3.20 -12.28
C SER A 33 4.81 -1.94 -11.62
N SER A 34 5.92 -1.45 -12.16
CA SER A 34 6.57 -0.26 -11.63
C SER A 34 6.80 0.77 -12.73
N ASP A 35 6.29 0.47 -13.92
CA ASP A 35 6.44 1.37 -15.05
C ASP A 35 5.17 2.19 -15.27
N VAL A 36 4.50 2.54 -14.17
CA VAL A 36 3.27 3.32 -14.25
C VAL A 36 3.41 4.63 -13.49
N SER A 37 2.46 5.54 -13.72
CA SER A 37 2.48 6.84 -13.06
C SER A 37 1.37 6.95 -12.01
N TRP A 38 1.58 7.82 -11.03
CA TRP A 38 0.61 8.01 -9.97
C TRP A 38 -0.78 8.25 -10.54
N SER A 39 -0.92 9.34 -11.30
CA SER A 39 -2.20 9.69 -11.91
C SER A 39 -2.97 8.44 -12.31
N ASP A 40 -2.46 7.74 -13.33
CA ASP A 40 -3.10 6.52 -13.82
C ASP A 40 -3.50 5.62 -12.66
N THR A 41 -2.54 5.34 -11.77
CA THR A 41 -2.79 4.49 -10.62
C THR A 41 -4.00 4.98 -9.82
N ARG A 42 -3.85 6.12 -9.16
CA ARG A 42 -4.92 6.70 -8.37
C ARG A 42 -6.27 6.50 -9.05
N ARG A 43 -6.37 6.96 -10.29
CA ARG A 43 -7.61 6.84 -11.05
C ARG A 43 -8.10 5.39 -11.07
N THR A 44 -7.17 4.46 -11.33
CA THR A 44 -7.50 3.04 -11.37
C THR A 44 -8.01 2.55 -10.02
N LEU A 45 -7.27 2.89 -8.96
CA LEU A 45 -7.65 2.49 -7.61
C LEU A 45 -8.99 3.09 -7.21
N ARG A 46 -9.23 4.32 -7.64
CA ARG A 46 -10.49 5.00 -7.33
C ARG A 46 -11.68 4.15 -7.73
N LYS A 47 -11.48 3.26 -8.71
CA LYS A 47 -12.54 2.39 -9.18
C LYS A 47 -12.65 1.15 -8.32
N ASP A 48 -11.52 0.69 -7.81
CA ASP A 48 -11.48 -0.51 -6.96
C ASP A 48 -12.47 -0.37 -5.81
N HIS A 49 -12.79 -1.51 -5.17
CA HIS A 49 -13.72 -1.52 -4.06
C HIS A 49 -13.03 -1.13 -2.76
N ARG A 50 -11.99 -1.88 -2.41
CA ARG A 50 -11.23 -1.60 -1.18
C ARG A 50 -10.92 -0.12 -1.06
N TRP A 51 -10.53 0.50 -2.18
CA TRP A 51 -10.19 1.91 -2.19
C TRP A 51 -11.15 2.70 -1.30
N GLU A 52 -12.43 2.39 -1.38
CA GLU A 52 -13.45 3.07 -0.59
C GLU A 52 -12.97 3.28 0.85
N SER A 53 -12.60 2.18 1.50
CA SER A 53 -12.13 2.23 2.88
C SER A 53 -10.79 2.94 2.96
N GLY A 54 -10.03 2.90 1.87
CA GLY A 54 -8.74 3.54 1.84
C GLY A 54 -8.82 5.05 2.03
N SER A 55 -10.03 5.58 1.91
CA SER A 55 -10.25 7.02 2.06
C SER A 55 -9.43 7.57 3.23
N LEU A 56 -9.45 6.83 4.34
CA LEU A 56 -8.71 7.25 5.54
C LEU A 56 -7.41 7.96 5.15
N LEU A 57 -6.59 7.28 4.36
CA LEU A 57 -5.31 7.85 3.92
C LEU A 57 -5.53 9.05 3.02
N GLU A 58 -5.05 10.21 3.46
CA GLU A 58 -5.18 11.44 2.68
C GLU A 58 -4.47 11.33 1.35
N ARG A 59 -4.95 12.08 0.36
CA ARG A 59 -4.36 12.06 -0.97
C ARG A 59 -2.83 11.95 -0.88
N GLU A 60 -2.23 12.81 -0.08
CA GLU A 60 -0.78 12.81 0.09
C GLU A 60 -0.29 11.44 0.57
N GLU A 61 -0.89 10.94 1.65
CA GLU A 61 -0.51 9.65 2.21
C GLU A 61 -0.55 8.56 1.14
N LYS A 62 -1.68 8.47 0.44
CA LYS A 62 -1.86 7.48 -0.61
C LYS A 62 -0.77 7.61 -1.67
N GLU A 63 -0.64 8.81 -2.22
CA GLU A 63 0.37 9.07 -3.25
C GLU A 63 1.74 8.57 -2.81
N LYS A 64 2.12 8.91 -1.57
CA LYS A 64 3.40 8.50 -1.03
C LYS A 64 3.54 6.98 -1.05
N LEU A 65 2.53 6.30 -0.53
CA LEU A 65 2.54 4.84 -0.50
C LEU A 65 2.84 4.26 -1.87
N PHE A 66 1.98 4.57 -2.84
CA PHE A 66 2.16 4.08 -4.21
C PHE A 66 3.60 4.27 -4.66
N ASN A 67 4.04 5.52 -4.72
CA ASN A 67 5.40 5.83 -5.15
C ASN A 67 6.41 4.90 -4.49
N GLU A 68 6.32 4.77 -3.17
CA GLU A 68 7.23 3.91 -2.42
C GLU A 68 7.15 2.47 -2.93
N HIS A 69 5.93 2.02 -3.21
CA HIS A 69 5.72 0.66 -3.70
C HIS A 69 6.44 0.44 -5.03
N ILE A 70 6.41 1.45 -5.89
CA ILE A 70 7.06 1.37 -7.19
C ILE A 70 8.57 1.26 -7.04
N GLU A 71 9.18 2.29 -6.47
CA GLU A 71 10.62 2.31 -6.26
C GLU A 71 11.11 0.99 -5.65
N ALA A 72 10.34 0.47 -4.71
CA ALA A 72 10.68 -0.78 -4.05
C ALA A 72 10.72 -1.93 -5.05
N LEU A 73 9.69 -2.02 -5.88
CA LEU A 73 9.61 -3.08 -6.89
C LEU A 73 10.88 -3.12 -7.74
N THR A 74 11.18 -2.01 -8.40
CA THR A 74 12.36 -1.92 -9.25
C THR A 74 13.57 -2.58 -8.58
N LYS A 75 13.77 -2.29 -7.31
CA LYS A 75 14.88 -2.86 -6.56
C LYS A 75 14.96 -4.38 -6.77
N LYS A 76 13.81 -5.03 -6.74
CA LYS A 76 13.74 -6.48 -6.92
C LYS A 76 14.09 -6.85 -8.36
N LYS A 77 13.59 -6.08 -9.31
CA LYS A 77 13.86 -6.32 -10.72
C LYS A 77 15.33 -6.67 -10.94
N ARG A 78 15.57 -7.83 -11.54
CA ARG A 78 16.93 -8.28 -11.82
C ARG A 78 17.70 -7.23 -12.61
N GLU A 79 17.22 -6.94 -13.81
CA GLU A 79 17.86 -5.95 -14.67
C GLU A 79 17.31 -4.55 -14.40
N SER A 80 18.21 -3.63 -14.05
CA SER A 80 17.80 -2.26 -13.76
C SER A 80 19.02 -1.34 -13.68
N GLY A 81 18.84 -0.08 -14.04
CA GLY A 81 19.93 0.87 -13.99
C GLY A 81 20.82 0.68 -12.78
N PRO A 82 22.06 1.18 -12.88
CA PRO A 82 23.04 1.07 -11.78
C PRO A 82 22.66 1.94 -10.58
N SER A 83 22.09 1.30 -9.57
CA SER A 83 21.68 2.01 -8.36
C SER A 83 22.59 1.64 -7.18
N SER A 84 23.39 2.61 -6.74
CA SER A 84 24.31 2.40 -5.63
C SER A 84 24.76 3.73 -5.04
N GLY A 85 24.35 3.99 -3.81
CA GLY A 85 24.72 5.23 -3.14
C GLY A 85 24.43 6.45 -3.99
N GLY A 1 -17.20 3.81 26.42
CA GLY A 1 -16.05 2.99 26.07
C GLY A 1 -15.87 2.84 24.58
N SER A 2 -15.00 1.92 24.18
CA SER A 2 -14.74 1.68 22.76
C SER A 2 -15.72 0.68 22.19
N SER A 3 -15.77 -0.51 22.79
CA SER A 3 -16.67 -1.57 22.33
C SER A 3 -18.11 -1.25 22.69
N GLY A 4 -19.04 -1.66 21.83
CA GLY A 4 -20.44 -1.41 22.08
C GLY A 4 -21.32 -1.77 20.91
N SER A 5 -21.42 -0.86 19.94
CA SER A 5 -22.24 -1.09 18.75
C SER A 5 -21.38 -1.54 17.58
N SER A 6 -21.43 -2.83 17.27
CA SER A 6 -20.64 -3.40 16.18
C SER A 6 -19.29 -2.71 16.08
N GLY A 7 -18.66 -2.49 17.23
CA GLY A 7 -17.36 -1.83 17.24
C GLY A 7 -16.22 -2.84 17.23
N ASP A 8 -15.37 -2.77 18.25
CA ASP A 8 -14.23 -3.67 18.36
C ASP A 8 -14.05 -4.15 19.80
N ARG A 9 -13.98 -5.46 19.98
CA ARG A 9 -13.82 -6.05 21.30
C ARG A 9 -12.34 -6.10 21.70
N GLU A 10 -11.54 -6.75 20.87
CA GLU A 10 -10.11 -6.87 21.13
C GLU A 10 -9.33 -5.82 20.35
N ARG A 11 -9.74 -5.58 19.11
CA ARG A 11 -9.07 -4.60 18.26
C ARG A 11 -9.22 -3.20 18.83
N GLU A 12 -8.20 -2.75 19.56
CA GLU A 12 -8.22 -1.42 20.17
C GLU A 12 -7.80 -0.36 19.15
N GLN A 13 -6.55 -0.40 18.74
CA GLN A 13 -6.01 0.55 17.78
C GLN A 13 -5.77 -0.11 16.42
N HIS A 14 -6.81 -0.73 15.88
CA HIS A 14 -6.72 -1.41 14.59
C HIS A 14 -7.67 -0.78 13.58
N LYS A 15 -8.13 0.43 13.88
CA LYS A 15 -9.06 1.13 12.99
C LYS A 15 -8.37 1.53 11.69
N ARG A 16 -7.37 2.40 11.79
CA ARG A 16 -6.62 2.86 10.63
C ARG A 16 -5.70 1.76 10.11
N GLU A 17 -5.04 1.06 11.03
CA GLU A 17 -4.13 -0.01 10.65
C GLU A 17 -4.65 -0.78 9.45
N GLU A 18 -5.91 -1.19 9.51
CA GLU A 18 -6.53 -1.93 8.42
C GLU A 18 -6.34 -1.22 7.09
N ALA A 19 -6.81 0.03 7.03
CA ALA A 19 -6.70 0.83 5.82
C ALA A 19 -5.26 0.82 5.29
N ILE A 20 -4.31 1.14 6.16
CA ILE A 20 -2.91 1.16 5.78
C ILE A 20 -2.49 -0.15 5.14
N GLN A 21 -2.48 -1.22 5.92
CA GLN A 21 -2.09 -2.53 5.42
C GLN A 21 -2.83 -2.85 4.12
N ASN A 22 -4.15 -2.80 4.17
CA ASN A 22 -4.98 -3.08 3.00
C ASN A 22 -4.53 -2.25 1.81
N PHE A 23 -4.17 -1.00 2.07
CA PHE A 23 -3.72 -0.09 1.00
C PHE A 23 -2.52 -0.67 0.27
N LYS A 24 -1.40 -0.79 0.98
CA LYS A 24 -0.18 -1.34 0.40
C LYS A 24 -0.47 -2.61 -0.39
N ALA A 25 -1.09 -3.58 0.28
CA ALA A 25 -1.42 -4.85 -0.36
C ALA A 25 -2.22 -4.63 -1.65
N LEU A 26 -3.13 -3.67 -1.60
CA LEU A 26 -3.96 -3.35 -2.77
C LEU A 26 -3.10 -2.79 -3.91
N LEU A 27 -2.05 -2.06 -3.54
CA LEU A 27 -1.16 -1.47 -4.53
C LEU A 27 -0.30 -2.54 -5.21
N SER A 28 0.03 -3.58 -4.46
CA SER A 28 0.84 -4.68 -4.98
C SER A 28 -0.02 -5.66 -5.76
N ASP A 29 -1.30 -5.73 -5.42
CA ASP A 29 -2.23 -6.63 -6.10
C ASP A 29 -2.65 -6.06 -7.45
N MET A 30 -2.81 -4.74 -7.50
CA MET A 30 -3.21 -4.07 -8.74
C MET A 30 -1.99 -3.51 -9.46
N VAL A 31 -1.38 -2.50 -8.86
CA VAL A 31 -0.20 -1.86 -9.46
C VAL A 31 1.05 -2.68 -9.20
N ARG A 32 1.04 -3.93 -9.66
CA ARG A 32 2.18 -4.82 -9.48
C ARG A 32 3.38 -4.33 -10.28
N SER A 33 3.11 -3.63 -11.37
CA SER A 33 4.17 -3.10 -12.22
C SER A 33 4.75 -1.82 -11.65
N SER A 34 5.83 -1.33 -12.26
CA SER A 34 6.48 -0.10 -11.81
C SER A 34 6.60 0.91 -12.94
N ASP A 35 6.11 0.53 -14.12
CA ASP A 35 6.17 1.39 -15.29
C ASP A 35 4.89 2.22 -15.42
N VAL A 36 4.25 2.47 -14.27
CA VAL A 36 3.01 3.25 -14.25
C VAL A 36 3.24 4.62 -13.62
N SER A 37 2.26 5.49 -13.76
CA SER A 37 2.35 6.83 -13.18
C SER A 37 1.30 7.05 -12.10
N TRP A 38 1.60 7.92 -11.15
CA TRP A 38 0.68 8.21 -10.06
C TRP A 38 -0.75 8.40 -10.57
N SER A 39 -0.98 9.47 -11.32
CA SER A 39 -2.29 9.76 -11.87
C SER A 39 -2.97 8.47 -12.32
N ASP A 40 -2.42 7.84 -13.35
CA ASP A 40 -2.97 6.61 -13.88
C ASP A 40 -3.41 5.67 -12.75
N THR A 41 -2.51 5.46 -11.80
CA THR A 41 -2.79 4.58 -10.67
C THR A 41 -4.05 5.03 -9.93
N ARG A 42 -4.02 6.25 -9.40
CA ARG A 42 -5.16 6.80 -8.68
C ARG A 42 -6.47 6.43 -9.37
N ARG A 43 -6.53 6.68 -10.68
CA ARG A 43 -7.73 6.38 -11.45
C ARG A 43 -8.00 4.88 -11.49
N THR A 44 -6.93 4.10 -11.57
CA THR A 44 -7.05 2.64 -11.61
C THR A 44 -7.63 2.10 -10.31
N LEU A 45 -7.00 2.45 -9.19
CA LEU A 45 -7.45 2.00 -7.88
C LEU A 45 -8.88 2.48 -7.61
N ARG A 46 -9.11 3.77 -7.80
CA ARG A 46 -10.44 4.35 -7.58
C ARG A 46 -11.53 3.37 -7.97
N LYS A 47 -11.49 2.90 -9.21
CA LYS A 47 -12.49 1.96 -9.70
C LYS A 47 -12.69 0.81 -8.72
N ASP A 48 -11.58 0.31 -8.16
CA ASP A 48 -11.65 -0.78 -7.20
C ASP A 48 -12.64 -0.47 -6.09
N HIS A 49 -12.99 -1.50 -5.32
CA HIS A 49 -13.94 -1.33 -4.22
C HIS A 49 -13.20 -1.04 -2.92
N ARG A 50 -12.21 -1.85 -2.61
CA ARG A 50 -11.42 -1.67 -1.38
C ARG A 50 -11.05 -0.20 -1.19
N TRP A 51 -10.57 0.43 -2.25
CA TRP A 51 -10.18 1.83 -2.19
C TRP A 51 -11.13 2.63 -1.31
N GLU A 52 -12.42 2.31 -1.39
CA GLU A 52 -13.43 3.00 -0.59
C GLU A 52 -12.94 3.20 0.84
N SER A 53 -12.47 2.11 1.45
CA SER A 53 -11.99 2.17 2.83
C SER A 53 -10.70 2.97 2.91
N GLY A 54 -9.89 2.91 1.85
CA GLY A 54 -8.64 3.63 1.83
C GLY A 54 -8.83 5.12 2.08
N SER A 55 -10.07 5.58 2.01
CA SER A 55 -10.38 6.99 2.22
C SER A 55 -9.67 7.52 3.46
N LEU A 56 -9.71 6.73 4.54
CA LEU A 56 -9.07 7.12 5.79
C LEU A 56 -7.78 7.89 5.53
N LEU A 57 -6.85 7.25 4.84
CA LEU A 57 -5.57 7.88 4.52
C LEU A 57 -5.78 9.24 3.84
N GLU A 58 -4.69 9.95 3.61
CA GLU A 58 -4.75 11.26 2.97
C GLU A 58 -3.99 11.26 1.64
N ARG A 59 -4.36 12.18 0.77
CA ARG A 59 -3.72 12.29 -0.54
C ARG A 59 -2.22 12.05 -0.43
N GLU A 60 -1.59 12.68 0.56
CA GLU A 60 -0.15 12.53 0.77
C GLU A 60 0.23 11.06 0.94
N GLU A 61 -0.46 10.38 1.85
CA GLU A 61 -0.20 8.98 2.11
C GLU A 61 -0.44 8.13 0.86
N LYS A 62 -1.52 8.44 0.16
CA LYS A 62 -1.86 7.71 -1.07
C LYS A 62 -0.75 7.83 -2.10
N GLU A 63 -0.34 9.07 -2.37
CA GLU A 63 0.72 9.32 -3.34
C GLU A 63 2.04 8.73 -2.87
N LYS A 64 2.45 9.10 -1.66
CA LYS A 64 3.71 8.61 -1.09
C LYS A 64 3.73 7.08 -1.07
N LEU A 65 2.74 6.49 -0.42
CA LEU A 65 2.65 5.04 -0.33
C LEU A 65 2.87 4.39 -1.69
N PHE A 66 2.10 4.86 -2.68
CA PHE A 66 2.21 4.32 -4.04
C PHE A 66 3.64 4.44 -4.56
N ASN A 67 4.11 5.67 -4.72
CA ASN A 67 5.46 5.92 -5.21
C ASN A 67 6.46 4.97 -4.56
N GLU A 68 6.38 4.85 -3.23
CA GLU A 68 7.28 3.98 -2.49
C GLU A 68 7.22 2.55 -3.04
N HIS A 69 6.02 2.04 -3.23
CA HIS A 69 5.82 0.69 -3.74
C HIS A 69 6.49 0.54 -5.10
N ILE A 70 6.25 1.49 -5.99
CA ILE A 70 6.82 1.47 -7.33
C ILE A 70 8.33 1.29 -7.27
N GLU A 71 9.01 2.24 -6.64
CA GLU A 71 10.46 2.19 -6.51
C GLU A 71 10.90 0.91 -5.83
N ALA A 72 10.14 0.47 -4.83
CA ALA A 72 10.45 -0.74 -4.09
C ALA A 72 10.51 -1.95 -5.02
N LEU A 73 9.59 -1.98 -5.99
CA LEU A 73 9.54 -3.09 -6.95
C LEU A 73 10.80 -3.14 -7.79
N THR A 74 11.11 -2.02 -8.45
CA THR A 74 12.30 -1.94 -9.29
C THR A 74 13.51 -2.55 -8.59
N LYS A 75 13.68 -2.23 -7.32
CA LYS A 75 14.80 -2.74 -6.54
C LYS A 75 14.63 -4.23 -6.27
N LYS A 76 13.61 -4.56 -5.48
CA LYS A 76 13.34 -5.95 -5.13
C LYS A 76 13.57 -6.87 -6.33
N LYS A 77 13.11 -6.43 -7.51
CA LYS A 77 13.27 -7.21 -8.73
C LYS A 77 14.63 -7.91 -8.75
N ARG A 78 14.63 -9.16 -9.19
CA ARG A 78 15.85 -9.94 -9.26
C ARG A 78 15.91 -10.75 -10.56
N GLU A 79 17.12 -11.16 -10.94
CA GLU A 79 17.30 -11.94 -12.15
C GLU A 79 16.33 -13.12 -12.21
N SER A 80 16.35 -13.95 -11.18
CA SER A 80 15.46 -15.11 -11.11
C SER A 80 14.11 -14.79 -11.73
N GLY A 81 13.40 -13.84 -11.12
CA GLY A 81 12.10 -13.46 -11.63
C GLY A 81 11.18 -14.66 -11.85
N PRO A 82 10.55 -15.14 -10.76
CA PRO A 82 9.64 -16.29 -10.82
C PRO A 82 8.35 -15.96 -11.56
N SER A 83 7.53 -16.99 -11.79
CA SER A 83 6.28 -16.83 -12.49
C SER A 83 5.10 -17.15 -11.57
N SER A 84 5.04 -18.40 -11.12
CA SER A 84 3.97 -18.85 -10.24
C SER A 84 4.47 -19.06 -8.82
N GLY A 85 3.61 -18.79 -7.84
CA GLY A 85 4.00 -18.97 -6.45
C GLY A 85 3.19 -20.03 -5.75
N GLY A 1 -5.84 -17.38 19.79
CA GLY A 1 -4.59 -16.83 20.28
C GLY A 1 -4.16 -15.59 19.53
N SER A 2 -2.88 -15.24 19.64
CA SER A 2 -2.35 -14.06 18.96
C SER A 2 -0.83 -14.01 19.07
N SER A 3 -0.18 -13.50 18.03
CA SER A 3 1.27 -13.40 18.00
C SER A 3 1.73 -12.03 18.51
N GLY A 4 1.30 -11.69 19.72
CA GLY A 4 1.68 -10.41 20.30
C GLY A 4 0.91 -10.10 21.57
N SER A 5 1.50 -9.28 22.44
CA SER A 5 0.86 -8.91 23.69
C SER A 5 -0.61 -8.57 23.47
N SER A 6 -1.49 -9.27 24.20
CA SER A 6 -2.92 -9.05 24.08
C SER A 6 -3.34 -7.76 24.80
N GLY A 7 -3.81 -6.79 24.03
CA GLY A 7 -4.23 -5.53 24.61
C GLY A 7 -5.53 -5.02 24.02
N ASP A 8 -5.90 -3.80 24.36
CA ASP A 8 -7.14 -3.20 23.87
C ASP A 8 -6.88 -1.80 23.32
N ARG A 9 -6.22 -0.97 24.12
CA ARG A 9 -5.92 0.40 23.73
C ARG A 9 -5.49 0.45 22.27
N GLU A 10 -4.60 -0.46 21.88
CA GLU A 10 -4.10 -0.52 20.52
C GLU A 10 -5.22 -0.18 19.52
N ARG A 11 -6.39 -0.74 19.75
CA ARG A 11 -7.54 -0.52 18.87
C ARG A 11 -7.57 0.93 18.38
N GLU A 12 -7.37 1.88 19.30
CA GLU A 12 -7.37 3.29 18.96
C GLU A 12 -6.65 3.52 17.63
N GLN A 13 -5.40 3.06 17.56
CA GLN A 13 -4.60 3.22 16.35
C GLN A 13 -4.62 1.96 15.50
N HIS A 14 -5.80 1.35 15.39
CA HIS A 14 -5.94 0.13 14.61
C HIS A 14 -6.82 0.37 13.38
N LYS A 15 -8.02 0.89 13.60
CA LYS A 15 -8.95 1.18 12.51
C LYS A 15 -8.20 1.69 11.28
N ARG A 16 -7.30 2.64 11.50
CA ARG A 16 -6.51 3.21 10.40
C ARG A 16 -5.46 2.22 9.91
N GLU A 17 -4.71 1.65 10.84
CA GLU A 17 -3.66 0.70 10.51
C GLU A 17 -4.14 -0.26 9.41
N GLU A 18 -5.30 -0.88 9.64
CA GLU A 18 -5.86 -1.82 8.67
C GLU A 18 -5.85 -1.22 7.27
N ALA A 19 -6.23 0.05 7.16
CA ALA A 19 -6.27 0.73 5.88
C ALA A 19 -4.88 0.83 5.27
N ILE A 20 -3.89 1.16 6.09
CA ILE A 20 -2.51 1.27 5.63
C ILE A 20 -2.05 -0.01 4.96
N GLN A 21 -2.06 -1.10 5.71
CA GLN A 21 -1.64 -2.40 5.18
C GLN A 21 -2.47 -2.79 3.96
N ASN A 22 -3.80 -2.74 4.11
CA ASN A 22 -4.69 -3.08 3.02
C ASN A 22 -4.36 -2.29 1.76
N PHE A 23 -4.11 -0.99 1.94
CA PHE A 23 -3.77 -0.12 0.82
C PHE A 23 -2.57 -0.66 0.04
N LYS A 24 -1.47 -0.88 0.77
CA LYS A 24 -0.25 -1.39 0.15
C LYS A 24 -0.55 -2.61 -0.71
N ALA A 25 -1.17 -3.61 -0.12
CA ALA A 25 -1.53 -4.84 -0.84
C ALA A 25 -2.29 -4.52 -2.13
N LEU A 26 -3.25 -3.60 -2.02
CA LEU A 26 -4.05 -3.21 -3.18
C LEU A 26 -3.17 -2.61 -4.27
N LEU A 27 -2.21 -1.80 -3.87
CA LEU A 27 -1.30 -1.17 -4.82
C LEU A 27 -0.52 -2.22 -5.61
N SER A 28 -0.07 -3.25 -4.91
CA SER A 28 0.70 -4.32 -5.55
C SER A 28 -0.24 -5.28 -6.30
N ASP A 29 -1.48 -5.34 -5.87
CA ASP A 29 -2.47 -6.22 -6.50
C ASP A 29 -2.85 -5.69 -7.88
N MET A 30 -2.97 -4.37 -8.00
CA MET A 30 -3.33 -3.75 -9.26
C MET A 30 -2.09 -3.23 -9.99
N VAL A 31 -1.31 -2.41 -9.30
CA VAL A 31 -0.10 -1.84 -9.88
C VAL A 31 1.10 -2.74 -9.61
N ARG A 32 1.07 -3.95 -10.17
CA ARG A 32 2.16 -4.90 -9.99
C ARG A 32 3.41 -4.43 -10.72
N SER A 33 3.29 -3.35 -11.48
CA SER A 33 4.41 -2.80 -12.23
C SER A 33 4.99 -1.58 -11.52
N SER A 34 6.09 -1.06 -12.07
CA SER A 34 6.74 0.11 -11.49
C SER A 34 6.81 1.25 -12.50
N ASP A 35 6.67 0.92 -13.77
CA ASP A 35 6.71 1.92 -14.83
C ASP A 35 5.32 2.49 -15.09
N VAL A 36 4.62 2.84 -14.01
CA VAL A 36 3.28 3.41 -14.12
C VAL A 36 3.26 4.87 -13.67
N SER A 37 2.06 5.45 -13.66
CA SER A 37 1.91 6.84 -13.26
C SER A 37 0.96 6.96 -12.07
N TRP A 38 1.10 8.06 -11.31
CA TRP A 38 0.26 8.28 -10.15
C TRP A 38 -1.20 8.42 -10.54
N SER A 39 -1.46 9.18 -11.61
CA SER A 39 -2.82 9.38 -12.09
C SER A 39 -3.44 8.07 -12.56
N ASP A 40 -2.74 7.39 -13.46
CA ASP A 40 -3.21 6.12 -13.99
C ASP A 40 -3.62 5.18 -12.87
N THR A 41 -2.77 5.06 -11.86
CA THR A 41 -3.05 4.18 -10.73
C THR A 41 -4.26 4.67 -9.94
N ARG A 42 -4.15 5.86 -9.39
CA ARG A 42 -5.24 6.45 -8.61
C ARG A 42 -6.60 6.04 -9.19
N ARG A 43 -6.83 6.42 -10.45
CA ARG A 43 -8.09 6.10 -11.11
C ARG A 43 -8.32 4.60 -11.16
N THR A 44 -7.26 3.85 -11.46
CA THR A 44 -7.34 2.40 -11.52
C THR A 44 -7.90 1.81 -10.24
N LEU A 45 -7.71 2.53 -9.13
CA LEU A 45 -8.20 2.09 -7.83
C LEU A 45 -9.57 2.69 -7.53
N ARG A 46 -9.79 3.91 -8.00
CA ARG A 46 -11.06 4.59 -7.78
C ARG A 46 -12.23 3.69 -8.13
N LYS A 47 -12.10 2.95 -9.22
CA LYS A 47 -13.15 2.04 -9.67
C LYS A 47 -13.23 0.82 -8.76
N ASP A 48 -12.10 0.44 -8.18
CA ASP A 48 -12.04 -0.72 -7.29
C ASP A 48 -12.96 -0.52 -6.09
N HIS A 49 -13.14 -1.58 -5.31
CA HIS A 49 -14.00 -1.53 -4.13
C HIS A 49 -13.20 -1.21 -2.88
N ARG A 50 -12.08 -1.90 -2.70
CA ARG A 50 -11.22 -1.69 -1.55
C ARG A 50 -10.84 -0.22 -1.41
N TRP A 51 -10.70 0.45 -2.55
CA TRP A 51 -10.34 1.86 -2.56
C TRP A 51 -11.06 2.62 -1.45
N GLU A 52 -12.32 2.25 -1.20
CA GLU A 52 -13.10 2.89 -0.16
C GLU A 52 -12.31 3.03 1.13
N SER A 53 -11.80 1.91 1.63
CA SER A 53 -11.01 1.91 2.86
C SER A 53 -9.84 2.88 2.76
N GLY A 54 -9.22 2.94 1.59
CA GLY A 54 -8.09 3.84 1.38
C GLY A 54 -8.43 5.28 1.69
N SER A 55 -9.73 5.57 1.81
CA SER A 55 -10.19 6.91 2.11
C SER A 55 -9.46 7.48 3.32
N LEU A 56 -9.46 6.73 4.42
CA LEU A 56 -8.80 7.15 5.64
C LEU A 56 -7.44 7.78 5.34
N LEU A 57 -6.74 7.21 4.37
CA LEU A 57 -5.42 7.71 3.99
C LEU A 57 -5.55 8.98 3.14
N GLU A 58 -5.06 10.09 3.69
CA GLU A 58 -5.12 11.37 2.99
C GLU A 58 -4.27 11.33 1.71
N ARG A 59 -4.62 12.17 0.74
CA ARG A 59 -3.90 12.23 -0.51
C ARG A 59 -2.41 12.05 -0.30
N GLU A 60 -1.87 12.75 0.70
CA GLU A 60 -0.44 12.67 1.01
C GLU A 60 -0.03 11.22 1.23
N GLU A 61 -0.83 10.47 1.97
CA GLU A 61 -0.54 9.06 2.24
C GLU A 61 -0.67 8.22 0.98
N LYS A 62 -1.65 8.57 0.14
CA LYS A 62 -1.88 7.85 -1.10
C LYS A 62 -0.70 8.02 -2.06
N GLU A 63 -0.29 9.26 -2.25
CA GLU A 63 0.82 9.56 -3.16
C GLU A 63 2.11 8.94 -2.65
N LYS A 64 2.49 9.27 -1.42
CA LYS A 64 3.71 8.74 -0.82
C LYS A 64 3.72 7.22 -0.88
N LEU A 65 2.73 6.60 -0.22
CA LEU A 65 2.62 5.14 -0.20
C LEU A 65 2.89 4.56 -1.59
N PHE A 66 2.23 5.12 -2.59
CA PHE A 66 2.38 4.65 -3.96
C PHE A 66 3.85 4.62 -4.36
N ASN A 67 4.52 5.77 -4.23
CA ASN A 67 5.93 5.88 -4.57
C ASN A 67 6.74 4.80 -3.88
N GLU A 68 6.52 4.63 -2.59
CA GLU A 68 7.24 3.63 -1.80
C GLU A 68 7.18 2.27 -2.48
N HIS A 69 5.98 1.86 -2.90
CA HIS A 69 5.78 0.59 -3.57
C HIS A 69 6.63 0.50 -4.83
N ILE A 70 6.35 1.37 -5.79
CA ILE A 70 7.08 1.39 -7.04
C ILE A 70 8.56 1.09 -6.82
N GLU A 71 9.15 1.76 -5.84
CA GLU A 71 10.56 1.57 -5.53
C GLU A 71 10.83 0.15 -5.06
N ALA A 72 10.00 -0.34 -4.14
CA ALA A 72 10.15 -1.69 -3.61
C ALA A 72 10.17 -2.72 -4.74
N LEU A 73 9.33 -2.51 -5.74
CA LEU A 73 9.26 -3.41 -6.89
C LEU A 73 10.61 -3.55 -7.57
N THR A 74 11.18 -2.42 -7.95
CA THR A 74 12.49 -2.41 -8.61
C THR A 74 13.58 -2.90 -7.68
N LYS A 75 13.78 -2.17 -6.58
CA LYS A 75 14.79 -2.53 -5.60
C LYS A 75 14.86 -4.05 -5.41
N LYS A 76 13.69 -4.67 -5.30
CA LYS A 76 13.62 -6.12 -5.13
C LYS A 76 14.01 -6.85 -6.40
N LYS A 77 13.29 -6.54 -7.48
CA LYS A 77 13.56 -7.17 -8.78
C LYS A 77 15.07 -7.31 -9.00
N ARG A 78 15.45 -8.35 -9.76
CA ARG A 78 16.85 -8.61 -10.04
C ARG A 78 17.61 -7.30 -10.27
N GLU A 79 18.56 -7.01 -9.38
CA GLU A 79 19.35 -5.79 -9.49
C GLU A 79 20.82 -6.07 -9.15
N SER A 80 21.70 -5.16 -9.59
CA SER A 80 23.12 -5.31 -9.34
C SER A 80 23.42 -5.24 -7.84
N GLY A 81 23.32 -6.38 -7.16
CA GLY A 81 23.58 -6.42 -5.74
C GLY A 81 22.49 -7.16 -4.98
N PRO A 82 22.55 -8.50 -5.00
CA PRO A 82 21.56 -9.35 -4.31
C PRO A 82 21.70 -9.28 -2.80
N SER A 83 20.65 -9.68 -2.10
CA SER A 83 20.65 -9.65 -0.64
C SER A 83 20.79 -11.07 -0.08
N SER A 84 19.79 -11.90 -0.33
CA SER A 84 19.80 -13.28 0.14
C SER A 84 19.03 -14.19 -0.81
N GLY A 85 19.08 -15.49 -0.53
CA GLY A 85 18.39 -16.45 -1.37
C GLY A 85 17.57 -17.44 -0.57
N GLY A 1 11.60 1.42 24.66
CA GLY A 1 10.22 1.21 25.06
C GLY A 1 9.86 -0.26 25.18
N SER A 2 8.63 -0.54 25.55
CA SER A 2 8.16 -1.92 25.71
C SER A 2 6.76 -2.09 25.14
N SER A 3 6.55 -3.19 24.43
CA SER A 3 5.25 -3.47 23.82
C SER A 3 4.20 -3.75 24.90
N GLY A 4 3.01 -3.19 24.72
CA GLY A 4 1.95 -3.39 25.68
C GLY A 4 1.28 -4.75 25.54
N SER A 5 0.67 -5.23 26.61
CA SER A 5 -0.01 -6.52 26.59
C SER A 5 -1.07 -6.57 25.50
N SER A 6 -0.83 -7.39 24.48
CA SER A 6 -1.76 -7.54 23.37
C SER A 6 -3.19 -7.49 23.86
N GLY A 7 -4.06 -6.89 23.06
CA GLY A 7 -5.46 -6.79 23.42
C GLY A 7 -6.13 -5.55 22.84
N ASP A 8 -7.02 -4.94 23.62
CA ASP A 8 -7.74 -3.74 23.17
C ASP A 8 -6.76 -2.62 22.86
N ARG A 9 -5.79 -2.43 23.74
CA ARG A 9 -4.79 -1.38 23.56
C ARG A 9 -4.26 -1.38 22.12
N GLU A 10 -3.91 -2.55 21.62
CA GLU A 10 -3.39 -2.67 20.26
C GLU A 10 -4.47 -2.35 19.23
N ARG A 11 -5.73 -2.49 19.65
CA ARG A 11 -6.86 -2.21 18.77
C ARG A 11 -7.41 -0.81 19.02
N GLU A 12 -6.51 0.15 19.24
CA GLU A 12 -6.91 1.52 19.48
C GLU A 12 -7.14 2.27 18.17
N GLN A 13 -6.17 2.18 17.28
CA GLN A 13 -6.26 2.85 15.98
C GLN A 13 -6.23 1.84 14.84
N HIS A 14 -6.87 0.70 15.05
CA HIS A 14 -6.91 -0.35 14.04
C HIS A 14 -7.75 0.08 12.84
N LYS A 15 -8.87 0.74 13.11
CA LYS A 15 -9.76 1.21 12.06
C LYS A 15 -8.97 1.77 10.89
N ARG A 16 -7.89 2.48 11.19
CA ARG A 16 -7.04 3.06 10.16
C ARG A 16 -5.98 2.06 9.69
N GLU A 17 -5.28 1.46 10.64
CA GLU A 17 -4.25 0.49 10.32
C GLU A 17 -4.67 -0.41 9.16
N GLU A 18 -5.78 -1.12 9.35
CA GLU A 18 -6.28 -2.02 8.32
C GLU A 18 -6.18 -1.37 6.93
N ALA A 19 -6.69 -0.15 6.81
CA ALA A 19 -6.65 0.58 5.55
C ALA A 19 -5.23 0.66 5.02
N ILE A 20 -4.31 1.10 5.86
CA ILE A 20 -2.91 1.24 5.47
C ILE A 20 -2.38 -0.06 4.87
N GLN A 21 -2.30 -1.10 5.71
CA GLN A 21 -1.82 -2.41 5.26
C GLN A 21 -2.54 -2.84 3.99
N ASN A 22 -3.87 -2.85 4.04
CA ASN A 22 -4.67 -3.26 2.89
C ASN A 22 -4.31 -2.43 1.66
N PHE A 23 -4.04 -1.16 1.87
CA PHE A 23 -3.68 -0.26 0.78
C PHE A 23 -2.44 -0.76 0.04
N LYS A 24 -1.41 -1.10 0.80
CA LYS A 24 -0.16 -1.60 0.21
C LYS A 24 -0.42 -2.88 -0.57
N ALA A 25 -1.14 -3.82 0.04
CA ALA A 25 -1.45 -5.09 -0.62
C ALA A 25 -2.22 -4.87 -1.92
N LEU A 26 -3.14 -3.91 -1.90
CA LEU A 26 -3.94 -3.60 -3.09
C LEU A 26 -3.05 -3.06 -4.21
N LEU A 27 -2.03 -2.30 -3.83
CA LEU A 27 -1.11 -1.72 -4.81
C LEU A 27 -0.33 -2.82 -5.53
N SER A 28 0.23 -3.74 -4.76
CA SER A 28 1.01 -4.84 -5.33
C SER A 28 0.15 -5.69 -6.25
N ASP A 29 -1.04 -6.06 -5.79
CA ASP A 29 -1.95 -6.87 -6.58
C ASP A 29 -2.38 -6.14 -7.85
N MET A 30 -3.11 -5.04 -7.67
CA MET A 30 -3.57 -4.25 -8.80
C MET A 30 -2.40 -3.64 -9.56
N VAL A 31 -1.55 -2.90 -8.86
CA VAL A 31 -0.38 -2.27 -9.47
C VAL A 31 0.89 -3.04 -9.15
N ARG A 32 1.01 -4.23 -9.73
CA ARG A 32 2.18 -5.06 -9.52
C ARG A 32 3.38 -4.54 -10.30
N SER A 33 3.10 -3.82 -11.38
CA SER A 33 4.17 -3.26 -12.21
C SER A 33 4.67 -1.93 -11.65
N SER A 34 5.84 -1.51 -12.09
CA SER A 34 6.43 -0.26 -11.63
C SER A 34 6.64 0.71 -12.79
N ASP A 35 5.94 0.48 -13.88
CA ASP A 35 6.05 1.33 -15.06
C ASP A 35 4.78 2.15 -15.26
N VAL A 36 4.14 2.52 -14.16
CA VAL A 36 2.92 3.32 -14.21
C VAL A 36 3.12 4.68 -13.55
N SER A 37 2.11 5.53 -13.67
CA SER A 37 2.16 6.87 -13.08
C SER A 37 1.18 6.99 -11.92
N TRP A 38 1.44 7.97 -11.05
CA TRP A 38 0.58 8.19 -9.90
C TRP A 38 -0.88 8.36 -10.33
N SER A 39 -1.13 9.32 -11.22
CA SER A 39 -2.48 9.59 -11.71
C SER A 39 -3.16 8.29 -12.13
N ASP A 40 -2.66 7.69 -13.20
CA ASP A 40 -3.22 6.45 -13.72
C ASP A 40 -3.64 5.52 -12.57
N THR A 41 -2.71 5.30 -11.64
CA THR A 41 -2.98 4.43 -10.49
C THR A 41 -4.16 4.95 -9.69
N ARG A 42 -4.17 6.25 -9.42
CA ARG A 42 -5.25 6.86 -8.66
C ARG A 42 -6.61 6.53 -9.26
N ARG A 43 -6.72 6.65 -10.58
CA ARG A 43 -7.97 6.36 -11.27
C ARG A 43 -8.21 4.85 -11.32
N THR A 44 -7.15 4.07 -11.24
CA THR A 44 -7.25 2.62 -11.27
C THR A 44 -7.79 2.08 -9.96
N LEU A 45 -7.29 2.63 -8.85
CA LEU A 45 -7.72 2.19 -7.52
C LEU A 45 -9.07 2.82 -7.16
N ARG A 46 -9.25 4.08 -7.55
CA ARG A 46 -10.49 4.78 -7.26
C ARG A 46 -11.70 3.95 -7.64
N LYS A 47 -11.66 3.39 -8.85
CA LYS A 47 -12.77 2.56 -9.34
C LYS A 47 -12.90 1.29 -8.51
N ASP A 48 -11.79 0.81 -7.97
CA ASP A 48 -11.79 -0.39 -7.15
C ASP A 48 -12.72 -0.24 -5.96
N HIS A 49 -13.14 -1.37 -5.39
CA HIS A 49 -14.04 -1.35 -4.24
C HIS A 49 -13.27 -1.07 -2.95
N ARG A 50 -12.29 -1.92 -2.65
CA ARG A 50 -11.48 -1.76 -1.45
C ARG A 50 -11.11 -0.29 -1.24
N TRP A 51 -10.74 0.38 -2.32
CA TRP A 51 -10.36 1.79 -2.25
C TRP A 51 -11.17 2.52 -1.20
N GLU A 52 -12.48 2.24 -1.16
CA GLU A 52 -13.36 2.87 -0.21
C GLU A 52 -12.67 3.06 1.15
N SER A 53 -12.21 1.95 1.72
CA SER A 53 -11.53 1.99 3.01
C SER A 53 -10.29 2.87 2.94
N GLY A 54 -9.51 2.72 1.87
CA GLY A 54 -8.31 3.52 1.71
C GLY A 54 -8.57 5.00 1.86
N SER A 55 -9.84 5.39 1.79
CA SER A 55 -10.22 6.79 1.90
C SER A 55 -9.62 7.41 3.17
N LEU A 56 -9.62 6.64 4.26
CA LEU A 56 -9.08 7.11 5.53
C LEU A 56 -7.81 7.92 5.31
N LEU A 57 -6.95 7.43 4.42
CA LEU A 57 -5.69 8.11 4.12
C LEU A 57 -5.94 9.43 3.39
N GLU A 58 -4.87 10.19 3.16
CA GLU A 58 -4.97 11.47 2.48
C GLU A 58 -4.13 11.48 1.21
N ARG A 59 -4.60 12.22 0.20
CA ARG A 59 -3.88 12.32 -1.07
C ARG A 59 -2.37 12.28 -0.84
N GLU A 60 -1.90 13.03 0.14
CA GLU A 60 -0.48 13.08 0.45
C GLU A 60 0.04 11.71 0.87
N GLU A 61 -0.52 11.17 1.94
CA GLU A 61 -0.11 9.86 2.44
C GLU A 61 -0.15 8.82 1.32
N LYS A 62 -1.25 8.81 0.56
CA LYS A 62 -1.41 7.87 -0.54
C LYS A 62 -0.25 7.98 -1.52
N GLU A 63 -0.10 9.16 -2.13
CA GLU A 63 0.97 9.39 -3.10
C GLU A 63 2.27 8.78 -2.61
N LYS A 64 2.62 9.05 -1.35
CA LYS A 64 3.84 8.54 -0.76
C LYS A 64 3.87 7.01 -0.80
N LEU A 65 2.79 6.40 -0.34
CA LEU A 65 2.69 4.94 -0.32
C LEU A 65 3.00 4.36 -1.70
N PHE A 66 2.20 4.75 -2.69
CA PHE A 66 2.39 4.27 -4.06
C PHE A 66 3.84 4.42 -4.49
N ASN A 67 4.33 5.66 -4.48
CA ASN A 67 5.71 5.93 -4.88
C ASN A 67 6.67 4.95 -4.21
N GLU A 68 6.48 4.71 -2.92
CA GLU A 68 7.33 3.79 -2.17
C GLU A 68 7.26 2.39 -2.78
N HIS A 69 6.06 1.87 -2.95
CA HIS A 69 5.86 0.54 -3.52
C HIS A 69 6.60 0.40 -4.85
N ILE A 70 6.31 1.32 -5.77
CA ILE A 70 6.95 1.30 -7.08
C ILE A 70 8.47 1.30 -6.95
N GLU A 71 9.00 2.29 -6.25
CA GLU A 71 10.44 2.41 -6.06
C GLU A 71 11.02 1.10 -5.51
N ALA A 72 10.29 0.47 -4.61
CA ALA A 72 10.73 -0.80 -4.02
C ALA A 72 10.86 -1.89 -5.08
N LEU A 73 9.79 -2.10 -5.84
CA LEU A 73 9.79 -3.11 -6.88
C LEU A 73 11.05 -3.02 -7.73
N THR A 74 11.20 -1.89 -8.44
CA THR A 74 12.36 -1.67 -9.29
C THR A 74 13.65 -2.07 -8.58
N LYS A 75 13.86 -1.50 -7.40
CA LYS A 75 15.06 -1.80 -6.62
C LYS A 75 15.24 -3.30 -6.44
N LYS A 76 14.17 -3.99 -6.08
CA LYS A 76 14.21 -5.43 -5.89
C LYS A 76 14.57 -6.14 -7.19
N LYS A 77 13.77 -5.91 -8.23
CA LYS A 77 14.00 -6.52 -9.52
C LYS A 77 15.48 -6.50 -9.88
N ARG A 78 15.91 -7.49 -10.67
CA ARG A 78 17.30 -7.59 -11.08
C ARG A 78 17.67 -6.44 -12.02
N GLU A 79 18.98 -6.30 -12.27
CA GLU A 79 19.46 -5.24 -13.16
C GLU A 79 19.51 -5.71 -14.60
N SER A 80 20.31 -6.74 -14.85
CA SER A 80 20.46 -7.29 -16.19
C SER A 80 20.13 -8.78 -16.20
N GLY A 81 19.21 -9.18 -17.09
CA GLY A 81 18.82 -10.57 -17.18
C GLY A 81 19.94 -11.44 -17.72
N PRO A 82 20.05 -11.51 -19.06
CA PRO A 82 21.08 -12.30 -19.74
C PRO A 82 22.47 -11.73 -19.54
N SER A 83 23.47 -12.37 -20.16
CA SER A 83 24.85 -11.92 -20.06
C SER A 83 25.66 -12.39 -21.27
N SER A 84 26.37 -11.46 -21.89
CA SER A 84 27.18 -11.77 -23.05
C SER A 84 28.54 -12.34 -22.63
N GLY A 85 28.78 -13.59 -23.01
CA GLY A 85 30.04 -14.24 -22.68
C GLY A 85 31.23 -13.34 -22.90
N GLY A 1 9.20 -14.46 6.95
CA GLY A 1 8.13 -14.16 7.88
C GLY A 1 6.89 -14.97 7.62
N SER A 2 5.80 -14.62 8.29
CA SER A 2 4.54 -15.34 8.15
C SER A 2 3.37 -14.37 8.02
N SER A 3 2.35 -14.78 7.27
CA SER A 3 1.17 -13.94 7.06
C SER A 3 -0.03 -14.49 7.83
N GLY A 4 -0.28 -13.92 9.01
CA GLY A 4 -1.40 -14.36 9.82
C GLY A 4 -1.93 -13.26 10.73
N SER A 5 -3.24 -13.06 10.71
CA SER A 5 -3.87 -12.03 11.54
C SER A 5 -4.64 -12.67 12.70
N SER A 6 -3.97 -12.78 13.84
CA SER A 6 -4.58 -13.37 15.02
C SER A 6 -4.91 -12.30 16.06
N GLY A 7 -5.88 -12.58 16.92
CA GLY A 7 -6.27 -11.64 17.95
C GLY A 7 -7.60 -10.98 17.66
N ASP A 8 -8.37 -10.72 18.71
CA ASP A 8 -9.67 -10.08 18.56
C ASP A 8 -9.70 -8.71 19.23
N ARG A 9 -9.08 -8.61 20.41
CA ARG A 9 -9.03 -7.36 21.14
C ARG A 9 -8.25 -6.31 20.37
N GLU A 10 -7.21 -6.75 19.66
CA GLU A 10 -6.37 -5.83 18.89
C GLU A 10 -7.10 -5.41 17.61
N ARG A 11 -8.09 -6.18 17.20
CA ARG A 11 -8.86 -5.89 16.00
C ARG A 11 -9.89 -4.80 16.27
N GLU A 12 -10.08 -4.47 17.55
CA GLU A 12 -11.03 -3.45 17.94
C GLU A 12 -10.44 -2.05 17.79
N GLN A 13 -9.11 -1.99 17.74
CA GLN A 13 -8.42 -0.71 17.60
C GLN A 13 -7.54 -0.71 16.34
N HIS A 14 -7.91 -1.52 15.36
CA HIS A 14 -7.16 -1.61 14.11
C HIS A 14 -7.98 -1.08 12.94
N LYS A 15 -8.72 -0.02 13.19
CA LYS A 15 -9.55 0.59 12.15
C LYS A 15 -8.69 1.13 11.03
N ARG A 16 -7.93 2.18 11.32
CA ARG A 16 -7.06 2.80 10.32
C ARG A 16 -5.94 1.84 9.91
N GLU A 17 -5.21 1.34 10.91
CA GLU A 17 -4.10 0.42 10.64
C GLU A 17 -4.47 -0.57 9.55
N GLU A 18 -5.68 -1.11 9.62
CA GLU A 18 -6.15 -2.06 8.62
C GLU A 18 -6.13 -1.46 7.22
N ALA A 19 -6.63 -0.23 7.11
CA ALA A 19 -6.67 0.46 5.83
C ALA A 19 -5.27 0.64 5.26
N ILE A 20 -4.33 1.04 6.11
CA ILE A 20 -2.95 1.25 5.70
C ILE A 20 -2.38 -0.01 5.05
N GLN A 21 -2.30 -1.09 5.82
CA GLN A 21 -1.77 -2.35 5.31
C GLN A 21 -2.52 -2.79 4.06
N ASN A 22 -3.85 -2.70 4.11
CA ASN A 22 -4.69 -3.10 3.00
C ASN A 22 -4.35 -2.29 1.75
N PHE A 23 -4.16 -0.99 1.93
CA PHE A 23 -3.82 -0.11 0.82
C PHE A 23 -2.57 -0.59 0.10
N LYS A 24 -1.51 -0.84 0.87
CA LYS A 24 -0.25 -1.31 0.30
C LYS A 24 -0.46 -2.56 -0.55
N ALA A 25 -1.04 -3.59 0.06
CA ALA A 25 -1.30 -4.84 -0.63
C ALA A 25 -2.12 -4.60 -1.90
N LEU A 26 -3.14 -3.75 -1.79
CA LEU A 26 -3.99 -3.44 -2.93
C LEU A 26 -3.20 -2.77 -4.05
N LEU A 27 -2.23 -1.94 -3.66
CA LEU A 27 -1.40 -1.24 -4.63
C LEU A 27 -0.60 -2.23 -5.48
N SER A 28 0.04 -3.18 -4.82
CA SER A 28 0.84 -4.18 -5.50
C SER A 28 -0.03 -5.03 -6.42
N ASP A 29 -1.13 -5.54 -5.88
CA ASP A 29 -2.05 -6.37 -6.65
C ASP A 29 -2.57 -5.62 -7.87
N MET A 30 -3.00 -4.37 -7.66
CA MET A 30 -3.51 -3.55 -8.74
C MET A 30 -2.38 -2.96 -9.57
N VAL A 31 -1.19 -2.89 -8.97
CA VAL A 31 -0.02 -2.35 -9.66
C VAL A 31 1.15 -3.31 -9.59
N ARG A 32 1.28 -4.16 -10.60
CA ARG A 32 2.36 -5.14 -10.66
C ARG A 32 3.55 -4.59 -11.44
N SER A 33 3.40 -3.39 -11.97
CA SER A 33 4.46 -2.74 -12.75
C SER A 33 5.17 -1.69 -11.92
N SER A 34 6.18 -1.05 -12.53
CA SER A 34 6.95 -0.03 -11.83
C SER A 34 7.02 1.25 -12.68
N ASP A 35 6.98 1.08 -14.00
CA ASP A 35 7.05 2.22 -14.91
C ASP A 35 5.64 2.74 -15.22
N VAL A 36 4.81 2.86 -14.19
CA VAL A 36 3.45 3.34 -14.34
C VAL A 36 3.33 4.81 -13.94
N SER A 37 2.11 5.32 -13.95
CA SER A 37 1.86 6.72 -13.58
C SER A 37 0.95 6.80 -12.36
N TRP A 38 1.23 7.76 -11.49
CA TRP A 38 0.43 7.95 -10.28
C TRP A 38 -1.03 8.18 -10.62
N SER A 39 -1.27 8.95 -11.69
CA SER A 39 -2.63 9.25 -12.12
C SER A 39 -3.34 7.98 -12.60
N ASP A 40 -2.64 7.16 -13.36
CA ASP A 40 -3.20 5.92 -13.87
C ASP A 40 -3.72 5.05 -12.74
N THR A 41 -2.85 4.75 -11.78
CA THR A 41 -3.21 3.93 -10.64
C THR A 41 -4.25 4.62 -9.76
N ARG A 42 -3.97 5.88 -9.39
CA ARG A 42 -4.88 6.65 -8.56
C ARG A 42 -6.32 6.45 -9.00
N ARG A 43 -6.55 6.50 -10.31
CA ARG A 43 -7.89 6.33 -10.86
C ARG A 43 -8.30 4.86 -10.84
N THR A 44 -7.39 4.00 -11.26
CA THR A 44 -7.65 2.56 -11.30
C THR A 44 -8.22 2.07 -9.97
N LEU A 45 -7.57 2.46 -8.88
CA LEU A 45 -8.01 2.07 -7.54
C LEU A 45 -9.35 2.70 -7.20
N ARG A 46 -9.46 4.00 -7.42
CA ARG A 46 -10.69 4.73 -7.14
C ARG A 46 -11.91 3.94 -7.63
N LYS A 47 -11.71 3.14 -8.66
CA LYS A 47 -12.78 2.33 -9.22
C LYS A 47 -12.98 1.05 -8.41
N ASP A 48 -11.90 0.52 -7.88
CA ASP A 48 -11.95 -0.70 -7.08
C ASP A 48 -12.91 -0.54 -5.91
N HIS A 49 -13.14 -1.62 -5.17
CA HIS A 49 -14.03 -1.60 -4.02
C HIS A 49 -13.26 -1.28 -2.75
N ARG A 50 -12.13 -1.96 -2.55
CA ARG A 50 -11.31 -1.73 -1.36
C ARG A 50 -10.93 -0.26 -1.23
N TRP A 51 -10.72 0.39 -2.36
CA TRP A 51 -10.34 1.81 -2.36
C TRP A 51 -11.19 2.60 -1.37
N GLU A 52 -12.45 2.20 -1.23
CA GLU A 52 -13.37 2.86 -0.32
C GLU A 52 -12.71 3.07 1.05
N SER A 53 -12.25 1.97 1.64
CA SER A 53 -11.61 2.03 2.95
C SER A 53 -10.37 2.92 2.92
N GLY A 54 -9.74 2.99 1.76
CA GLY A 54 -8.55 3.81 1.62
C GLY A 54 -8.83 5.28 1.88
N SER A 55 -10.10 5.64 1.95
CA SER A 55 -10.49 7.02 2.20
C SER A 55 -9.78 7.57 3.43
N LEU A 56 -9.72 6.77 4.48
CA LEU A 56 -9.06 7.17 5.72
C LEU A 56 -7.78 7.95 5.43
N LEU A 57 -6.99 7.44 4.49
CA LEU A 57 -5.74 8.09 4.11
C LEU A 57 -6.01 9.35 3.29
N GLU A 58 -5.00 10.23 3.22
CA GLU A 58 -5.12 11.46 2.46
C GLU A 58 -4.23 11.44 1.22
N ARG A 59 -4.59 12.24 0.23
CA ARG A 59 -3.82 12.30 -1.02
C ARG A 59 -2.33 12.20 -0.73
N GLU A 60 -1.87 12.90 0.30
CA GLU A 60 -0.46 12.89 0.67
C GLU A 60 0.01 11.47 0.98
N GLU A 61 -0.68 10.81 1.90
CA GLU A 61 -0.34 9.45 2.29
C GLU A 61 -0.40 8.51 1.08
N LYS A 62 -1.45 8.65 0.29
CA LYS A 62 -1.62 7.81 -0.90
C LYS A 62 -0.43 7.93 -1.83
N GLU A 63 -0.06 9.16 -2.17
CA GLU A 63 1.07 9.41 -3.05
C GLU A 63 2.35 8.84 -2.47
N LYS A 64 2.68 9.27 -1.25
CA LYS A 64 3.89 8.81 -0.57
C LYS A 64 4.04 7.30 -0.71
N LEU A 65 2.99 6.56 -0.35
CA LEU A 65 3.01 5.10 -0.45
C LEU A 65 3.29 4.65 -1.88
N PHE A 66 2.34 4.93 -2.77
CA PHE A 66 2.48 4.55 -4.17
C PHE A 66 3.93 4.68 -4.63
N ASN A 67 4.62 5.69 -4.12
CA ASN A 67 6.01 5.92 -4.46
C ASN A 67 6.91 4.82 -3.90
N GLU A 68 6.88 4.66 -2.58
CA GLU A 68 7.69 3.64 -1.92
C GLU A 68 7.47 2.27 -2.56
N HIS A 69 6.20 1.92 -2.77
CA HIS A 69 5.86 0.64 -3.37
C HIS A 69 6.55 0.46 -4.71
N ILE A 70 6.21 1.31 -5.67
CA ILE A 70 6.79 1.24 -7.01
C ILE A 70 8.30 1.01 -6.93
N GLU A 71 9.01 1.96 -6.33
CA GLU A 71 10.46 1.85 -6.19
C GLU A 71 10.85 0.52 -5.55
N ALA A 72 9.97 0.02 -4.68
CA ALA A 72 10.22 -1.24 -4.00
C ALA A 72 10.23 -2.41 -4.98
N LEU A 73 9.38 -2.33 -6.00
CA LEU A 73 9.29 -3.38 -7.01
C LEU A 73 10.61 -3.50 -7.78
N THR A 74 11.17 -2.36 -8.16
CA THR A 74 12.42 -2.34 -8.90
C THR A 74 13.55 -2.92 -8.09
N LYS A 75 13.83 -2.32 -6.94
CA LYS A 75 14.90 -2.79 -6.06
C LYS A 75 14.88 -4.31 -5.96
N LYS A 76 13.71 -4.87 -5.72
CA LYS A 76 13.56 -6.32 -5.61
C LYS A 76 14.08 -7.02 -6.85
N LYS A 77 13.67 -6.53 -8.02
CA LYS A 77 14.10 -7.11 -9.28
C LYS A 77 15.53 -7.63 -9.19
N ARG A 78 16.46 -6.75 -8.82
CA ARG A 78 17.86 -7.13 -8.70
C ARG A 78 18.08 -8.02 -7.48
N GLU A 79 17.69 -9.29 -7.61
CA GLU A 79 17.85 -10.24 -6.51
C GLU A 79 18.62 -11.47 -6.97
N SER A 80 19.61 -11.87 -6.19
CA SER A 80 20.43 -13.03 -6.51
C SER A 80 19.66 -14.32 -6.26
N GLY A 81 19.11 -14.46 -5.06
CA GLY A 81 18.34 -15.65 -4.71
C GLY A 81 17.00 -15.32 -4.09
N PRO A 82 16.00 -15.06 -4.95
CA PRO A 82 14.64 -14.72 -4.51
C PRO A 82 13.93 -15.91 -3.89
N SER A 83 13.05 -15.64 -2.94
CA SER A 83 12.29 -16.69 -2.27
C SER A 83 10.86 -16.76 -2.78
N SER A 84 10.43 -15.69 -3.45
CA SER A 84 9.08 -15.62 -4.00
C SER A 84 8.97 -16.46 -5.28
N GLY A 85 8.03 -17.40 -5.27
CA GLY A 85 7.84 -18.26 -6.43
C GLY A 85 6.39 -18.60 -6.65
N GLY A 1 3.67 6.35 13.35
CA GLY A 1 4.67 6.00 14.32
C GLY A 1 5.98 5.59 13.68
N SER A 2 7.05 6.32 13.99
CA SER A 2 8.37 6.03 13.43
C SER A 2 8.81 4.61 13.80
N SER A 3 8.81 4.30 15.08
CA SER A 3 9.21 2.99 15.56
C SER A 3 8.00 2.07 15.72
N GLY A 4 6.97 2.57 16.38
CA GLY A 4 5.76 1.78 16.59
C GLY A 4 5.96 0.68 17.60
N SER A 5 4.87 0.05 18.01
CA SER A 5 4.93 -1.03 18.99
C SER A 5 3.68 -1.91 18.91
N SER A 6 3.83 -3.19 19.23
CA SER A 6 2.73 -4.13 19.18
C SER A 6 2.06 -4.24 20.55
N GLY A 7 0.98 -3.48 20.74
CA GLY A 7 0.27 -3.51 22.01
C GLY A 7 -1.21 -3.24 21.85
N ASP A 8 -2.00 -3.68 22.81
CA ASP A 8 -3.44 -3.49 22.77
C ASP A 8 -3.79 -2.05 22.39
N ARG A 9 -2.92 -1.12 22.75
CA ARG A 9 -3.13 0.29 22.45
C ARG A 9 -3.53 0.47 20.98
N GLU A 10 -2.94 -0.35 20.11
CA GLU A 10 -3.24 -0.27 18.69
C GLU A 10 -4.74 -0.34 18.43
N ARG A 11 -5.42 -1.19 19.19
CA ARG A 11 -6.88 -1.35 19.04
C ARG A 11 -7.54 0.00 18.78
N GLU A 12 -7.13 1.01 19.54
CA GLU A 12 -7.69 2.35 19.39
C GLU A 12 -7.61 2.82 17.94
N GLN A 13 -6.39 2.88 17.42
CA GLN A 13 -6.17 3.32 16.04
C GLN A 13 -6.02 2.12 15.11
N HIS A 14 -6.83 1.10 15.34
CA HIS A 14 -6.79 -0.11 14.52
C HIS A 14 -7.47 0.11 13.17
N LYS A 15 -8.70 0.63 13.22
CA LYS A 15 -9.46 0.89 12.01
C LYS A 15 -8.56 1.44 10.90
N ARG A 16 -7.74 2.43 11.25
CA ARG A 16 -6.84 3.03 10.29
C ARG A 16 -5.74 2.06 9.89
N GLU A 17 -5.04 1.51 10.87
CA GLU A 17 -3.96 0.56 10.62
C GLU A 17 -4.35 -0.41 9.50
N GLU A 18 -5.55 -0.98 9.60
CA GLU A 18 -6.03 -1.92 8.61
C GLU A 18 -5.97 -1.31 7.21
N ALA A 19 -6.48 -0.08 7.09
CA ALA A 19 -6.48 0.62 5.80
C ALA A 19 -5.07 0.73 5.24
N ILE A 20 -4.12 1.08 6.11
CA ILE A 20 -2.73 1.23 5.68
C ILE A 20 -2.21 -0.05 5.05
N GLN A 21 -2.10 -1.10 5.85
CA GLN A 21 -1.60 -2.39 5.37
C GLN A 21 -2.36 -2.82 4.11
N ASN A 22 -3.69 -2.79 4.19
CA ASN A 22 -4.53 -3.17 3.06
C ASN A 22 -4.19 -2.35 1.83
N PHE A 23 -3.90 -1.07 2.03
CA PHE A 23 -3.57 -0.17 0.94
C PHE A 23 -2.32 -0.65 0.20
N LYS A 24 -1.29 -1.01 0.95
CA LYS A 24 -0.04 -1.50 0.37
C LYS A 24 -0.29 -2.73 -0.49
N ALA A 25 -1.00 -3.71 0.07
CA ALA A 25 -1.30 -4.94 -0.65
C ALA A 25 -2.10 -4.65 -1.92
N LEU A 26 -3.10 -3.78 -1.80
CA LEU A 26 -3.93 -3.42 -2.94
C LEU A 26 -3.11 -2.76 -4.03
N LEU A 27 -2.19 -1.89 -3.64
CA LEU A 27 -1.33 -1.19 -4.59
C LEU A 27 -0.52 -2.18 -5.42
N SER A 28 0.09 -3.14 -4.75
CA SER A 28 0.90 -4.16 -5.41
C SER A 28 0.04 -4.99 -6.36
N ASP A 29 -1.13 -5.41 -5.89
CA ASP A 29 -2.04 -6.21 -6.69
C ASP A 29 -2.48 -5.45 -7.94
N MET A 30 -3.11 -4.31 -7.73
CA MET A 30 -3.58 -3.49 -8.84
C MET A 30 -2.41 -2.95 -9.66
N VAL A 31 -1.28 -2.73 -8.99
CA VAL A 31 -0.08 -2.23 -9.65
C VAL A 31 1.08 -3.21 -9.53
N ARG A 32 1.23 -4.07 -10.53
CA ARG A 32 2.29 -5.06 -10.54
C ARG A 32 3.51 -4.54 -11.29
N SER A 33 3.36 -3.39 -11.93
CA SER A 33 4.45 -2.78 -12.69
C SER A 33 5.16 -1.72 -11.87
N SER A 34 6.11 -1.03 -12.50
CA SER A 34 6.88 0.01 -11.82
C SER A 34 6.93 1.28 -12.67
N ASP A 35 6.96 1.09 -13.99
CA ASP A 35 7.01 2.23 -14.90
C ASP A 35 5.62 2.76 -15.18
N VAL A 36 4.82 2.90 -14.13
CA VAL A 36 3.46 3.41 -14.26
C VAL A 36 3.36 4.85 -13.78
N SER A 37 2.22 5.47 -14.04
CA SER A 37 2.01 6.86 -13.64
C SER A 37 1.01 6.94 -12.48
N TRP A 38 1.28 7.84 -11.55
CA TRP A 38 0.41 8.02 -10.38
C TRP A 38 -1.05 8.16 -10.82
N SER A 39 -1.30 9.03 -11.79
CA SER A 39 -2.65 9.25 -12.28
C SER A 39 -3.35 7.93 -12.57
N ASP A 40 -2.81 7.17 -13.52
CA ASP A 40 -3.39 5.88 -13.88
C ASP A 40 -3.74 5.07 -12.64
N THR A 41 -2.78 4.93 -11.73
CA THR A 41 -2.98 4.18 -10.50
C THR A 41 -4.15 4.75 -9.70
N ARG A 42 -3.99 5.98 -9.22
CA ARG A 42 -5.02 6.64 -8.44
C ARG A 42 -6.41 6.29 -8.96
N ARG A 43 -6.59 6.40 -10.28
CA ARG A 43 -7.86 6.10 -10.91
C ARG A 43 -8.17 4.60 -10.83
N THR A 44 -7.21 3.79 -11.28
CA THR A 44 -7.38 2.34 -11.27
C THR A 44 -7.97 1.87 -9.94
N LEU A 45 -7.57 2.52 -8.85
CA LEU A 45 -8.06 2.17 -7.52
C LEU A 45 -9.41 2.83 -7.25
N ARG A 46 -9.51 4.11 -7.58
CA ARG A 46 -10.75 4.86 -7.37
C ARG A 46 -11.97 3.97 -7.61
N LYS A 47 -12.00 3.35 -8.78
CA LYS A 47 -13.11 2.47 -9.15
C LYS A 47 -13.17 1.25 -8.22
N ASP A 48 -12.00 0.72 -7.88
CA ASP A 48 -11.93 -0.43 -6.99
C ASP A 48 -12.72 -0.21 -5.72
N HIS A 49 -13.41 -1.25 -5.26
CA HIS A 49 -14.21 -1.16 -4.04
C HIS A 49 -13.33 -0.90 -2.83
N ARG A 50 -12.33 -1.76 -2.63
CA ARG A 50 -11.43 -1.62 -1.50
C ARG A 50 -11.02 -0.16 -1.30
N TRP A 51 -10.57 0.48 -2.37
CA TRP A 51 -10.16 1.88 -2.31
C TRP A 51 -11.07 2.67 -1.38
N GLU A 52 -12.38 2.45 -1.50
CA GLU A 52 -13.35 3.15 -0.66
C GLU A 52 -12.85 3.26 0.78
N SER A 53 -12.59 2.11 1.40
CA SER A 53 -12.12 2.08 2.78
C SER A 53 -10.86 2.93 2.93
N GLY A 54 -10.00 2.92 1.92
CA GLY A 54 -8.78 3.70 1.97
C GLY A 54 -9.04 5.16 2.27
N SER A 55 -10.30 5.57 2.16
CA SER A 55 -10.67 6.96 2.41
C SER A 55 -9.90 7.52 3.61
N LEU A 56 -9.83 6.74 4.67
CA LEU A 56 -9.12 7.16 5.88
C LEU A 56 -7.82 7.88 5.53
N LEU A 57 -7.08 7.33 4.57
CA LEU A 57 -5.82 7.92 4.14
C LEU A 57 -6.06 9.24 3.39
N GLU A 58 -4.99 9.93 3.06
CA GLU A 58 -5.08 11.20 2.35
C GLU A 58 -4.22 11.17 1.09
N ARG A 59 -4.45 12.14 0.20
CA ARG A 59 -3.70 12.23 -1.05
C ARG A 59 -2.20 12.14 -0.79
N GLU A 60 -1.79 12.52 0.42
CA GLU A 60 -0.39 12.48 0.80
C GLU A 60 0.06 11.04 1.07
N GLU A 61 -0.74 10.32 1.86
CA GLU A 61 -0.41 8.93 2.20
C GLU A 61 -0.57 8.03 0.98
N LYS A 62 -1.53 8.34 0.13
CA LYS A 62 -1.79 7.56 -1.07
C LYS A 62 -0.66 7.75 -2.09
N GLU A 63 -0.25 9.00 -2.28
CA GLU A 63 0.82 9.32 -3.22
C GLU A 63 2.16 8.78 -2.73
N LYS A 64 2.50 9.09 -1.49
CA LYS A 64 3.75 8.64 -0.90
C LYS A 64 3.84 7.11 -0.90
N LEU A 65 2.86 6.47 -0.30
CA LEU A 65 2.82 5.01 -0.23
C LEU A 65 3.00 4.40 -1.62
N PHE A 66 2.24 4.90 -2.58
CA PHE A 66 2.32 4.41 -3.96
C PHE A 66 3.75 4.45 -4.47
N ASN A 67 4.34 5.65 -4.50
CA ASN A 67 5.70 5.82 -4.97
C ASN A 67 6.64 4.81 -4.30
N GLU A 68 6.49 4.65 -2.99
CA GLU A 68 7.32 3.73 -2.24
C GLU A 68 7.22 2.32 -2.82
N HIS A 69 6.00 1.87 -3.07
CA HIS A 69 5.77 0.55 -3.63
C HIS A 69 6.53 0.37 -4.94
N ILE A 70 6.44 1.36 -5.81
CA ILE A 70 7.13 1.31 -7.10
C ILE A 70 8.64 1.18 -6.91
N GLU A 71 9.18 1.91 -5.95
CA GLU A 71 10.61 1.87 -5.67
C GLU A 71 11.03 0.47 -5.22
N ALA A 72 10.29 -0.09 -4.27
CA ALA A 72 10.58 -1.41 -3.74
C ALA A 72 10.59 -2.46 -4.86
N LEU A 73 9.59 -2.39 -5.73
CA LEU A 73 9.48 -3.34 -6.84
C LEU A 73 10.78 -3.39 -7.63
N THR A 74 11.28 -2.23 -8.03
CA THR A 74 12.52 -2.16 -8.80
C THR A 74 13.71 -2.55 -7.94
N LYS A 75 13.95 -1.80 -6.88
CA LYS A 75 15.06 -2.08 -5.97
C LYS A 75 15.21 -3.58 -5.74
N LYS A 76 14.12 -4.24 -5.40
CA LYS A 76 14.13 -5.67 -5.15
C LYS A 76 14.48 -6.43 -6.42
N LYS A 77 13.67 -6.25 -7.46
CA LYS A 77 13.90 -6.93 -8.73
C LYS A 77 15.39 -6.93 -9.09
N ARG A 78 15.94 -5.73 -9.29
CA ARG A 78 17.35 -5.60 -9.63
C ARG A 78 18.24 -5.73 -8.40
N GLU A 79 18.04 -6.81 -7.65
CA GLU A 79 18.81 -7.05 -6.44
C GLU A 79 20.31 -7.01 -6.73
N SER A 80 21.10 -6.77 -5.69
CA SER A 80 22.55 -6.69 -5.84
C SER A 80 23.24 -7.41 -4.69
N GLY A 81 23.84 -8.56 -5.00
CA GLY A 81 24.54 -9.33 -3.98
C GLY A 81 24.29 -10.82 -4.10
N PRO A 82 25.16 -11.62 -3.47
CA PRO A 82 25.04 -13.08 -3.51
C PRO A 82 23.84 -13.59 -2.71
N SER A 83 23.34 -12.74 -1.82
CA SER A 83 22.19 -13.11 -1.00
C SER A 83 20.94 -13.32 -1.85
N SER A 84 20.37 -14.52 -1.77
CA SER A 84 19.18 -14.84 -2.55
C SER A 84 17.93 -14.71 -1.70
N GLY A 85 16.79 -14.50 -2.35
CA GLY A 85 15.53 -14.36 -1.64
C GLY A 85 14.33 -14.38 -2.57
N GLY A 1 -2.25 -10.00 24.30
CA GLY A 1 -2.04 -10.11 25.73
C GLY A 1 -3.35 -10.16 26.50
N SER A 2 -4.16 -9.12 26.35
CA SER A 2 -5.45 -9.05 27.04
C SER A 2 -6.60 -8.94 26.05
N SER A 3 -7.77 -9.39 26.47
CA SER A 3 -8.95 -9.35 25.61
C SER A 3 -10.16 -8.82 26.38
N GLY A 4 -10.49 -7.55 26.15
CA GLY A 4 -11.62 -6.95 26.82
C GLY A 4 -12.95 -7.40 26.25
N SER A 5 -13.99 -7.34 27.07
CA SER A 5 -15.33 -7.75 26.64
C SER A 5 -15.91 -6.75 25.65
N SER A 6 -15.87 -5.48 26.01
CA SER A 6 -16.40 -4.42 25.15
C SER A 6 -15.73 -3.09 25.46
N GLY A 7 -15.98 -2.10 24.60
CA GLY A 7 -15.39 -0.79 24.79
C GLY A 7 -13.97 -0.70 24.25
N ASP A 8 -13.82 0.03 23.15
CA ASP A 8 -12.50 0.18 22.53
C ASP A 8 -11.45 0.52 23.58
N ARG A 9 -10.57 -0.43 23.87
CA ARG A 9 -9.52 -0.24 24.85
C ARG A 9 -8.15 -0.60 24.26
N GLU A 10 -8.01 -1.85 23.83
CA GLU A 10 -6.76 -2.32 23.25
C GLU A 10 -6.68 -1.97 21.78
N ARG A 11 -7.83 -1.92 21.12
CA ARG A 11 -7.89 -1.61 19.70
C ARG A 11 -8.02 -0.11 19.48
N GLU A 12 -7.24 0.66 20.22
CA GLU A 12 -7.27 2.11 20.11
C GLU A 12 -7.05 2.56 18.67
N GLN A 13 -5.85 2.31 18.15
CA GLN A 13 -5.52 2.68 16.79
C GLN A 13 -5.41 1.45 15.89
N HIS A 14 -6.55 0.90 15.49
CA HIS A 14 -6.58 -0.27 14.64
C HIS A 14 -7.47 -0.04 13.42
N LYS A 15 -8.63 0.57 13.65
CA LYS A 15 -9.57 0.85 12.56
C LYS A 15 -8.84 1.38 11.33
N ARG A 16 -7.80 2.19 11.56
CA ARG A 16 -7.02 2.75 10.47
C ARG A 16 -5.95 1.77 10.00
N GLU A 17 -5.36 1.04 10.95
CA GLU A 17 -4.33 0.07 10.63
C GLU A 17 -4.75 -0.81 9.47
N GLU A 18 -6.00 -1.29 9.50
CA GLU A 18 -6.51 -2.15 8.45
C GLU A 18 -6.34 -1.50 7.08
N ALA A 19 -6.79 -0.27 6.96
CA ALA A 19 -6.68 0.47 5.71
C ALA A 19 -5.25 0.50 5.21
N ILE A 20 -4.33 0.86 6.09
CA ILE A 20 -2.91 0.93 5.74
C ILE A 20 -2.43 -0.37 5.12
N GLN A 21 -2.49 -1.45 5.89
CA GLN A 21 -2.06 -2.76 5.40
C GLN A 21 -2.79 -3.12 4.12
N ASN A 22 -4.12 -2.99 4.13
CA ASN A 22 -4.93 -3.30 2.96
C ASN A 22 -4.52 -2.45 1.77
N PHE A 23 -3.98 -1.26 2.05
CA PHE A 23 -3.55 -0.34 1.01
C PHE A 23 -2.33 -0.88 0.27
N LYS A 24 -1.22 -0.97 0.99
CA LYS A 24 0.03 -1.47 0.42
C LYS A 24 -0.22 -2.75 -0.38
N ALA A 25 -0.97 -3.68 0.21
CA ALA A 25 -1.28 -4.94 -0.45
C ALA A 25 -2.05 -4.71 -1.74
N LEU A 26 -3.02 -3.81 -1.69
CA LEU A 26 -3.83 -3.49 -2.86
C LEU A 26 -2.98 -2.91 -3.98
N LEU A 27 -2.05 -2.03 -3.62
CA LEU A 27 -1.16 -1.40 -4.58
C LEU A 27 -0.33 -2.44 -5.32
N SER A 28 0.17 -3.42 -4.58
CA SER A 28 0.97 -4.49 -5.16
C SER A 28 0.14 -5.37 -6.09
N ASP A 29 -1.13 -5.55 -5.73
CA ASP A 29 -2.04 -6.37 -6.53
C ASP A 29 -2.49 -5.62 -7.77
N MET A 30 -3.20 -4.50 -7.57
CA MET A 30 -3.68 -3.70 -8.68
C MET A 30 -2.53 -3.06 -9.44
N VAL A 31 -1.61 -2.45 -8.71
CA VAL A 31 -0.46 -1.79 -9.31
C VAL A 31 0.82 -2.59 -9.07
N ARG A 32 0.93 -3.73 -9.75
CA ARG A 32 2.11 -4.59 -9.60
C ARG A 32 3.24 -4.11 -10.48
N SER A 33 2.90 -3.42 -11.57
CA SER A 33 3.89 -2.90 -12.50
C SER A 33 4.72 -1.79 -11.85
N SER A 34 5.89 -1.52 -12.41
CA SER A 34 6.78 -0.49 -11.88
C SER A 34 6.89 0.68 -12.86
N ASP A 35 6.33 0.50 -14.05
CA ASP A 35 6.37 1.54 -15.08
C ASP A 35 5.01 2.22 -15.20
N VAL A 36 4.43 2.58 -14.07
CA VAL A 36 3.12 3.25 -14.05
C VAL A 36 3.20 4.58 -13.31
N SER A 37 2.39 5.53 -13.76
CA SER A 37 2.35 6.86 -13.14
C SER A 37 1.29 6.92 -12.06
N TRP A 38 1.43 7.89 -11.16
CA TRP A 38 0.48 8.06 -10.07
C TRP A 38 -0.93 8.27 -10.61
N SER A 39 -1.09 9.26 -11.48
CA SER A 39 -2.39 9.57 -12.07
C SER A 39 -3.13 8.28 -12.43
N ASP A 40 -2.45 7.38 -13.12
CA ASP A 40 -3.04 6.11 -13.53
C ASP A 40 -3.46 5.29 -12.31
N THR A 41 -2.49 4.95 -11.48
CA THR A 41 -2.77 4.16 -10.28
C THR A 41 -4.03 4.65 -9.57
N ARG A 42 -4.14 5.96 -9.41
CA ARG A 42 -5.30 6.56 -8.75
C ARG A 42 -6.58 6.21 -9.50
N ARG A 43 -6.63 6.55 -10.77
CA ARG A 43 -7.80 6.28 -11.60
C ARG A 43 -8.12 4.79 -11.61
N THR A 44 -7.16 3.98 -11.17
CA THR A 44 -7.33 2.54 -11.13
C THR A 44 -7.99 2.09 -9.82
N LEU A 45 -7.34 2.42 -8.71
CA LEU A 45 -7.86 2.06 -7.39
C LEU A 45 -9.19 2.76 -7.12
N ARG A 46 -9.32 3.99 -7.61
CA ARG A 46 -10.54 4.75 -7.43
C ARG A 46 -11.77 3.90 -7.72
N LYS A 47 -11.87 3.40 -8.94
CA LYS A 47 -13.00 2.57 -9.36
C LYS A 47 -13.08 1.31 -8.48
N ASP A 48 -11.94 0.84 -8.02
CA ASP A 48 -11.89 -0.35 -7.17
C ASP A 48 -12.69 -0.15 -5.89
N HIS A 49 -13.10 -1.24 -5.27
CA HIS A 49 -13.89 -1.19 -4.04
C HIS A 49 -13.00 -0.88 -2.85
N ARG A 50 -11.96 -1.70 -2.66
CA ARG A 50 -11.04 -1.51 -1.55
C ARG A 50 -10.76 -0.03 -1.31
N TRP A 51 -10.30 0.66 -2.34
CA TRP A 51 -10.00 2.09 -2.24
C TRP A 51 -10.98 2.78 -1.30
N GLU A 52 -12.27 2.49 -1.47
CA GLU A 52 -13.29 3.08 -0.64
C GLU A 52 -12.85 3.15 0.82
N SER A 53 -12.56 1.99 1.39
CA SER A 53 -12.11 1.91 2.79
C SER A 53 -10.86 2.75 3.01
N GLY A 54 -9.95 2.70 2.04
CA GLY A 54 -8.71 3.46 2.15
C GLY A 54 -8.95 4.93 2.38
N SER A 55 -10.18 5.37 2.16
CA SER A 55 -10.54 6.78 2.35
C SER A 55 -9.81 7.36 3.54
N LEU A 56 -9.68 6.57 4.60
CA LEU A 56 -8.99 7.03 5.80
C LEU A 56 -7.73 7.81 5.46
N LEU A 57 -6.91 7.24 4.59
CA LEU A 57 -5.67 7.88 4.17
C LEU A 57 -5.96 9.18 3.42
N GLU A 58 -4.91 9.96 3.17
CA GLU A 58 -5.04 11.22 2.46
C GLU A 58 -4.22 11.23 1.18
N ARG A 59 -4.67 12.00 0.19
CA ARG A 59 -3.98 12.08 -1.08
C ARG A 59 -2.47 12.11 -0.88
N GLU A 60 -2.02 12.84 0.12
CA GLU A 60 -0.60 12.94 0.41
C GLU A 60 -0.01 11.57 0.76
N GLU A 61 -0.60 10.92 1.73
CA GLU A 61 -0.14 9.59 2.15
C GLU A 61 -0.22 8.60 1.00
N LYS A 62 -1.35 8.60 0.30
CA LYS A 62 -1.55 7.70 -0.83
C LYS A 62 -0.47 7.92 -1.89
N GLU A 63 -0.27 9.17 -2.28
CA GLU A 63 0.72 9.51 -3.28
C GLU A 63 2.08 8.88 -2.95
N LYS A 64 2.61 9.24 -1.79
CA LYS A 64 3.90 8.72 -1.35
C LYS A 64 3.90 7.19 -1.38
N LEU A 65 3.02 6.59 -0.58
CA LEU A 65 2.92 5.14 -0.52
C LEU A 65 3.10 4.51 -1.89
N PHE A 66 2.38 5.06 -2.87
CA PHE A 66 2.45 4.55 -4.24
C PHE A 66 3.88 4.65 -4.78
N ASN A 67 4.47 5.84 -4.65
CA ASN A 67 5.84 6.07 -5.12
C ASN A 67 6.81 5.07 -4.50
N GLU A 68 6.73 4.92 -3.18
CA GLU A 68 7.61 3.99 -2.47
C GLU A 68 7.45 2.58 -3.01
N HIS A 69 6.20 2.16 -3.20
CA HIS A 69 5.92 0.83 -3.72
C HIS A 69 6.66 0.57 -5.03
N ILE A 70 6.44 1.44 -6.00
CA ILE A 70 7.09 1.32 -7.30
C ILE A 70 8.61 1.20 -7.15
N GLU A 71 9.24 2.30 -6.71
CA GLU A 71 10.68 2.32 -6.52
C GLU A 71 11.15 1.06 -5.80
N ALA A 72 10.34 0.56 -4.89
CA ALA A 72 10.67 -0.64 -4.14
C ALA A 72 10.67 -1.87 -5.03
N LEU A 73 9.59 -2.05 -5.78
CA LEU A 73 9.46 -3.18 -6.69
C LEU A 73 10.80 -3.49 -7.37
N THR A 74 11.29 -2.54 -8.17
CA THR A 74 12.55 -2.71 -8.87
C THR A 74 13.67 -3.08 -7.90
N LYS A 75 13.88 -2.24 -6.90
CA LYS A 75 14.92 -2.49 -5.91
C LYS A 75 15.03 -3.97 -5.58
N LYS A 76 13.88 -4.59 -5.29
CA LYS A 76 13.84 -6.01 -4.96
C LYS A 76 14.06 -6.86 -6.22
N LYS A 77 13.19 -6.68 -7.21
CA LYS A 77 13.28 -7.43 -8.46
C LYS A 77 14.74 -7.70 -8.82
N ARG A 78 14.98 -8.87 -9.41
CA ARG A 78 16.33 -9.25 -9.80
C ARG A 78 17.11 -8.04 -10.34
N GLU A 79 18.39 -7.97 -9.98
CA GLU A 79 19.24 -6.87 -10.41
C GLU A 79 20.61 -7.37 -10.83
N SER A 80 21.38 -6.51 -11.48
CA SER A 80 22.72 -6.87 -11.93
C SER A 80 23.40 -7.81 -10.94
N GLY A 81 23.28 -7.49 -9.66
CA GLY A 81 23.89 -8.33 -8.64
C GLY A 81 22.87 -8.84 -7.63
N PRO A 82 23.11 -10.06 -7.11
CA PRO A 82 22.22 -10.69 -6.14
C PRO A 82 22.25 -9.98 -4.78
N SER A 83 21.40 -10.43 -3.86
CA SER A 83 21.33 -9.84 -2.53
C SER A 83 20.47 -10.70 -1.60
N SER A 84 20.92 -10.86 -0.37
CA SER A 84 20.20 -11.65 0.62
C SER A 84 18.77 -11.14 0.78
N GLY A 85 17.95 -11.91 1.50
CA GLY A 85 16.57 -11.52 1.72
C GLY A 85 15.99 -12.15 2.96
N GLY A 1 13.96 -6.99 9.71
CA GLY A 1 13.23 -7.92 10.54
C GLY A 1 12.44 -8.93 9.74
N SER A 2 12.02 -10.00 10.40
CA SER A 2 11.24 -11.05 9.74
C SER A 2 9.85 -11.17 10.35
N SER A 3 8.83 -11.19 9.50
CA SER A 3 7.45 -11.30 9.97
C SER A 3 6.95 -12.74 9.86
N GLY A 4 5.80 -13.01 10.45
CA GLY A 4 5.23 -14.34 10.42
C GLY A 4 3.89 -14.42 11.13
N SER A 5 3.94 -14.46 12.46
CA SER A 5 2.72 -14.55 13.26
C SER A 5 2.39 -13.20 13.89
N SER A 6 1.20 -12.68 13.58
CA SER A 6 0.77 -11.39 14.11
C SER A 6 0.38 -11.52 15.59
N GLY A 7 0.55 -10.44 16.33
CA GLY A 7 0.22 -10.44 17.74
C GLY A 7 -0.91 -9.49 18.07
N ASP A 8 -1.27 -9.42 19.35
CA ASP A 8 -2.34 -8.54 19.80
C ASP A 8 -1.77 -7.32 20.51
N ARG A 9 -0.67 -6.79 19.99
CA ARG A 9 -0.03 -5.62 20.59
C ARG A 9 -0.96 -4.42 20.55
N GLU A 10 -1.38 -4.03 19.35
CA GLU A 10 -2.27 -2.90 19.18
C GLU A 10 -3.50 -3.29 18.37
N ARG A 11 -4.61 -3.51 19.06
CA ARG A 11 -5.86 -3.90 18.41
C ARG A 11 -6.88 -2.76 18.47
N GLU A 12 -6.75 -1.91 19.49
CA GLU A 12 -7.65 -0.78 19.65
C GLU A 12 -7.26 0.38 18.75
N GLN A 13 -5.95 0.61 18.62
CA GLN A 13 -5.44 1.69 17.79
C GLN A 13 -5.10 1.18 16.40
N HIS A 14 -5.95 0.31 15.86
CA HIS A 14 -5.73 -0.26 14.53
C HIS A 14 -6.85 0.16 13.58
N LYS A 15 -7.27 1.42 13.67
CA LYS A 15 -8.32 1.94 12.82
C LYS A 15 -7.78 2.32 11.44
N ARG A 16 -6.79 3.19 11.42
CA ARG A 16 -6.18 3.63 10.17
C ARG A 16 -5.22 2.57 9.63
N GLU A 17 -4.45 1.97 10.54
CA GLU A 17 -3.49 0.94 10.15
C GLU A 17 -4.05 0.04 9.05
N GLU A 18 -5.23 -0.53 9.31
CA GLU A 18 -5.88 -1.41 8.35
C GLU A 18 -5.87 -0.79 6.96
N ALA A 19 -6.18 0.51 6.89
CA ALA A 19 -6.21 1.22 5.62
C ALA A 19 -4.83 1.24 4.96
N ILE A 20 -3.81 1.55 5.75
CA ILE A 20 -2.44 1.60 5.25
C ILE A 20 -2.04 0.26 4.63
N GLN A 21 -2.00 -0.78 5.45
CA GLN A 21 -1.64 -2.12 4.99
C GLN A 21 -2.50 -2.53 3.81
N ASN A 22 -3.81 -2.37 3.95
CA ASN A 22 -4.75 -2.73 2.89
C ASN A 22 -4.38 -2.04 1.58
N PHE A 23 -4.20 -0.72 1.63
CA PHE A 23 -3.85 0.06 0.46
C PHE A 23 -2.66 -0.56 -0.27
N LYS A 24 -1.53 -0.64 0.42
CA LYS A 24 -0.31 -1.21 -0.15
C LYS A 24 -0.63 -2.50 -0.90
N ALA A 25 -1.17 -3.48 -0.17
CA ALA A 25 -1.51 -4.77 -0.76
C ALA A 25 -2.32 -4.59 -2.04
N LEU A 26 -3.24 -3.64 -2.03
CA LEU A 26 -4.08 -3.35 -3.19
C LEU A 26 -3.25 -2.81 -4.35
N LEU A 27 -2.34 -1.89 -4.04
CA LEU A 27 -1.48 -1.29 -5.05
C LEU A 27 -0.71 -2.37 -5.81
N SER A 28 -0.29 -3.40 -5.08
CA SER A 28 0.46 -4.50 -5.69
C SER A 28 -0.45 -5.41 -6.51
N ASP A 29 -1.65 -5.64 -5.98
CA ASP A 29 -2.63 -6.49 -6.66
C ASP A 29 -3.09 -5.86 -7.97
N MET A 30 -3.28 -4.54 -7.94
CA MET A 30 -3.72 -3.82 -9.13
C MET A 30 -2.54 -3.21 -9.87
N VAL A 31 -1.71 -2.46 -9.15
CA VAL A 31 -0.54 -1.83 -9.74
C VAL A 31 0.73 -2.61 -9.41
N ARG A 32 0.77 -3.88 -9.84
CA ARG A 32 1.92 -4.73 -9.61
C ARG A 32 3.16 -4.19 -10.32
N SER A 33 2.94 -3.49 -11.42
CA SER A 33 4.03 -2.93 -12.21
C SER A 33 4.72 -1.79 -11.45
N SER A 34 5.79 -1.25 -12.03
CA SER A 34 6.53 -0.17 -11.41
C SER A 34 6.62 1.03 -12.35
N ASP A 35 6.66 0.75 -13.65
CA ASP A 35 6.75 1.81 -14.66
C ASP A 35 5.38 2.43 -14.91
N VAL A 36 4.65 2.70 -13.84
CA VAL A 36 3.32 3.30 -13.95
C VAL A 36 3.34 4.76 -13.50
N SER A 37 2.26 5.47 -13.77
CA SER A 37 2.13 6.87 -13.40
C SER A 37 1.27 7.04 -12.16
N TRP A 38 1.54 8.08 -11.39
CA TRP A 38 0.78 8.35 -10.17
C TRP A 38 -0.71 8.41 -10.46
N SER A 39 -1.09 9.24 -11.43
CA SER A 39 -2.49 9.39 -11.80
C SER A 39 -3.12 8.04 -12.14
N ASP A 40 -2.54 7.35 -13.12
CA ASP A 40 -3.02 6.05 -13.54
C ASP A 40 -3.37 5.18 -12.33
N THR A 41 -2.44 5.09 -11.39
CA THR A 41 -2.64 4.29 -10.19
C THR A 41 -3.87 4.76 -9.42
N ARG A 42 -3.91 6.05 -9.12
CA ARG A 42 -5.04 6.63 -8.39
C ARG A 42 -6.37 6.09 -8.93
N ARG A 43 -6.65 6.38 -10.19
CA ARG A 43 -7.88 5.93 -10.82
C ARG A 43 -8.04 4.42 -10.69
N THR A 44 -7.00 3.68 -11.08
CA THR A 44 -7.02 2.23 -11.01
C THR A 44 -7.63 1.75 -9.69
N LEU A 45 -7.34 2.47 -8.62
CA LEU A 45 -7.85 2.12 -7.30
C LEU A 45 -9.23 2.75 -7.07
N ARG A 46 -9.37 4.01 -7.49
CA ARG A 46 -10.63 4.72 -7.32
C ARG A 46 -11.81 3.86 -7.77
N LYS A 47 -11.73 3.33 -8.98
CA LYS A 47 -12.79 2.49 -9.52
C LYS A 47 -12.94 1.21 -8.70
N ASP A 48 -11.82 0.71 -8.20
CA ASP A 48 -11.82 -0.51 -7.39
C ASP A 48 -12.77 -0.36 -6.20
N HIS A 49 -13.04 -1.48 -5.53
CA HIS A 49 -13.92 -1.49 -4.37
C HIS A 49 -13.15 -1.18 -3.09
N ARG A 50 -12.14 -1.99 -2.81
CA ARG A 50 -11.32 -1.81 -1.63
C ARG A 50 -11.10 -0.33 -1.34
N TRP A 51 -10.85 0.45 -2.38
CA TRP A 51 -10.63 1.88 -2.23
C TRP A 51 -11.49 2.45 -1.11
N GLU A 52 -12.77 2.08 -1.10
CA GLU A 52 -13.69 2.56 -0.07
C GLU A 52 -12.98 2.72 1.27
N SER A 53 -12.47 1.61 1.81
CA SER A 53 -11.77 1.63 3.09
C SER A 53 -10.53 2.51 3.01
N GLY A 54 -9.81 2.42 1.89
CA GLY A 54 -8.60 3.21 1.72
C GLY A 54 -8.85 4.69 1.94
N SER A 55 -10.12 5.09 1.96
CA SER A 55 -10.49 6.48 2.15
C SER A 55 -9.73 7.08 3.33
N LEU A 56 -9.62 6.31 4.41
CA LEU A 56 -8.92 6.76 5.60
C LEU A 56 -7.63 7.49 5.24
N LEU A 57 -6.86 6.91 4.32
CA LEU A 57 -5.60 7.51 3.88
C LEU A 57 -5.86 8.81 3.13
N GLU A 58 -5.05 9.82 3.42
CA GLU A 58 -5.18 11.13 2.77
C GLU A 58 -4.39 11.16 1.47
N ARG A 59 -4.88 11.96 0.51
CA ARG A 59 -4.22 12.08 -0.78
C ARG A 59 -2.70 12.01 -0.63
N GLU A 60 -2.19 12.50 0.51
CA GLU A 60 -0.77 12.49 0.78
C GLU A 60 -0.26 11.07 1.00
N GLU A 61 -0.95 10.33 1.86
CA GLU A 61 -0.57 8.95 2.16
C GLU A 61 -0.56 8.10 0.90
N LYS A 62 -1.49 8.39 -0.01
CA LYS A 62 -1.59 7.65 -1.26
C LYS A 62 -0.38 7.92 -2.16
N GLU A 63 -0.08 9.20 -2.35
CA GLU A 63 1.05 9.61 -3.19
C GLU A 63 2.34 8.98 -2.68
N LYS A 64 2.57 9.07 -1.37
CA LYS A 64 3.77 8.52 -0.76
C LYS A 64 3.76 6.99 -0.84
N LEU A 65 2.80 6.38 -0.16
CA LEU A 65 2.68 4.93 -0.15
C LEU A 65 2.91 4.35 -1.54
N PHE A 66 2.22 4.90 -2.53
CA PHE A 66 2.35 4.45 -3.90
C PHE A 66 3.79 4.52 -4.37
N ASN A 67 4.42 5.68 -4.19
CA ASN A 67 5.81 5.89 -4.59
C ASN A 67 6.70 4.79 -4.00
N GLU A 68 6.60 4.60 -2.70
CA GLU A 68 7.40 3.58 -2.01
C GLU A 68 7.23 2.22 -2.68
N HIS A 69 5.99 1.82 -2.88
CA HIS A 69 5.69 0.54 -3.50
C HIS A 69 6.48 0.36 -4.79
N ILE A 70 6.40 1.36 -5.67
CA ILE A 70 7.10 1.31 -6.95
C ILE A 70 8.60 1.11 -6.73
N GLU A 71 9.23 2.07 -6.07
CA GLU A 71 10.66 2.00 -5.80
C GLU A 71 11.05 0.60 -5.32
N ALA A 72 10.26 0.06 -4.42
CA ALA A 72 10.52 -1.28 -3.87
C ALA A 72 10.57 -2.32 -4.97
N LEU A 73 9.60 -2.26 -5.89
CA LEU A 73 9.54 -3.20 -7.00
C LEU A 73 10.88 -3.29 -7.72
N THR A 74 11.32 -2.16 -8.28
CA THR A 74 12.59 -2.11 -9.00
C THR A 74 13.73 -2.68 -8.15
N LYS A 75 14.01 -2.02 -7.03
CA LYS A 75 15.07 -2.45 -6.14
C LYS A 75 15.05 -3.98 -5.97
N LYS A 76 13.89 -4.51 -5.59
CA LYS A 76 13.74 -5.94 -5.40
C LYS A 76 14.24 -6.71 -6.62
N LYS A 77 13.72 -6.37 -7.78
CA LYS A 77 14.11 -7.03 -9.03
C LYS A 77 15.60 -7.36 -9.01
N ARG A 78 16.43 -6.35 -8.77
CA ARG A 78 17.87 -6.53 -8.72
C ARG A 78 18.23 -7.74 -7.86
N GLU A 79 19.26 -8.48 -8.27
CA GLU A 79 19.71 -9.65 -7.53
C GLU A 79 19.69 -9.38 -6.02
N SER A 80 19.58 -10.46 -5.25
CA SER A 80 19.55 -10.34 -3.79
C SER A 80 20.83 -10.87 -3.17
N GLY A 81 20.99 -10.63 -1.87
CA GLY A 81 22.19 -11.08 -1.18
C GLY A 81 21.87 -12.07 -0.08
N PRO A 82 22.91 -12.80 0.38
CA PRO A 82 22.75 -13.80 1.44
C PRO A 82 22.47 -13.17 2.80
N SER A 83 21.80 -13.91 3.67
CA SER A 83 21.47 -13.43 5.00
C SER A 83 22.47 -13.92 6.04
N SER A 84 22.86 -15.19 5.92
CA SER A 84 23.82 -15.78 6.85
C SER A 84 23.49 -15.41 8.28
N GLY A 85 22.21 -15.16 8.54
CA GLY A 85 21.78 -14.79 9.87
C GLY A 85 21.00 -13.50 9.91
N GLY A 1 2.93 -18.45 5.46
CA GLY A 1 3.24 -17.10 5.03
C GLY A 1 3.04 -16.08 6.13
N SER A 2 1.78 -15.72 6.37
CA SER A 2 1.45 -14.75 7.40
C SER A 2 0.15 -15.12 8.11
N SER A 3 -0.12 -14.44 9.23
CA SER A 3 -1.33 -14.71 10.00
C SER A 3 -2.14 -13.43 10.21
N GLY A 4 -1.47 -12.38 10.66
CA GLY A 4 -2.14 -11.11 10.88
C GLY A 4 -1.79 -10.50 12.23
N SER A 5 -2.82 -10.17 13.01
CA SER A 5 -2.61 -9.58 14.33
C SER A 5 -2.53 -10.66 15.40
N SER A 6 -2.01 -10.29 16.57
CA SER A 6 -1.88 -11.22 17.67
C SER A 6 -2.78 -10.82 18.84
N GLY A 7 -4.02 -10.44 18.52
CA GLY A 7 -4.96 -10.03 19.54
C GLY A 7 -6.20 -9.37 18.96
N ASP A 8 -7.34 -9.64 19.57
CA ASP A 8 -8.61 -9.06 19.10
C ASP A 8 -8.89 -7.74 19.81
N ARG A 9 -8.22 -7.52 20.92
CA ARG A 9 -8.40 -6.29 21.69
C ARG A 9 -7.77 -5.10 20.97
N GLU A 10 -6.83 -5.38 20.07
CA GLU A 10 -6.15 -4.33 19.32
C GLU A 10 -7.12 -3.67 18.33
N ARG A 11 -8.30 -4.24 18.20
CA ARG A 11 -9.31 -3.71 17.29
C ARG A 11 -9.73 -2.30 17.72
N GLU A 12 -9.30 -1.90 18.91
CA GLU A 12 -9.63 -0.58 19.43
C GLU A 12 -8.87 0.51 18.70
N GLN A 13 -7.56 0.32 18.55
CA GLN A 13 -6.71 1.30 17.87
C GLN A 13 -6.21 0.74 16.54
N HIS A 14 -7.03 -0.08 15.90
CA HIS A 14 -6.67 -0.69 14.62
C HIS A 14 -7.66 -0.27 13.53
N LYS A 15 -8.04 1.00 13.53
CA LYS A 15 -8.98 1.52 12.54
C LYS A 15 -8.27 1.88 11.25
N ARG A 16 -7.36 2.86 11.33
CA ARG A 16 -6.61 3.29 10.16
C ARG A 16 -5.57 2.25 9.76
N GLU A 17 -4.88 1.70 10.75
CA GLU A 17 -3.87 0.69 10.50
C GLU A 17 -4.29 -0.26 9.37
N GLU A 18 -5.45 -0.88 9.55
CA GLU A 18 -5.97 -1.81 8.55
C GLU A 18 -5.93 -1.18 7.15
N ALA A 19 -6.42 0.05 7.04
CA ALA A 19 -6.43 0.76 5.77
C ALA A 19 -5.03 0.87 5.18
N ILE A 20 -4.06 1.19 6.03
CA ILE A 20 -2.68 1.31 5.60
C ILE A 20 -2.17 0.02 4.96
N GLN A 21 -2.10 -1.03 5.76
CA GLN A 21 -1.65 -2.33 5.27
C GLN A 21 -2.46 -2.78 4.07
N ASN A 22 -3.78 -2.68 4.18
CA ASN A 22 -4.67 -3.08 3.10
C ASN A 22 -4.34 -2.32 1.81
N PHE A 23 -4.02 -1.04 1.95
CA PHE A 23 -3.69 -0.21 0.80
C PHE A 23 -2.46 -0.77 0.07
N LYS A 24 -1.38 -0.96 0.80
CA LYS A 24 -0.15 -1.48 0.23
C LYS A 24 -0.42 -2.75 -0.58
N ALA A 25 -1.13 -3.69 0.02
CA ALA A 25 -1.46 -4.94 -0.64
C ALA A 25 -2.25 -4.68 -1.93
N LEU A 26 -3.11 -3.69 -1.90
CA LEU A 26 -3.92 -3.34 -3.06
C LEU A 26 -3.06 -2.79 -4.19
N LEU A 27 -1.99 -2.08 -3.81
CA LEU A 27 -1.08 -1.50 -4.79
C LEU A 27 -0.29 -2.59 -5.51
N SER A 28 0.18 -3.57 -4.76
CA SER A 28 0.95 -4.67 -5.32
C SER A 28 0.04 -5.63 -6.09
N ASP A 29 -1.21 -5.74 -5.64
CA ASP A 29 -2.18 -6.63 -6.27
C ASP A 29 -2.59 -6.08 -7.64
N MET A 30 -2.81 -4.78 -7.72
CA MET A 30 -3.21 -4.14 -8.97
C MET A 30 -1.99 -3.57 -9.70
N VAL A 31 -1.33 -2.60 -9.05
CA VAL A 31 -0.16 -1.96 -9.63
C VAL A 31 1.10 -2.80 -9.39
N ARG A 32 1.05 -4.06 -9.79
CA ARG A 32 2.18 -4.96 -9.61
C ARG A 32 3.38 -4.50 -10.42
N SER A 33 3.13 -3.68 -11.43
CA SER A 33 4.19 -3.16 -12.29
C SER A 33 4.83 -1.92 -11.68
N SER A 34 5.96 -1.51 -12.24
CA SER A 34 6.68 -0.33 -11.73
C SER A 34 6.88 0.68 -12.85
N ASP A 35 6.21 0.46 -13.98
CA ASP A 35 6.33 1.36 -15.12
C ASP A 35 5.02 2.11 -15.35
N VAL A 36 4.36 2.48 -14.27
CA VAL A 36 3.10 3.20 -14.35
C VAL A 36 3.23 4.60 -13.75
N SER A 37 2.16 5.39 -13.85
CA SER A 37 2.15 6.74 -13.32
C SER A 37 1.17 6.86 -12.14
N TRP A 38 1.44 7.80 -11.25
CA TRP A 38 0.59 8.01 -10.09
C TRP A 38 -0.85 8.23 -10.50
N SER A 39 -1.08 9.22 -11.36
CA SER A 39 -2.42 9.53 -11.84
C SER A 39 -3.17 8.26 -12.21
N ASP A 40 -2.67 7.55 -13.21
CA ASP A 40 -3.29 6.31 -13.67
C ASP A 40 -3.59 5.39 -12.48
N THR A 41 -2.66 5.35 -11.53
CA THR A 41 -2.83 4.50 -10.35
C THR A 41 -4.00 4.97 -9.49
N ARG A 42 -4.08 6.29 -9.28
CA ARG A 42 -5.15 6.86 -8.48
C ARG A 42 -6.52 6.52 -9.08
N ARG A 43 -6.68 6.79 -10.37
CA ARG A 43 -7.94 6.52 -11.05
C ARG A 43 -8.19 5.01 -11.15
N THR A 44 -7.11 4.23 -11.11
CA THR A 44 -7.22 2.79 -11.19
C THR A 44 -7.85 2.21 -9.93
N LEU A 45 -7.32 2.60 -8.78
CA LEU A 45 -7.84 2.13 -7.50
C LEU A 45 -9.17 2.80 -7.15
N ARG A 46 -9.22 4.12 -7.33
CA ARG A 46 -10.42 4.88 -7.04
C ARG A 46 -11.67 4.10 -7.42
N LYS A 47 -11.71 3.63 -8.67
CA LYS A 47 -12.85 2.85 -9.15
C LYS A 47 -12.99 1.55 -8.40
N ASP A 48 -11.85 0.95 -8.03
CA ASP A 48 -11.84 -0.30 -7.30
C ASP A 48 -12.72 -0.21 -6.04
N HIS A 49 -13.19 -1.36 -5.57
CA HIS A 49 -14.03 -1.40 -4.38
C HIS A 49 -13.20 -1.18 -3.11
N ARG A 50 -12.24 -2.07 -2.88
CA ARG A 50 -11.38 -1.97 -1.70
C ARG A 50 -10.97 -0.53 -1.46
N TRP A 51 -10.43 0.12 -2.49
CA TRP A 51 -9.97 1.50 -2.37
C TRP A 51 -10.92 2.31 -1.48
N GLU A 52 -12.22 2.10 -1.67
CA GLU A 52 -13.22 2.81 -0.88
C GLU A 52 -12.75 3.00 0.56
N SER A 53 -12.51 1.89 1.26
CA SER A 53 -12.06 1.93 2.64
C SER A 53 -10.80 2.79 2.77
N GLY A 54 -9.91 2.68 1.79
CA GLY A 54 -8.68 3.46 1.82
C GLY A 54 -8.94 4.94 2.01
N SER A 55 -10.18 5.36 1.84
CA SER A 55 -10.55 6.76 1.99
C SER A 55 -9.95 7.33 3.27
N LEU A 56 -9.81 6.49 4.29
CA LEU A 56 -9.25 6.92 5.56
C LEU A 56 -7.96 7.71 5.36
N LEU A 57 -7.12 7.23 4.45
CA LEU A 57 -5.85 7.89 4.16
C LEU A 57 -6.08 9.24 3.48
N GLU A 58 -5.00 9.97 3.25
CA GLU A 58 -5.09 11.27 2.61
C GLU A 58 -4.25 11.32 1.33
N ARG A 59 -4.70 12.10 0.36
CA ARG A 59 -3.99 12.23 -0.91
C ARG A 59 -2.48 12.16 -0.70
N GLU A 60 -2.00 12.86 0.33
CA GLU A 60 -0.58 12.88 0.63
C GLU A 60 -0.08 11.47 0.98
N GLU A 61 -0.65 10.89 2.02
CA GLU A 61 -0.26 9.55 2.47
C GLU A 61 -0.33 8.56 1.31
N LYS A 62 -1.40 8.66 0.52
CA LYS A 62 -1.58 7.77 -0.62
C LYS A 62 -0.42 7.90 -1.61
N GLU A 63 -0.22 9.10 -2.13
CA GLU A 63 0.86 9.36 -3.09
C GLU A 63 2.17 8.75 -2.60
N LYS A 64 2.50 9.03 -1.34
CA LYS A 64 3.72 8.51 -0.74
C LYS A 64 3.76 6.98 -0.80
N LEU A 65 2.69 6.35 -0.33
CA LEU A 65 2.61 4.90 -0.32
C LEU A 65 2.91 4.33 -1.71
N PHE A 66 2.11 4.72 -2.69
CA PHE A 66 2.30 4.24 -4.06
C PHE A 66 3.76 4.36 -4.48
N ASN A 67 4.28 5.58 -4.50
CA ASN A 67 5.66 5.82 -4.87
C ASN A 67 6.59 4.77 -4.25
N GLU A 68 6.47 4.60 -2.94
CA GLU A 68 7.29 3.62 -2.23
C GLU A 68 7.15 2.24 -2.84
N HIS A 69 5.91 1.85 -3.13
CA HIS A 69 5.64 0.54 -3.71
C HIS A 69 6.40 0.37 -5.03
N ILE A 70 6.31 1.36 -5.90
CA ILE A 70 6.99 1.32 -7.18
C ILE A 70 8.50 1.24 -7.00
N GLU A 71 9.05 2.16 -6.22
CA GLU A 71 10.49 2.19 -5.97
C GLU A 71 10.96 0.85 -5.39
N ALA A 72 10.16 0.28 -4.51
CA ALA A 72 10.50 -0.99 -3.89
C ALA A 72 10.52 -2.13 -4.92
N LEU A 73 9.58 -2.09 -5.84
CA LEU A 73 9.50 -3.11 -6.88
C LEU A 73 10.75 -3.10 -7.75
N THR A 74 11.02 -1.96 -8.39
CA THR A 74 12.19 -1.82 -9.25
C THR A 74 13.40 -2.52 -8.64
N LYS A 75 13.63 -2.29 -7.35
CA LYS A 75 14.75 -2.89 -6.65
C LYS A 75 14.52 -4.38 -6.43
N LYS A 76 13.32 -4.74 -5.98
CA LYS A 76 12.97 -6.12 -5.73
C LYS A 76 13.31 -7.00 -6.92
N LYS A 77 12.80 -6.62 -8.09
CA LYS A 77 13.05 -7.37 -9.31
C LYS A 77 14.47 -7.94 -9.32
N ARG A 78 14.59 -9.21 -9.70
CA ARG A 78 15.89 -9.87 -9.75
C ARG A 78 16.97 -8.91 -10.22
N GLU A 79 18.04 -8.79 -9.44
CA GLU A 79 19.14 -7.90 -9.77
C GLU A 79 20.48 -8.64 -9.70
N SER A 80 21.56 -7.92 -9.98
CA SER A 80 22.89 -8.50 -9.95
C SER A 80 23.10 -9.33 -8.68
N GLY A 81 22.79 -8.73 -7.53
CA GLY A 81 22.94 -9.42 -6.27
C GLY A 81 21.92 -10.53 -6.09
N PRO A 82 22.32 -11.61 -5.40
CA PRO A 82 21.45 -12.75 -5.14
C PRO A 82 20.34 -12.43 -4.14
N SER A 83 19.18 -13.05 -4.32
CA SER A 83 18.04 -12.82 -3.44
C SER A 83 16.98 -13.89 -3.64
N SER A 84 16.35 -14.31 -2.54
CA SER A 84 15.32 -15.34 -2.60
C SER A 84 14.25 -15.08 -1.53
N GLY A 85 13.02 -15.50 -1.83
CA GLY A 85 11.93 -15.31 -0.89
C GLY A 85 11.49 -13.86 -0.80
N GLY A 1 -4.20 -15.51 17.80
CA GLY A 1 -5.28 -16.25 17.18
C GLY A 1 -5.94 -15.48 16.06
N SER A 2 -6.69 -14.44 16.43
CA SER A 2 -7.39 -13.62 15.45
C SER A 2 -7.06 -12.14 15.64
N SER A 3 -6.45 -11.53 14.63
CA SER A 3 -6.07 -10.12 14.69
C SER A 3 -7.19 -9.30 15.32
N GLY A 4 -6.81 -8.42 16.26
CA GLY A 4 -7.79 -7.58 16.92
C GLY A 4 -7.53 -7.45 18.41
N SER A 5 -6.82 -6.39 18.79
CA SER A 5 -6.50 -6.17 20.20
C SER A 5 -7.52 -5.24 20.85
N SER A 6 -7.74 -5.42 22.15
CA SER A 6 -8.70 -4.60 22.88
C SER A 6 -8.03 -3.35 23.42
N GLY A 7 -8.76 -2.23 23.40
CA GLY A 7 -8.23 -0.98 23.89
C GLY A 7 -8.78 0.22 23.14
N ASP A 8 -9.85 0.81 23.67
CA ASP A 8 -10.47 1.97 23.04
C ASP A 8 -9.41 2.96 22.56
N ARG A 9 -8.40 3.20 23.39
CA ARG A 9 -7.32 4.13 23.05
C ARG A 9 -6.66 3.72 21.74
N GLU A 10 -6.54 2.41 21.52
CA GLU A 10 -5.92 1.88 20.31
C GLU A 10 -6.91 1.89 19.14
N ARG A 11 -8.12 1.44 19.41
CA ARG A 11 -9.16 1.38 18.38
C ARG A 11 -9.12 2.64 17.51
N GLU A 12 -8.62 3.73 18.07
CA GLU A 12 -8.53 4.99 17.34
C GLU A 12 -7.66 4.84 16.11
N GLN A 13 -6.37 4.60 16.33
CA GLN A 13 -5.42 4.43 15.23
C GLN A 13 -5.56 3.06 14.59
N HIS A 14 -5.73 2.03 15.42
CA HIS A 14 -5.88 0.67 14.93
C HIS A 14 -6.86 0.62 13.76
N LYS A 15 -7.90 1.43 13.83
CA LYS A 15 -8.91 1.48 12.78
C LYS A 15 -8.28 1.83 11.43
N ARG A 16 -7.31 2.75 11.47
CA ARG A 16 -6.63 3.18 10.25
C ARG A 16 -5.60 2.14 9.81
N GLU A 17 -4.87 1.59 10.78
CA GLU A 17 -3.85 0.59 10.49
C GLU A 17 -4.28 -0.31 9.33
N GLU A 18 -5.35 -1.08 9.57
CA GLU A 18 -5.86 -1.99 8.54
C GLU A 18 -5.85 -1.32 7.17
N ALA A 19 -6.33 -0.08 7.12
CA ALA A 19 -6.38 0.66 5.87
C ALA A 19 -4.99 0.82 5.27
N ILE A 20 -4.01 1.15 6.12
CA ILE A 20 -2.64 1.33 5.67
C ILE A 20 -2.10 0.05 5.01
N GLN A 21 -2.07 -1.03 5.78
CA GLN A 21 -1.59 -2.31 5.29
C GLN A 21 -2.38 -2.76 4.07
N ASN A 22 -3.70 -2.71 4.17
CA ASN A 22 -4.57 -3.11 3.08
C ASN A 22 -4.26 -2.32 1.82
N PHE A 23 -4.00 -1.03 1.98
CA PHE A 23 -3.69 -0.16 0.84
C PHE A 23 -2.45 -0.66 0.11
N LYS A 24 -1.39 -0.92 0.87
CA LYS A 24 -0.13 -1.41 0.29
C LYS A 24 -0.37 -2.68 -0.52
N ALA A 25 -1.06 -3.65 0.09
CA ALA A 25 -1.34 -4.91 -0.58
C ALA A 25 -2.08 -4.68 -1.90
N LEU A 26 -3.12 -3.86 -1.85
CA LEU A 26 -3.91 -3.56 -3.05
C LEU A 26 -3.02 -3.01 -4.16
N LEU A 27 -2.11 -2.10 -3.79
CA LEU A 27 -1.20 -1.50 -4.76
C LEU A 27 -0.40 -2.58 -5.49
N SER A 28 0.20 -3.49 -4.72
CA SER A 28 0.99 -4.56 -5.31
C SER A 28 0.14 -5.42 -6.23
N ASP A 29 -0.94 -5.96 -5.70
CA ASP A 29 -1.84 -6.81 -6.47
C ASP A 29 -2.29 -6.10 -7.76
N MET A 30 -3.03 -5.02 -7.59
CA MET A 30 -3.52 -4.25 -8.73
C MET A 30 -2.36 -3.70 -9.56
N VAL A 31 -1.50 -2.91 -8.92
CA VAL A 31 -0.34 -2.33 -9.59
C VAL A 31 0.92 -3.11 -9.27
N ARG A 32 1.04 -4.30 -9.85
CA ARG A 32 2.21 -5.14 -9.63
C ARG A 32 3.41 -4.61 -10.41
N SER A 33 3.15 -3.86 -11.46
CA SER A 33 4.20 -3.30 -12.30
C SER A 33 4.84 -2.09 -11.62
N SER A 34 5.97 -1.65 -12.17
CA SER A 34 6.68 -0.49 -11.62
C SER A 34 6.97 0.53 -12.72
N ASP A 35 6.28 0.41 -13.83
CA ASP A 35 6.47 1.32 -14.97
C ASP A 35 5.21 2.14 -15.21
N VAL A 36 4.50 2.47 -14.13
CA VAL A 36 3.27 3.26 -14.23
C VAL A 36 3.43 4.60 -13.53
N SER A 37 2.44 5.47 -13.70
CA SER A 37 2.46 6.78 -13.09
C SER A 37 1.44 6.87 -11.96
N TRP A 38 1.67 7.80 -11.03
CA TRP A 38 0.77 7.98 -9.89
C TRP A 38 -0.66 8.26 -10.37
N SER A 39 -0.86 9.42 -10.99
CA SER A 39 -2.17 9.81 -11.48
C SER A 39 -2.93 8.59 -12.01
N ASP A 40 -2.37 7.96 -13.05
CA ASP A 40 -2.99 6.78 -13.64
C ASP A 40 -3.38 5.77 -12.57
N THR A 41 -2.48 5.56 -11.61
CA THR A 41 -2.72 4.61 -10.53
C THR A 41 -3.90 5.04 -9.68
N ARG A 42 -3.98 6.34 -9.39
CA ARG A 42 -5.06 6.88 -8.58
C ARG A 42 -6.41 6.59 -9.22
N ARG A 43 -6.55 6.95 -10.49
CA ARG A 43 -7.80 6.74 -11.21
C ARG A 43 -8.17 5.26 -11.23
N THR A 44 -7.17 4.40 -11.40
CA THR A 44 -7.39 2.96 -11.42
C THR A 44 -7.98 2.47 -10.10
N LEU A 45 -7.17 2.52 -9.05
CA LEU A 45 -7.61 2.09 -7.73
C LEU A 45 -8.99 2.65 -7.39
N ARG A 46 -9.14 3.96 -7.61
CA ARG A 46 -10.41 4.62 -7.33
C ARG A 46 -11.60 3.72 -7.67
N LYS A 47 -11.75 3.42 -8.96
CA LYS A 47 -12.84 2.57 -9.42
C LYS A 47 -13.00 1.35 -8.51
N ASP A 48 -11.87 0.76 -8.12
CA ASP A 48 -11.87 -0.41 -7.26
C ASP A 48 -12.87 -0.24 -6.11
N HIS A 49 -13.18 -1.34 -5.43
CA HIS A 49 -14.12 -1.31 -4.32
C HIS A 49 -13.39 -1.07 -3.00
N ARG A 50 -12.36 -1.86 -2.75
CA ARG A 50 -11.58 -1.73 -1.52
C ARG A 50 -11.20 -0.28 -1.26
N TRP A 51 -10.75 0.41 -2.32
CA TRP A 51 -10.35 1.80 -2.21
C TRP A 51 -11.28 2.57 -1.28
N GLU A 52 -12.56 2.19 -1.28
CA GLU A 52 -13.56 2.83 -0.44
C GLU A 52 -13.03 3.01 0.99
N SER A 53 -12.57 1.91 1.58
CA SER A 53 -12.04 1.95 2.94
C SER A 53 -10.78 2.79 3.01
N GLY A 54 -9.96 2.73 1.96
CA GLY A 54 -8.73 3.49 1.92
C GLY A 54 -8.97 4.97 2.10
N SER A 55 -10.21 5.40 1.96
CA SER A 55 -10.57 6.80 2.11
C SER A 55 -9.89 7.41 3.34
N LEU A 56 -9.82 6.63 4.41
CA LEU A 56 -9.20 7.09 5.65
C LEU A 56 -7.93 7.88 5.36
N LEU A 57 -7.04 7.28 4.58
CA LEU A 57 -5.77 7.94 4.23
C LEU A 57 -6.03 9.24 3.47
N GLU A 58 -5.00 10.08 3.37
CA GLU A 58 -5.11 11.35 2.67
C GLU A 58 -4.31 11.33 1.37
N ARG A 59 -4.78 12.09 0.38
CA ARG A 59 -4.11 12.16 -0.91
C ARG A 59 -2.59 12.08 -0.74
N GLU A 60 -2.07 12.80 0.25
CA GLU A 60 -0.64 12.82 0.52
C GLU A 60 -0.14 11.41 0.85
N GLU A 61 -0.73 10.81 1.87
CA GLU A 61 -0.34 9.46 2.30
C GLU A 61 -0.46 8.47 1.14
N LYS A 62 -1.55 8.57 0.40
CA LYS A 62 -1.78 7.68 -0.74
C LYS A 62 -0.65 7.78 -1.75
N GLU A 63 -0.44 9.00 -2.27
CA GLU A 63 0.61 9.23 -3.25
C GLU A 63 1.95 8.69 -2.75
N LYS A 64 2.26 8.99 -1.49
CA LYS A 64 3.51 8.54 -0.89
C LYS A 64 3.61 7.01 -0.92
N LEU A 65 2.54 6.35 -0.51
CA LEU A 65 2.51 4.89 -0.49
C LEU A 65 2.86 4.32 -1.86
N PHE A 66 2.05 4.66 -2.86
CA PHE A 66 2.28 4.18 -4.22
C PHE A 66 3.74 4.37 -4.62
N ASN A 67 4.17 5.62 -4.67
CA ASN A 67 5.54 5.95 -5.04
C ASN A 67 6.53 4.97 -4.41
N GLU A 68 6.38 4.74 -3.11
CA GLU A 68 7.25 3.83 -2.39
C GLU A 68 7.15 2.41 -2.96
N HIS A 69 5.93 1.98 -3.26
CA HIS A 69 5.70 0.65 -3.82
C HIS A 69 6.46 0.47 -5.13
N ILE A 70 6.23 1.39 -6.07
CA ILE A 70 6.88 1.33 -7.37
C ILE A 70 8.40 1.19 -7.21
N GLU A 71 8.99 2.09 -6.44
CA GLU A 71 10.43 2.07 -6.20
C GLU A 71 10.86 0.75 -5.57
N ALA A 72 10.09 0.29 -4.59
CA ALA A 72 10.39 -0.96 -3.91
C ALA A 72 10.50 -2.12 -4.90
N LEU A 73 9.64 -2.10 -5.92
CA LEU A 73 9.63 -3.15 -6.93
C LEU A 73 10.91 -3.10 -7.77
N THR A 74 11.14 -1.97 -8.42
CA THR A 74 12.32 -1.79 -9.25
C THR A 74 13.58 -2.26 -8.53
N LYS A 75 13.76 -1.79 -7.31
CA LYS A 75 14.92 -2.16 -6.50
C LYS A 75 14.86 -3.64 -6.11
N LYS A 76 13.88 -3.99 -5.29
CA LYS A 76 13.71 -5.37 -4.86
C LYS A 76 14.09 -6.35 -5.96
N LYS A 77 13.51 -6.16 -7.14
CA LYS A 77 13.78 -7.01 -8.28
C LYS A 77 15.27 -7.36 -8.36
N ARG A 78 15.57 -8.64 -8.54
CA ARG A 78 16.95 -9.10 -8.63
C ARG A 78 17.39 -9.24 -10.09
N GLU A 79 17.90 -8.15 -10.65
CA GLU A 79 18.36 -8.14 -12.04
C GLU A 79 19.88 -8.24 -12.12
N SER A 80 20.39 -9.46 -12.08
CA SER A 80 21.84 -9.68 -12.14
C SER A 80 22.56 -8.86 -11.08
N GLY A 81 21.98 -8.81 -9.89
CA GLY A 81 22.58 -8.05 -8.80
C GLY A 81 23.73 -8.80 -8.14
N PRO A 82 24.71 -8.03 -7.62
CA PRO A 82 25.88 -8.61 -6.95
C PRO A 82 25.52 -9.26 -5.61
N SER A 83 25.34 -10.57 -5.63
CA SER A 83 24.99 -11.31 -4.42
C SER A 83 26.22 -11.53 -3.55
N SER A 84 26.46 -10.59 -2.63
CA SER A 84 27.60 -10.68 -1.73
C SER A 84 28.91 -10.72 -2.51
N GLY A 85 28.99 -9.90 -3.56
CA GLY A 85 30.20 -9.86 -4.38
C GLY A 85 30.24 -10.99 -5.40
N GLY A 1 3.48 -9.44 40.89
CA GLY A 1 2.86 -8.13 40.98
C GLY A 1 2.58 -7.53 39.61
N SER A 2 2.01 -8.33 38.72
CA SER A 2 1.69 -7.88 37.37
C SER A 2 1.22 -6.42 37.39
N SER A 3 1.82 -5.60 36.53
CA SER A 3 1.46 -4.19 36.44
C SER A 3 0.60 -3.92 35.22
N GLY A 4 1.09 -4.36 34.06
CA GLY A 4 0.35 -4.17 32.83
C GLY A 4 -0.66 -5.26 32.57
N SER A 5 -1.50 -5.07 31.55
CA SER A 5 -2.52 -6.04 31.20
C SER A 5 -2.42 -6.45 29.74
N SER A 6 -2.51 -7.75 29.49
CA SER A 6 -2.42 -8.27 28.12
C SER A 6 -3.81 -8.39 27.49
N GLY A 7 -4.21 -7.36 26.75
CA GLY A 7 -5.51 -7.38 26.12
C GLY A 7 -5.54 -6.53 24.86
N ASP A 8 -6.74 -6.14 24.44
CA ASP A 8 -6.90 -5.32 23.23
C ASP A 8 -6.14 -4.01 23.37
N ARG A 9 -5.13 -3.82 22.51
CA ARG A 9 -4.32 -2.61 22.54
C ARG A 9 -4.43 -1.86 21.20
N GLU A 10 -3.94 -2.48 20.14
CA GLU A 10 -3.98 -1.88 18.81
C GLU A 10 -5.33 -2.13 18.14
N ARG A 11 -6.06 -3.13 18.63
CA ARG A 11 -7.36 -3.48 18.08
C ARG A 11 -8.36 -2.34 18.30
N GLU A 12 -8.27 -1.70 19.45
CA GLU A 12 -9.17 -0.60 19.79
C GLU A 12 -9.05 0.53 18.76
N GLN A 13 -7.83 0.73 18.26
CA GLN A 13 -7.58 1.79 17.28
C GLN A 13 -7.07 1.18 15.97
N HIS A 14 -7.72 0.12 15.52
CA HIS A 14 -7.34 -0.54 14.28
C HIS A 14 -8.20 -0.08 13.11
N LYS A 15 -8.54 1.21 13.12
CA LYS A 15 -9.36 1.79 12.06
C LYS A 15 -8.52 2.12 10.83
N ARG A 16 -7.45 2.86 11.04
CA ARG A 16 -6.55 3.24 9.95
C ARG A 16 -5.58 2.11 9.62
N GLU A 17 -4.95 1.56 10.65
CA GLU A 17 -4.01 0.47 10.46
C GLU A 17 -4.43 -0.45 9.32
N GLU A 18 -5.62 -1.02 9.44
CA GLU A 18 -6.15 -1.92 8.42
C GLU A 18 -6.02 -1.29 7.04
N ALA A 19 -6.41 -0.02 6.93
CA ALA A 19 -6.34 0.70 5.66
C ALA A 19 -4.92 0.75 5.13
N ILE A 20 -3.96 1.03 6.02
CA ILE A 20 -2.57 1.10 5.64
C ILE A 20 -2.09 -0.21 5.01
N GLN A 21 -2.15 -1.29 5.78
CA GLN A 21 -1.74 -2.60 5.28
C GLN A 21 -2.50 -2.98 4.03
N ASN A 22 -3.82 -2.80 4.07
CA ASN A 22 -4.68 -3.13 2.94
C ASN A 22 -4.26 -2.34 1.70
N PHE A 23 -3.98 -1.06 1.89
CA PHE A 23 -3.57 -0.20 0.80
C PHE A 23 -2.36 -0.78 0.06
N LYS A 24 -1.28 -1.01 0.80
CA LYS A 24 -0.06 -1.56 0.23
C LYS A 24 -0.36 -2.80 -0.60
N ALA A 25 -0.93 -3.82 0.05
CA ALA A 25 -1.28 -5.07 -0.62
C ALA A 25 -2.11 -4.80 -1.87
N LEU A 26 -3.03 -3.84 -1.77
CA LEU A 26 -3.90 -3.49 -2.90
C LEU A 26 -3.09 -2.89 -4.04
N LEU A 27 -2.09 -2.08 -3.68
CA LEU A 27 -1.24 -1.44 -4.67
C LEU A 27 -0.38 -2.48 -5.40
N SER A 28 0.00 -3.53 -4.68
CA SER A 28 0.83 -4.58 -5.25
C SER A 28 -0.01 -5.58 -6.03
N ASP A 29 -1.28 -5.70 -5.64
CA ASP A 29 -2.19 -6.62 -6.29
C ASP A 29 -2.61 -6.09 -7.66
N MET A 30 -2.87 -4.79 -7.73
CA MET A 30 -3.27 -4.16 -8.98
C MET A 30 -2.06 -3.57 -9.71
N VAL A 31 -1.47 -2.54 -9.12
CA VAL A 31 -0.30 -1.89 -9.72
C VAL A 31 0.96 -2.71 -9.50
N ARG A 32 0.90 -3.98 -9.89
CA ARG A 32 2.04 -4.88 -9.73
C ARG A 32 3.23 -4.40 -10.55
N SER A 33 2.97 -3.46 -11.45
CA SER A 33 4.02 -2.91 -12.30
C SER A 33 4.79 -1.80 -11.58
N SER A 34 5.85 -1.32 -12.21
CA SER A 34 6.67 -0.26 -11.63
C SER A 34 6.73 0.95 -12.55
N ASP A 35 6.74 0.70 -13.85
CA ASP A 35 6.79 1.77 -14.84
C ASP A 35 5.41 2.37 -15.06
N VAL A 36 4.72 2.68 -13.96
CA VAL A 36 3.39 3.26 -14.04
C VAL A 36 3.38 4.70 -13.52
N SER A 37 2.28 5.40 -13.75
CA SER A 37 2.16 6.78 -13.30
C SER A 37 1.19 6.89 -12.13
N TRP A 38 1.46 7.84 -11.24
CA TRP A 38 0.61 8.04 -10.06
C TRP A 38 -0.84 8.22 -10.47
N SER A 39 -1.12 9.23 -11.28
CA SER A 39 -2.47 9.52 -11.74
C SER A 39 -3.15 8.24 -12.22
N ASP A 40 -2.49 7.52 -13.11
CA ASP A 40 -3.02 6.27 -13.65
C ASP A 40 -3.53 5.36 -12.53
N THR A 41 -2.66 5.07 -11.57
CA THR A 41 -3.02 4.23 -10.44
C THR A 41 -4.15 4.84 -9.63
N ARG A 42 -4.06 6.14 -9.38
CA ARG A 42 -5.08 6.85 -8.61
C ARG A 42 -6.48 6.44 -9.06
N ARG A 43 -6.77 6.66 -10.34
CA ARG A 43 -8.07 6.32 -10.90
C ARG A 43 -8.32 4.82 -10.81
N THR A 44 -7.35 4.03 -11.27
CA THR A 44 -7.47 2.58 -11.25
C THR A 44 -8.06 2.10 -9.93
N LEU A 45 -7.48 2.55 -8.82
CA LEU A 45 -7.97 2.17 -7.50
C LEU A 45 -9.35 2.75 -7.23
N ARG A 46 -9.50 4.05 -7.43
CA ARG A 46 -10.77 4.72 -7.21
C ARG A 46 -11.93 3.81 -7.59
N LYS A 47 -11.92 3.35 -8.83
CA LYS A 47 -12.98 2.46 -9.33
C LYS A 47 -13.11 1.22 -8.46
N ASP A 48 -11.97 0.67 -8.04
CA ASP A 48 -11.95 -0.51 -7.19
C ASP A 48 -12.89 -0.35 -6.00
N HIS A 49 -13.08 -1.42 -5.25
CA HIS A 49 -13.95 -1.39 -4.08
C HIS A 49 -13.16 -1.00 -2.83
N ARG A 50 -12.09 -1.74 -2.55
CA ARG A 50 -11.26 -1.46 -1.38
C ARG A 50 -10.99 0.04 -1.25
N TRP A 51 -10.56 0.65 -2.34
CA TRP A 51 -10.27 2.08 -2.35
C TRP A 51 -11.24 2.84 -1.45
N GLU A 52 -12.50 2.44 -1.48
CA GLU A 52 -13.53 3.08 -0.67
C GLU A 52 -13.06 3.24 0.77
N SER A 53 -12.66 2.14 1.39
CA SER A 53 -12.20 2.16 2.77
C SER A 53 -10.88 2.92 2.88
N GLY A 54 -10.02 2.76 1.87
CA GLY A 54 -8.74 3.43 1.88
C GLY A 54 -8.87 4.94 2.04
N SER A 55 -10.09 5.45 1.88
CA SER A 55 -10.34 6.87 2.00
C SER A 55 -9.56 7.46 3.18
N LEU A 56 -9.57 6.76 4.30
CA LEU A 56 -8.86 7.21 5.50
C LEU A 56 -7.55 7.89 5.13
N LEU A 57 -6.76 7.22 4.30
CA LEU A 57 -5.47 7.76 3.87
C LEU A 57 -5.67 9.02 3.03
N GLU A 58 -4.98 10.09 3.41
CA GLU A 58 -5.08 11.36 2.69
C GLU A 58 -4.26 11.32 1.41
N ARG A 59 -4.65 12.13 0.44
CA ARG A 59 -3.95 12.19 -0.84
C ARG A 59 -2.44 12.04 -0.64
N GLU A 60 -1.91 12.72 0.37
CA GLU A 60 -0.48 12.66 0.67
C GLU A 60 -0.04 11.22 0.91
N GLU A 61 -0.78 10.51 1.77
CA GLU A 61 -0.46 9.13 2.08
C GLU A 61 -0.54 8.25 0.82
N LYS A 62 -1.58 8.46 0.03
CA LYS A 62 -1.78 7.69 -1.19
C LYS A 62 -0.62 7.92 -2.16
N GLU A 63 -0.20 9.17 -2.28
CA GLU A 63 0.90 9.53 -3.18
C GLU A 63 2.21 8.89 -2.72
N LYS A 64 2.58 9.15 -1.46
CA LYS A 64 3.81 8.60 -0.90
C LYS A 64 3.78 7.08 -0.93
N LEU A 65 2.77 6.50 -0.30
CA LEU A 65 2.62 5.05 -0.25
C LEU A 65 2.85 4.43 -1.63
N PHE A 66 2.12 4.92 -2.62
CA PHE A 66 2.25 4.41 -3.98
C PHE A 66 3.71 4.41 -4.43
N ASN A 67 4.33 5.58 -4.41
CA ASN A 67 5.73 5.71 -4.81
C ASN A 67 6.59 4.65 -4.14
N GLU A 68 6.41 4.48 -2.83
CA GLU A 68 7.18 3.50 -2.07
C GLU A 68 7.07 2.13 -2.72
N HIS A 69 5.87 1.75 -3.11
CA HIS A 69 5.63 0.46 -3.75
C HIS A 69 6.43 0.34 -5.04
N ILE A 70 6.28 1.32 -5.91
CA ILE A 70 6.99 1.32 -7.20
C ILE A 70 8.49 1.16 -6.98
N GLU A 71 9.11 2.16 -6.37
CA GLU A 71 10.54 2.13 -6.10
C GLU A 71 10.96 0.79 -5.52
N ALA A 72 10.17 0.29 -4.58
CA ALA A 72 10.46 -0.99 -3.94
C ALA A 72 10.61 -2.10 -4.97
N LEU A 73 9.70 -2.14 -5.93
CA LEU A 73 9.74 -3.15 -6.99
C LEU A 73 11.04 -3.08 -7.77
N THR A 74 11.36 -1.89 -8.28
CA THR A 74 12.57 -1.68 -9.05
C THR A 74 13.81 -1.89 -8.18
N LYS A 75 14.01 -1.00 -7.22
CA LYS A 75 15.15 -1.09 -6.31
C LYS A 75 15.50 -2.53 -6.01
N LYS A 76 14.49 -3.34 -5.73
CA LYS A 76 14.69 -4.75 -5.42
C LYS A 76 15.12 -5.52 -6.67
N LYS A 77 14.28 -5.49 -7.70
CA LYS A 77 14.58 -6.18 -8.95
C LYS A 77 16.00 -5.88 -9.42
N ARG A 78 16.78 -6.93 -9.64
CA ARG A 78 18.17 -6.77 -10.08
C ARG A 78 18.38 -7.45 -11.43
N GLU A 79 19.49 -7.12 -12.08
CA GLU A 79 19.81 -7.71 -13.38
C GLU A 79 19.64 -9.22 -13.36
N SER A 80 18.61 -9.71 -14.05
CA SER A 80 18.34 -11.14 -14.10
C SER A 80 18.08 -11.69 -12.71
N GLY A 81 17.28 -10.96 -11.93
CA GLY A 81 16.96 -11.40 -10.58
C GLY A 81 15.57 -12.02 -10.49
N PRO A 82 15.36 -12.84 -9.45
CA PRO A 82 14.08 -13.50 -9.23
C PRO A 82 12.98 -12.52 -8.80
N SER A 83 11.74 -13.00 -8.81
CA SER A 83 10.61 -12.17 -8.43
C SER A 83 9.51 -13.00 -7.76
N SER A 84 8.52 -12.32 -7.21
CA SER A 84 7.41 -13.01 -6.53
C SER A 84 6.32 -13.37 -7.52
N GLY A 85 5.34 -14.15 -7.05
CA GLY A 85 4.25 -14.56 -7.91
C GLY A 85 3.18 -15.34 -7.16
N GLY A 1 7.71 -12.35 19.43
CA GLY A 1 7.30 -10.96 19.25
C GLY A 1 7.53 -10.13 20.50
N SER A 2 7.58 -8.81 20.32
CA SER A 2 7.81 -7.90 21.44
C SER A 2 6.51 -7.21 21.84
N SER A 3 5.89 -7.69 22.91
CA SER A 3 4.64 -7.12 23.39
C SER A 3 4.27 -7.69 24.75
N GLY A 4 3.51 -6.93 25.53
CA GLY A 4 3.09 -7.38 26.84
C GLY A 4 1.85 -6.68 27.33
N SER A 5 0.84 -6.61 26.47
CA SER A 5 -0.42 -5.95 26.81
C SER A 5 -0.17 -4.65 27.57
N SER A 6 0.81 -3.89 27.10
CA SER A 6 1.15 -2.61 27.74
C SER A 6 0.27 -1.49 27.22
N GLY A 7 -0.81 -1.21 27.95
CA GLY A 7 -1.73 -0.16 27.54
C GLY A 7 -2.15 -0.29 26.09
N ASP A 8 -2.64 0.81 25.53
CA ASP A 8 -3.08 0.83 24.13
C ASP A 8 -2.07 1.54 23.24
N ARG A 9 -1.34 0.76 22.46
CA ARG A 9 -0.33 1.31 21.56
C ARG A 9 -0.84 1.32 20.12
N GLU A 10 -1.46 0.22 19.70
CA GLU A 10 -1.98 0.11 18.35
C GLU A 10 -3.51 0.04 18.37
N ARG A 11 -4.05 -0.79 19.24
CA ARG A 11 -5.49 -0.96 19.35
C ARG A 11 -6.20 0.41 19.32
N GLU A 12 -5.47 1.44 19.72
CA GLU A 12 -6.01 2.80 19.74
C GLU A 12 -6.35 3.26 18.33
N GLN A 13 -5.33 3.41 17.50
CA GLN A 13 -5.52 3.85 16.12
C GLN A 13 -5.41 2.69 15.14
N HIS A 14 -6.18 1.64 15.40
CA HIS A 14 -6.16 0.45 14.54
C HIS A 14 -7.04 0.66 13.31
N LYS A 15 -8.21 1.25 13.51
CA LYS A 15 -9.14 1.52 12.43
C LYS A 15 -8.39 1.97 11.17
N ARG A 16 -7.37 2.80 11.36
CA ARG A 16 -6.59 3.30 10.24
C ARG A 16 -5.56 2.26 9.79
N GLU A 17 -4.86 1.66 10.75
CA GLU A 17 -3.86 0.65 10.43
C GLU A 17 -4.33 -0.26 9.31
N GLU A 18 -5.54 -0.80 9.46
CA GLU A 18 -6.10 -1.69 8.44
C GLU A 18 -6.01 -1.06 7.06
N ALA A 19 -6.54 0.15 6.92
CA ALA A 19 -6.52 0.85 5.65
C ALA A 19 -5.11 0.91 5.07
N ILE A 20 -4.15 1.27 5.93
CA ILE A 20 -2.76 1.36 5.50
C ILE A 20 -2.29 0.06 4.86
N GLN A 21 -2.21 -1.00 5.66
CA GLN A 21 -1.78 -2.30 5.18
C GLN A 21 -2.56 -2.70 3.93
N ASN A 22 -3.88 -2.67 4.03
CA ASN A 22 -4.74 -3.02 2.92
C ASN A 22 -4.39 -2.22 1.67
N PHE A 23 -4.00 -0.96 1.87
CA PHE A 23 -3.64 -0.09 0.77
C PHE A 23 -2.43 -0.63 0.02
N LYS A 24 -1.35 -0.91 0.75
CA LYS A 24 -0.13 -1.44 0.16
C LYS A 24 -0.42 -2.68 -0.67
N ALA A 25 -1.06 -3.67 -0.04
CA ALA A 25 -1.40 -4.90 -0.73
C ALA A 25 -2.16 -4.63 -2.02
N LEU A 26 -3.13 -3.72 -1.95
CA LEU A 26 -3.94 -3.36 -3.11
C LEU A 26 -3.06 -2.76 -4.21
N LEU A 27 -2.19 -1.84 -3.82
CA LEU A 27 -1.30 -1.17 -4.77
C LEU A 27 -0.49 -2.20 -5.56
N SER A 28 -0.03 -3.24 -4.87
CA SER A 28 0.76 -4.29 -5.51
C SER A 28 -0.09 -5.09 -6.48
N ASP A 29 -1.30 -5.43 -6.06
CA ASP A 29 -2.22 -6.20 -6.89
C ASP A 29 -2.57 -5.42 -8.16
N MET A 30 -3.24 -4.29 -7.98
CA MET A 30 -3.64 -3.45 -9.11
C MET A 30 -2.42 -2.97 -9.90
N VAL A 31 -1.41 -2.51 -9.19
CA VAL A 31 -0.18 -2.02 -9.81
C VAL A 31 0.97 -3.01 -9.60
N ARG A 32 1.09 -3.97 -10.50
CA ARG A 32 2.15 -4.97 -10.42
C ARG A 32 3.41 -4.48 -11.11
N SER A 33 3.31 -3.37 -11.83
CA SER A 33 4.43 -2.80 -12.54
C SER A 33 5.06 -1.65 -11.75
N SER A 34 6.06 -1.01 -12.34
CA SER A 34 6.74 0.11 -11.69
C SER A 34 6.78 1.33 -12.59
N ASP A 35 6.82 1.08 -13.90
CA ASP A 35 6.85 2.17 -14.88
C ASP A 35 5.45 2.71 -15.14
N VAL A 36 4.69 2.92 -14.07
CA VAL A 36 3.34 3.44 -14.18
C VAL A 36 3.27 4.92 -13.81
N SER A 37 2.06 5.47 -13.80
CA SER A 37 1.87 6.88 -13.46
C SER A 37 0.87 7.04 -12.33
N TRP A 38 1.22 7.87 -11.36
CA TRP A 38 0.36 8.12 -10.21
C TRP A 38 -1.10 8.26 -10.64
N SER A 39 -1.34 9.17 -11.57
CA SER A 39 -2.69 9.41 -12.08
C SER A 39 -3.36 8.10 -12.48
N ASP A 40 -2.75 7.40 -13.43
CA ASP A 40 -3.28 6.13 -13.92
C ASP A 40 -3.75 5.26 -12.75
N THR A 41 -2.86 5.04 -11.80
CA THR A 41 -3.18 4.22 -10.63
C THR A 41 -4.46 4.71 -9.94
N ARG A 42 -4.40 5.94 -9.43
CA ARG A 42 -5.56 6.53 -8.76
C ARG A 42 -6.85 6.17 -9.47
N ARG A 43 -6.86 6.37 -10.79
CA ARG A 43 -8.04 6.07 -11.60
C ARG A 43 -8.39 4.58 -11.52
N THR A 44 -7.35 3.74 -11.42
CA THR A 44 -7.56 2.30 -11.34
C THR A 44 -8.14 1.90 -9.99
N LEU A 45 -7.56 2.43 -8.93
CA LEU A 45 -8.03 2.12 -7.58
C LEU A 45 -9.42 2.70 -7.33
N ARG A 46 -9.59 3.97 -7.67
CA ARG A 46 -10.88 4.64 -7.49
C ARG A 46 -12.03 3.68 -7.73
N LYS A 47 -12.06 3.08 -8.92
CA LYS A 47 -13.10 2.14 -9.27
C LYS A 47 -13.10 0.93 -8.33
N ASP A 48 -11.91 0.47 -7.98
CA ASP A 48 -11.76 -0.67 -7.08
C ASP A 48 -12.71 -0.55 -5.90
N HIS A 49 -12.97 -1.67 -5.23
CA HIS A 49 -13.87 -1.69 -4.08
C HIS A 49 -13.11 -1.35 -2.81
N ARG A 50 -12.05 -2.11 -2.52
CA ARG A 50 -11.25 -1.89 -1.32
C ARG A 50 -10.89 -0.41 -1.18
N TRP A 51 -10.72 0.27 -2.31
CA TRP A 51 -10.39 1.69 -2.31
C TRP A 51 -11.23 2.45 -1.28
N GLU A 52 -12.45 1.97 -1.06
CA GLU A 52 -13.36 2.60 -0.11
C GLU A 52 -12.67 2.83 1.23
N SER A 53 -12.14 1.75 1.81
CA SER A 53 -11.46 1.82 3.10
C SER A 53 -10.27 2.79 3.03
N GLY A 54 -9.54 2.73 1.92
CA GLY A 54 -8.39 3.59 1.74
C GLY A 54 -8.72 5.06 1.95
N SER A 55 -10.02 5.36 1.96
CA SER A 55 -10.47 6.74 2.15
C SER A 55 -9.79 7.38 3.35
N LEU A 56 -9.75 6.66 4.46
CA LEU A 56 -9.13 7.16 5.68
C LEU A 56 -7.85 7.94 5.36
N LEU A 57 -6.97 7.32 4.59
CA LEU A 57 -5.71 7.96 4.20
C LEU A 57 -5.97 9.31 3.53
N GLU A 58 -4.89 10.01 3.19
CA GLU A 58 -5.00 11.30 2.54
C GLU A 58 -4.06 11.40 1.34
N ARG A 59 -4.39 12.27 0.39
CA ARG A 59 -3.59 12.45 -0.81
C ARG A 59 -2.11 12.29 -0.48
N GLU A 60 -1.68 12.85 0.65
CA GLU A 60 -0.29 12.78 1.07
C GLU A 60 0.15 11.32 1.21
N GLU A 61 -0.57 10.57 2.05
CA GLU A 61 -0.26 9.18 2.28
C GLU A 61 -0.39 8.36 0.99
N LYS A 62 -1.48 8.58 0.26
CA LYS A 62 -1.72 7.88 -0.99
C LYS A 62 -0.55 8.05 -1.95
N GLU A 63 -0.15 9.30 -2.16
CA GLU A 63 0.97 9.60 -3.06
C GLU A 63 2.25 8.95 -2.56
N LYS A 64 2.68 9.32 -1.37
CA LYS A 64 3.89 8.77 -0.78
C LYS A 64 3.88 7.24 -0.84
N LEU A 65 2.89 6.64 -0.21
CA LEU A 65 2.76 5.19 -0.19
C LEU A 65 3.04 4.60 -1.57
N PHE A 66 2.41 5.18 -2.59
CA PHE A 66 2.58 4.72 -3.95
C PHE A 66 4.06 4.69 -4.34
N ASN A 67 4.72 5.83 -4.21
CA ASN A 67 6.13 5.94 -4.56
C ASN A 67 6.93 4.81 -3.92
N GLU A 68 6.69 4.58 -2.63
CA GLU A 68 7.39 3.52 -1.90
C GLU A 68 7.22 2.18 -2.61
N HIS A 69 5.98 1.78 -2.84
CA HIS A 69 5.68 0.52 -3.50
C HIS A 69 6.54 0.35 -4.75
N ILE A 70 6.41 1.27 -5.70
CA ILE A 70 7.19 1.21 -6.92
C ILE A 70 8.66 0.93 -6.64
N GLU A 71 9.25 1.75 -5.79
CA GLU A 71 10.66 1.59 -5.42
C GLU A 71 10.93 0.18 -4.93
N ALA A 72 10.00 -0.38 -4.16
CA ALA A 72 10.14 -1.72 -3.64
C ALA A 72 10.27 -2.75 -4.76
N LEU A 73 9.36 -2.68 -5.72
CA LEU A 73 9.38 -3.60 -6.85
C LEU A 73 10.74 -3.61 -7.53
N THR A 74 11.19 -2.43 -7.94
CA THR A 74 12.49 -2.31 -8.60
C THR A 74 13.59 -2.99 -7.80
N LYS A 75 13.84 -2.48 -6.60
CA LYS A 75 14.86 -3.04 -5.72
C LYS A 75 14.95 -4.56 -5.89
N LYS A 76 13.84 -5.24 -5.60
CA LYS A 76 13.79 -6.69 -5.71
C LYS A 76 14.26 -7.14 -7.09
N LYS A 77 13.78 -6.47 -8.13
CA LYS A 77 14.17 -6.82 -9.50
C LYS A 77 15.63 -7.22 -9.57
N ARG A 78 16.49 -6.45 -8.91
CA ARG A 78 17.93 -6.74 -8.90
C ARG A 78 18.20 -8.09 -8.22
N GLU A 79 17.76 -8.21 -6.97
CA GLU A 79 17.96 -9.45 -6.22
C GLU A 79 16.65 -10.19 -6.03
N SER A 80 16.39 -11.17 -6.90
CA SER A 80 15.17 -11.96 -6.83
C SER A 80 15.24 -12.97 -5.70
N GLY A 81 14.07 -13.42 -5.25
CA GLY A 81 14.01 -14.39 -4.17
C GLY A 81 13.04 -15.53 -4.44
N PRO A 82 12.74 -16.32 -3.40
CA PRO A 82 11.82 -17.45 -3.52
C PRO A 82 10.38 -17.00 -3.72
N SER A 83 9.80 -17.36 -4.86
CA SER A 83 8.43 -16.99 -5.17
C SER A 83 7.50 -18.19 -5.02
N SER A 84 6.33 -17.95 -4.43
CA SER A 84 5.35 -19.01 -4.22
C SER A 84 4.12 -18.79 -5.10
N GLY A 85 3.88 -19.74 -6.02
CA GLY A 85 2.74 -19.64 -6.91
C GLY A 85 3.08 -20.04 -8.33
N GLY A 1 6.68 -0.99 15.34
CA GLY A 1 6.96 0.32 15.94
C GLY A 1 6.58 0.37 17.40
N SER A 2 5.29 0.20 17.68
CA SER A 2 4.79 0.25 19.06
C SER A 2 4.35 -1.14 19.51
N SER A 3 4.56 -1.43 20.79
CA SER A 3 4.19 -2.72 21.35
C SER A 3 3.10 -2.56 22.42
N GLY A 4 2.24 -3.57 22.55
CA GLY A 4 1.17 -3.52 23.52
C GLY A 4 -0.14 -4.01 22.96
N SER A 5 -0.15 -5.24 22.45
CA SER A 5 -1.34 -5.83 21.88
C SER A 5 -2.59 -5.38 22.64
N SER A 6 -3.69 -5.22 21.92
CA SER A 6 -4.95 -4.78 22.52
C SER A 6 -4.74 -3.52 23.36
N GLY A 7 -3.85 -2.65 22.90
CA GLY A 7 -3.57 -1.42 23.62
C GLY A 7 -4.56 -0.32 23.29
N ASP A 8 -4.51 0.76 24.07
CA ASP A 8 -5.41 1.89 23.86
C ASP A 8 -4.95 2.74 22.69
N ARG A 9 -3.65 3.07 22.67
CA ARG A 9 -3.08 3.89 21.61
C ARG A 9 -3.45 3.33 20.24
N GLU A 10 -3.40 2.01 20.11
CA GLU A 10 -3.72 1.35 18.85
C GLU A 10 -5.23 1.36 18.60
N ARG A 11 -5.98 0.71 19.49
CA ARG A 11 -7.43 0.63 19.37
C ARG A 11 -7.98 1.94 18.81
N GLU A 12 -7.50 3.07 19.33
CA GLU A 12 -7.96 4.37 18.89
C GLU A 12 -7.52 4.64 17.45
N GLN A 13 -6.27 4.30 17.15
CA GLN A 13 -5.73 4.51 15.81
C GLN A 13 -5.62 3.18 15.05
N HIS A 14 -6.66 2.36 15.17
CA HIS A 14 -6.69 1.07 14.50
C HIS A 14 -7.38 1.17 13.15
N LYS A 15 -8.58 1.76 13.14
CA LYS A 15 -9.34 1.92 11.92
C LYS A 15 -8.42 2.26 10.74
N ARG A 16 -7.44 3.12 11.00
CA ARG A 16 -6.49 3.53 9.97
C ARG A 16 -5.49 2.41 9.67
N GLU A 17 -5.00 1.77 10.73
CA GLU A 17 -4.03 0.69 10.58
C GLU A 17 -4.48 -0.30 9.52
N GLU A 18 -5.63 -0.93 9.75
CA GLU A 18 -6.17 -1.90 8.81
C GLU A 18 -6.16 -1.35 7.39
N ALA A 19 -6.54 -0.08 7.24
CA ALA A 19 -6.57 0.57 5.94
C ALA A 19 -5.17 0.63 5.32
N ILE A 20 -4.18 0.98 6.15
CA ILE A 20 -2.81 1.09 5.69
C ILE A 20 -2.35 -0.22 5.05
N GLN A 21 -2.38 -1.30 5.83
CA GLN A 21 -1.97 -2.61 5.36
C GLN A 21 -2.76 -3.01 4.12
N ASN A 22 -4.09 -3.02 4.24
CA ASN A 22 -4.96 -3.39 3.13
C ASN A 22 -4.62 -2.58 1.88
N PHE A 23 -4.37 -1.29 2.07
CA PHE A 23 -4.03 -0.40 0.97
C PHE A 23 -2.82 -0.92 0.20
N LYS A 24 -1.72 -1.12 0.92
CA LYS A 24 -0.49 -1.62 0.31
C LYS A 24 -0.76 -2.84 -0.55
N ALA A 25 -1.38 -3.86 0.05
CA ALA A 25 -1.70 -5.09 -0.66
C ALA A 25 -2.46 -4.79 -1.94
N LEU A 26 -3.40 -3.85 -1.87
CA LEU A 26 -4.20 -3.47 -3.03
C LEU A 26 -3.33 -2.87 -4.13
N LEU A 27 -2.31 -2.11 -3.73
CA LEU A 27 -1.41 -1.49 -4.68
C LEU A 27 -0.60 -2.54 -5.42
N SER A 28 -0.23 -3.60 -4.72
CA SER A 28 0.56 -4.68 -5.31
C SER A 28 -0.34 -5.64 -6.08
N ASP A 29 -1.57 -5.77 -5.63
CA ASP A 29 -2.54 -6.66 -6.27
C ASP A 29 -2.98 -6.09 -7.62
N MET A 30 -3.18 -4.78 -7.68
CA MET A 30 -3.59 -4.12 -8.90
C MET A 30 -2.40 -3.54 -9.65
N VAL A 31 -1.75 -2.55 -9.05
CA VAL A 31 -0.58 -1.92 -9.66
C VAL A 31 0.68 -2.70 -9.36
N ARG A 32 0.84 -3.85 -10.01
CA ARG A 32 2.01 -4.69 -9.81
C ARG A 32 3.16 -4.23 -10.70
N SER A 33 2.88 -3.28 -11.59
CA SER A 33 3.90 -2.76 -12.50
C SER A 33 4.74 -1.68 -11.81
N SER A 34 5.93 -1.44 -12.35
CA SER A 34 6.83 -0.44 -11.79
C SER A 34 7.09 0.68 -12.79
N ASP A 35 6.37 0.65 -13.91
CA ASP A 35 6.51 1.66 -14.95
C ASP A 35 5.23 2.47 -15.11
N VAL A 36 4.66 2.89 -13.98
CA VAL A 36 3.43 3.67 -13.99
C VAL A 36 3.57 4.94 -13.16
N SER A 37 2.56 5.81 -13.23
CA SER A 37 2.59 7.06 -12.49
C SER A 37 1.37 7.17 -11.56
N TRP A 38 1.50 7.99 -10.54
CA TRP A 38 0.41 8.19 -9.58
C TRP A 38 -0.93 8.25 -10.29
N SER A 39 -1.09 9.22 -11.17
CA SER A 39 -2.33 9.40 -11.91
C SER A 39 -2.96 8.04 -12.24
N ASP A 40 -2.32 7.30 -13.13
CA ASP A 40 -2.82 5.99 -13.53
C ASP A 40 -3.28 5.18 -12.32
N THR A 41 -2.45 5.16 -11.28
CA THR A 41 -2.78 4.44 -10.05
C THR A 41 -4.07 4.95 -9.43
N ARG A 42 -4.04 6.20 -8.97
CA ARG A 42 -5.21 6.80 -8.35
C ARG A 42 -6.49 6.34 -9.03
N ARG A 43 -6.52 6.46 -10.35
CA ARG A 43 -7.69 6.05 -11.13
C ARG A 43 -7.93 4.55 -11.02
N THR A 44 -6.95 3.77 -11.46
CA THR A 44 -7.06 2.32 -11.40
C THR A 44 -7.70 1.86 -10.10
N LEU A 45 -7.32 2.49 -9.00
CA LEU A 45 -7.86 2.15 -7.69
C LEU A 45 -9.28 2.69 -7.54
N ARG A 46 -9.49 3.93 -7.95
CA ARG A 46 -10.80 4.55 -7.85
C ARG A 46 -11.90 3.58 -8.30
N LYS A 47 -11.55 2.68 -9.21
CA LYS A 47 -12.50 1.70 -9.71
C LYS A 47 -12.63 0.53 -8.75
N ASP A 48 -11.54 0.20 -8.07
CA ASP A 48 -11.54 -0.90 -7.12
C ASP A 48 -12.55 -0.65 -6.00
N HIS A 49 -12.84 -1.70 -5.24
CA HIS A 49 -13.80 -1.60 -4.14
C HIS A 49 -13.09 -1.17 -2.85
N ARG A 50 -12.00 -1.87 -2.53
CA ARG A 50 -11.24 -1.56 -1.33
C ARG A 50 -10.87 -0.08 -1.26
N TRP A 51 -10.67 0.51 -2.44
CA TRP A 51 -10.32 1.93 -2.53
C TRP A 51 -11.13 2.76 -1.54
N GLU A 52 -12.35 2.32 -1.26
CA GLU A 52 -13.22 3.02 -0.33
C GLU A 52 -12.55 3.19 1.03
N SER A 53 -12.01 2.09 1.56
CA SER A 53 -11.34 2.12 2.85
C SER A 53 -10.08 2.97 2.79
N GLY A 54 -9.41 2.95 1.64
CA GLY A 54 -8.19 3.72 1.47
C GLY A 54 -8.41 5.21 1.69
N SER A 55 -9.68 5.62 1.70
CA SER A 55 -10.02 7.02 1.90
C SER A 55 -9.34 7.57 3.16
N LEU A 56 -9.35 6.79 4.22
CA LEU A 56 -8.73 7.20 5.49
C LEU A 56 -7.39 7.88 5.23
N LEU A 57 -6.62 7.34 4.30
CA LEU A 57 -5.31 7.89 3.97
C LEU A 57 -5.46 9.13 3.08
N GLU A 58 -4.98 10.26 3.59
CA GLU A 58 -5.06 11.52 2.85
C GLU A 58 -4.31 11.42 1.53
N ARG A 59 -4.70 12.25 0.57
CA ARG A 59 -4.06 12.25 -0.75
C ARG A 59 -2.54 12.19 -0.61
N GLU A 60 -2.01 12.86 0.42
CA GLU A 60 -0.57 12.87 0.66
C GLU A 60 -0.07 11.48 1.03
N GLU A 61 -0.84 10.79 1.87
CA GLU A 61 -0.46 9.45 2.33
C GLU A 61 -0.62 8.44 1.19
N LYS A 62 -1.63 8.65 0.36
CA LYS A 62 -1.89 7.75 -0.77
C LYS A 62 -0.75 7.82 -1.78
N GLU A 63 -0.43 9.03 -2.21
CA GLU A 63 0.64 9.23 -3.19
C GLU A 63 1.97 8.67 -2.66
N LYS A 64 2.37 9.14 -1.48
CA LYS A 64 3.61 8.68 -0.87
C LYS A 64 3.74 7.16 -0.95
N LEU A 65 2.75 6.47 -0.41
CA LEU A 65 2.76 5.00 -0.42
C LEU A 65 3.04 4.47 -1.83
N PHE A 66 2.27 4.93 -2.80
CA PHE A 66 2.45 4.51 -4.18
C PHE A 66 3.91 4.64 -4.61
N ASN A 67 4.44 5.85 -4.47
CA ASN A 67 5.82 6.11 -4.85
C ASN A 67 6.76 5.04 -4.31
N GLU A 68 6.55 4.68 -3.04
CA GLU A 68 7.37 3.65 -2.39
C GLU A 68 7.20 2.31 -3.09
N HIS A 69 5.96 1.85 -3.21
CA HIS A 69 5.67 0.58 -3.84
C HIS A 69 6.47 0.42 -5.13
N ILE A 70 6.36 1.41 -6.02
CA ILE A 70 7.08 1.38 -7.29
C ILE A 70 8.59 1.30 -7.06
N GLU A 71 9.12 2.24 -6.30
CA GLU A 71 10.55 2.27 -6.01
C GLU A 71 11.00 0.96 -5.38
N ALA A 72 10.06 0.18 -4.88
CA ALA A 72 10.36 -1.10 -4.25
C ALA A 72 10.38 -2.22 -5.28
N LEU A 73 9.51 -2.12 -6.28
CA LEU A 73 9.43 -3.13 -7.33
C LEU A 73 10.53 -2.92 -8.37
N THR A 74 11.23 -1.80 -8.27
CA THR A 74 12.30 -1.48 -9.19
C THR A 74 13.64 -2.05 -8.71
N LYS A 75 13.98 -1.76 -7.46
CA LYS A 75 15.22 -2.23 -6.86
C LYS A 75 15.21 -3.76 -6.74
N LYS A 76 14.02 -4.32 -6.53
CA LYS A 76 13.87 -5.77 -6.39
C LYS A 76 13.92 -6.45 -7.75
N LYS A 77 13.48 -5.74 -8.78
CA LYS A 77 13.49 -6.28 -10.14
C LYS A 77 14.81 -7.00 -10.43
N ARG A 78 14.70 -8.19 -11.01
CA ARG A 78 15.87 -8.99 -11.34
C ARG A 78 16.82 -8.20 -12.25
N GLU A 79 16.28 -7.63 -13.32
CA GLU A 79 17.07 -6.85 -14.26
C GLU A 79 17.67 -5.63 -13.59
N SER A 80 18.89 -5.77 -13.10
CA SER A 80 19.59 -4.69 -12.43
C SER A 80 19.25 -3.34 -13.07
N GLY A 81 19.14 -2.31 -12.25
CA GLY A 81 18.83 -0.99 -12.76
C GLY A 81 18.52 0.01 -11.66
N PRO A 82 19.52 0.28 -10.81
CA PRO A 82 19.37 1.22 -9.69
C PRO A 82 19.22 2.67 -10.15
N SER A 83 19.98 3.03 -11.18
CA SER A 83 19.94 4.39 -11.72
C SER A 83 19.93 5.42 -10.60
N SER A 84 20.75 5.18 -9.59
CA SER A 84 20.83 6.10 -8.45
C SER A 84 21.36 7.46 -8.87
N GLY A 85 20.58 8.50 -8.63
CA GLY A 85 20.98 9.85 -9.01
C GLY A 85 20.27 10.90 -8.19
N GLY A 1 2.52 -18.05 31.96
CA GLY A 1 2.03 -17.45 33.19
C GLY A 1 0.61 -16.94 33.04
N SER A 2 0.47 -15.74 32.49
CA SER A 2 -0.85 -15.12 32.30
C SER A 2 -0.81 -14.10 31.17
N SER A 3 -1.64 -14.33 30.16
CA SER A 3 -1.70 -13.43 29.01
C SER A 3 -3.13 -13.34 28.47
N GLY A 4 -3.67 -12.13 28.47
CA GLY A 4 -5.03 -11.93 27.97
C GLY A 4 -5.42 -10.47 27.94
N SER A 5 -5.93 -10.02 26.80
CA SER A 5 -6.35 -8.63 26.64
C SER A 5 -7.87 -8.50 26.76
N SER A 6 -8.33 -7.27 26.97
CA SER A 6 -9.76 -7.01 27.10
C SER A 6 -10.17 -5.79 26.29
N GLY A 7 -11.42 -5.76 25.86
CA GLY A 7 -11.92 -4.64 25.07
C GLY A 7 -10.96 -4.24 23.97
N ASP A 8 -10.88 -2.94 23.71
CA ASP A 8 -9.99 -2.42 22.67
C ASP A 8 -8.88 -1.58 23.28
N ARG A 9 -8.34 -2.04 24.39
CA ARG A 9 -7.26 -1.33 25.08
C ARG A 9 -6.05 -1.16 24.17
N GLU A 10 -5.51 -2.27 23.70
CA GLU A 10 -4.34 -2.25 22.82
C GLU A 10 -4.66 -1.51 21.52
N ARG A 11 -5.61 -2.05 20.76
CA ARG A 11 -6.01 -1.43 19.50
C ARG A 11 -6.55 -0.03 19.71
N GLU A 12 -5.67 0.96 19.61
CA GLU A 12 -6.07 2.35 19.79
C GLU A 12 -6.31 3.04 18.45
N GLN A 13 -5.35 2.90 17.54
CA GLN A 13 -5.46 3.50 16.22
C GLN A 13 -5.53 2.44 15.14
N HIS A 14 -6.33 1.40 15.39
CA HIS A 14 -6.50 0.31 14.43
C HIS A 14 -7.39 0.73 13.27
N LYS A 15 -8.45 1.48 13.59
CA LYS A 15 -9.39 1.95 12.57
C LYS A 15 -8.65 2.35 11.30
N ARG A 16 -7.47 2.93 11.46
CA ARG A 16 -6.67 3.37 10.33
C ARG A 16 -5.76 2.24 9.84
N GLU A 17 -5.11 1.56 10.78
CA GLU A 17 -4.21 0.46 10.44
C GLU A 17 -4.78 -0.37 9.30
N GLU A 18 -5.93 -1.01 9.54
CA GLU A 18 -6.58 -1.84 8.54
C GLU A 18 -6.50 -1.18 7.16
N ALA A 19 -6.85 0.11 7.09
CA ALA A 19 -6.81 0.85 5.84
C ALA A 19 -5.40 0.90 5.27
N ILE A 20 -4.44 1.21 6.13
CA ILE A 20 -3.04 1.30 5.70
C ILE A 20 -2.60 0.01 5.00
N GLN A 21 -2.57 -1.08 5.75
CA GLN A 21 -2.16 -2.37 5.21
C GLN A 21 -2.95 -2.70 3.95
N ASN A 22 -4.27 -2.62 4.04
CA ASN A 22 -5.14 -2.91 2.91
C ASN A 22 -4.69 -2.12 1.67
N PHE A 23 -4.33 -0.86 1.88
CA PHE A 23 -3.88 -0.01 0.79
C PHE A 23 -2.64 -0.59 0.11
N LYS A 24 -1.59 -0.78 0.89
CA LYS A 24 -0.33 -1.32 0.37
C LYS A 24 -0.61 -2.58 -0.46
N ALA A 25 -1.34 -3.52 0.12
CA ALA A 25 -1.66 -4.77 -0.55
C ALA A 25 -2.38 -4.50 -1.87
N LEU A 26 -3.26 -3.53 -1.87
CA LEU A 26 -4.02 -3.17 -3.07
C LEU A 26 -3.09 -2.59 -4.14
N LEU A 27 -2.17 -1.75 -3.72
CA LEU A 27 -1.22 -1.13 -4.64
C LEU A 27 -0.44 -2.19 -5.42
N SER A 28 0.09 -3.17 -4.70
CA SER A 28 0.85 -4.25 -5.32
C SER A 28 -0.05 -5.13 -6.17
N ASP A 29 -1.14 -5.58 -5.58
CA ASP A 29 -2.10 -6.45 -6.27
C ASP A 29 -2.52 -5.82 -7.60
N MET A 30 -3.12 -4.64 -7.54
CA MET A 30 -3.57 -3.95 -8.74
C MET A 30 -2.37 -3.38 -9.51
N VAL A 31 -1.59 -2.54 -8.84
CA VAL A 31 -0.42 -1.94 -9.47
C VAL A 31 0.85 -2.71 -9.14
N ARG A 32 1.10 -3.78 -9.88
CA ARG A 32 2.27 -4.61 -9.66
C ARG A 32 3.42 -4.17 -10.57
N SER A 33 3.12 -3.31 -11.53
CA SER A 33 4.12 -2.81 -12.46
C SER A 33 4.94 -1.71 -11.82
N SER A 34 5.98 -1.26 -12.53
CA SER A 34 6.86 -0.20 -12.04
C SER A 34 6.80 1.03 -12.94
N ASP A 35 6.40 0.81 -14.19
CA ASP A 35 6.30 1.90 -15.16
C ASP A 35 4.90 2.49 -15.17
N VAL A 36 4.36 2.74 -13.97
CA VAL A 36 3.03 3.31 -13.84
C VAL A 36 3.08 4.66 -13.14
N SER A 37 2.21 5.58 -13.56
CA SER A 37 2.17 6.90 -12.98
C SER A 37 1.13 6.97 -11.85
N TRP A 38 1.35 7.87 -10.91
CA TRP A 38 0.43 8.03 -9.78
C TRP A 38 -1.00 8.21 -10.26
N SER A 39 -1.16 8.94 -11.36
CA SER A 39 -2.48 9.19 -11.93
C SER A 39 -3.10 7.90 -12.46
N ASP A 40 -2.32 7.17 -13.26
CA ASP A 40 -2.80 5.91 -13.83
C ASP A 40 -3.35 5.00 -12.76
N THR A 41 -2.65 4.91 -11.63
CA THR A 41 -3.07 4.07 -10.52
C THR A 41 -4.32 4.63 -9.85
N ARG A 42 -4.23 5.87 -9.39
CA ARG A 42 -5.36 6.52 -8.73
C ARG A 42 -6.68 6.13 -9.39
N ARG A 43 -6.78 6.35 -10.69
CA ARG A 43 -7.98 6.02 -11.44
C ARG A 43 -8.24 4.52 -11.42
N THR A 44 -7.21 3.74 -11.74
CA THR A 44 -7.33 2.29 -11.77
C THR A 44 -7.96 1.77 -10.48
N LEU A 45 -7.55 2.33 -9.36
CA LEU A 45 -8.08 1.93 -8.06
C LEU A 45 -9.48 2.48 -7.84
N ARG A 46 -9.67 3.76 -8.17
CA ARG A 46 -10.97 4.40 -8.02
C ARG A 46 -12.10 3.43 -8.35
N LYS A 47 -11.92 2.67 -9.43
CA LYS A 47 -12.93 1.70 -9.85
C LYS A 47 -13.10 0.60 -8.82
N ASP A 48 -11.98 0.12 -8.27
CA ASP A 48 -11.99 -0.93 -7.26
C ASP A 48 -12.91 -0.56 -6.10
N HIS A 49 -13.18 -1.52 -5.23
CA HIS A 49 -14.04 -1.29 -4.07
C HIS A 49 -13.21 -0.99 -2.83
N ARG A 50 -12.22 -1.84 -2.56
CA ARG A 50 -11.35 -1.66 -1.40
C ARG A 50 -10.98 -0.19 -1.22
N TRP A 51 -10.61 0.45 -2.32
CA TRP A 51 -10.22 1.85 -2.29
C TRP A 51 -11.03 2.62 -1.26
N GLU A 52 -12.34 2.37 -1.24
CA GLU A 52 -13.24 3.04 -0.30
C GLU A 52 -12.58 3.18 1.07
N SER A 53 -12.10 2.06 1.61
CA SER A 53 -11.44 2.06 2.92
C SER A 53 -10.21 2.96 2.91
N GLY A 54 -9.47 2.92 1.81
CA GLY A 54 -8.27 3.74 1.69
C GLY A 54 -8.54 5.21 1.96
N SER A 55 -9.80 5.58 1.95
CA SER A 55 -10.20 6.96 2.19
C SER A 55 -9.57 7.50 3.47
N LEU A 56 -9.63 6.69 4.53
CA LEU A 56 -9.07 7.07 5.82
C LEU A 56 -7.75 7.83 5.64
N LEU A 57 -6.87 7.29 4.81
CA LEU A 57 -5.58 7.92 4.54
C LEU A 57 -5.76 9.29 3.90
N GLU A 58 -4.65 9.95 3.62
CA GLU A 58 -4.68 11.28 3.01
C GLU A 58 -3.86 11.31 1.72
N ARG A 59 -4.25 12.18 0.79
CA ARG A 59 -3.57 12.30 -0.48
C ARG A 59 -2.06 12.09 -0.30
N GLU A 60 -1.49 12.74 0.71
CA GLU A 60 -0.06 12.63 0.98
C GLU A 60 0.32 11.16 1.24
N GLU A 61 -0.33 10.54 2.21
CA GLU A 61 -0.05 9.15 2.54
C GLU A 61 -0.25 8.25 1.32
N LYS A 62 -1.35 8.45 0.62
CA LYS A 62 -1.66 7.65 -0.58
C LYS A 62 -0.52 7.74 -1.59
N GLU A 63 -0.22 8.96 -2.03
CA GLU A 63 0.84 9.19 -3.00
C GLU A 63 2.16 8.59 -2.52
N LYS A 64 2.54 8.94 -1.29
CA LYS A 64 3.78 8.44 -0.72
C LYS A 64 3.87 6.92 -0.82
N LEU A 65 2.87 6.24 -0.26
CA LEU A 65 2.82 4.78 -0.29
C LEU A 65 3.12 4.26 -1.70
N PHE A 66 2.34 4.72 -2.67
CA PHE A 66 2.52 4.30 -4.05
C PHE A 66 3.97 4.46 -4.49
N ASN A 67 4.45 5.71 -4.47
CA ASN A 67 5.82 6.00 -4.87
C ASN A 67 6.79 4.99 -4.26
N GLU A 68 6.57 4.65 -3.00
CA GLU A 68 7.43 3.69 -2.30
C GLU A 68 7.35 2.31 -2.96
N HIS A 69 6.13 1.86 -3.23
CA HIS A 69 5.91 0.56 -3.86
C HIS A 69 6.74 0.44 -5.12
N ILE A 70 6.55 1.36 -6.05
CA ILE A 70 7.29 1.35 -7.32
C ILE A 70 8.79 1.29 -7.07
N GLU A 71 9.29 2.24 -6.29
CA GLU A 71 10.72 2.29 -5.98
C GLU A 71 11.22 0.94 -5.48
N ALA A 72 10.33 0.18 -4.86
CA ALA A 72 10.69 -1.14 -4.34
C ALA A 72 10.80 -2.16 -5.47
N LEU A 73 9.73 -2.30 -6.25
CA LEU A 73 9.71 -3.24 -7.37
C LEU A 73 10.94 -3.07 -8.25
N THR A 74 11.41 -1.83 -8.37
CA THR A 74 12.58 -1.54 -9.18
C THR A 74 13.87 -1.92 -8.45
N LYS A 75 14.10 -1.29 -7.29
CA LYS A 75 15.29 -1.56 -6.50
C LYS A 75 15.58 -3.06 -6.44
N LYS A 76 14.59 -3.82 -5.96
CA LYS A 76 14.73 -5.27 -5.86
C LYS A 76 15.31 -5.86 -7.14
N LYS A 77 14.65 -5.59 -8.26
CA LYS A 77 15.10 -6.08 -9.56
C LYS A 77 16.57 -5.74 -9.79
N ARG A 78 17.41 -6.76 -9.75
CA ARG A 78 18.85 -6.57 -9.97
C ARG A 78 19.41 -7.66 -10.88
N GLU A 79 19.89 -7.24 -12.05
CA GLU A 79 20.46 -8.17 -13.02
C GLU A 79 21.85 -8.62 -12.59
N SER A 80 21.92 -9.70 -11.82
CA SER A 80 23.19 -10.22 -11.34
C SER A 80 23.03 -11.63 -10.77
N GLY A 81 24.07 -12.44 -10.90
CA GLY A 81 24.02 -13.80 -10.39
C GLY A 81 24.89 -14.00 -9.17
N PRO A 82 24.63 -15.08 -8.42
CA PRO A 82 25.38 -15.41 -7.20
C PRO A 82 26.81 -15.84 -7.51
N SER A 83 27.79 -15.08 -7.01
CA SER A 83 29.18 -15.39 -7.23
C SER A 83 29.47 -16.87 -6.96
N SER A 84 29.08 -17.32 -5.77
CA SER A 84 29.30 -18.71 -5.38
C SER A 84 30.66 -19.21 -5.85
N GLY A 85 31.67 -18.37 -5.71
CA GLY A 85 33.01 -18.73 -6.13
C GLY A 85 33.74 -19.56 -5.09
N GLY A 1 13.12 -8.09 24.95
CA GLY A 1 13.31 -8.49 23.58
C GLY A 1 12.06 -8.34 22.74
N SER A 2 11.33 -9.44 22.56
CA SER A 2 10.10 -9.43 21.78
C SER A 2 8.94 -8.85 22.58
N SER A 3 8.58 -7.60 22.27
CA SER A 3 7.49 -6.92 22.97
C SER A 3 6.14 -7.34 22.40
N GLY A 4 5.24 -7.78 23.28
CA GLY A 4 3.92 -8.20 22.85
C GLY A 4 2.86 -7.95 23.91
N SER A 5 1.63 -8.36 23.61
CA SER A 5 0.52 -8.17 24.54
C SER A 5 -0.47 -9.32 24.44
N SER A 6 -0.55 -10.12 25.50
CA SER A 6 -1.45 -11.26 25.53
C SER A 6 -2.79 -10.91 24.87
N GLY A 7 -3.47 -9.92 25.42
CA GLY A 7 -4.75 -9.51 24.87
C GLY A 7 -4.62 -8.93 23.48
N ASP A 8 -5.33 -7.82 23.23
CA ASP A 8 -5.29 -7.16 21.93
C ASP A 8 -4.83 -5.71 22.07
N ARG A 9 -3.66 -5.42 21.53
CA ARG A 9 -3.10 -4.07 21.59
C ARG A 9 -3.21 -3.37 20.24
N GLU A 10 -2.84 -4.08 19.18
CA GLU A 10 -2.88 -3.54 17.83
C GLU A 10 -4.31 -3.60 17.27
N ARG A 11 -4.94 -4.77 17.41
CA ARG A 11 -6.30 -4.95 16.92
C ARG A 11 -7.22 -3.83 17.39
N GLU A 12 -7.24 -3.61 18.70
CA GLU A 12 -8.07 -2.57 19.29
C GLU A 12 -7.88 -1.23 18.56
N GLN A 13 -6.64 -0.97 18.15
CA GLN A 13 -6.31 0.26 17.44
C GLN A 13 -6.05 -0.01 15.96
N HIS A 14 -6.82 -0.93 15.39
CA HIS A 14 -6.65 -1.30 13.99
C HIS A 14 -7.60 -0.47 13.11
N LYS A 15 -7.74 0.81 13.44
CA LYS A 15 -8.62 1.69 12.69
C LYS A 15 -7.93 2.17 11.41
N ARG A 16 -6.75 2.77 11.57
CA ARG A 16 -5.99 3.28 10.43
C ARG A 16 -5.06 2.20 9.88
N GLU A 17 -4.38 1.50 10.78
CA GLU A 17 -3.46 0.43 10.38
C GLU A 17 -4.06 -0.42 9.27
N GLU A 18 -5.30 -0.86 9.47
CA GLU A 18 -5.98 -1.69 8.48
C GLU A 18 -5.93 -1.05 7.10
N ALA A 19 -6.18 0.26 7.06
CA ALA A 19 -6.15 1.00 5.80
C ALA A 19 -4.77 0.95 5.16
N ILE A 20 -3.74 1.09 5.99
CA ILE A 20 -2.37 1.07 5.49
C ILE A 20 -2.04 -0.26 4.82
N GLN A 21 -2.24 -1.35 5.55
CA GLN A 21 -1.98 -2.69 5.03
C GLN A 21 -2.88 -2.99 3.83
N ASN A 22 -4.14 -2.59 3.93
CA ASN A 22 -5.10 -2.82 2.86
C ASN A 22 -4.71 -2.07 1.60
N PHE A 23 -4.68 -0.73 1.69
CA PHE A 23 -4.32 0.10 0.56
C PHE A 23 -3.05 -0.41 -0.12
N LYS A 24 -1.99 -0.55 0.67
CA LYS A 24 -0.71 -1.04 0.16
C LYS A 24 -0.90 -2.32 -0.66
N ALA A 25 -1.36 -3.38 0.01
CA ALA A 25 -1.59 -4.65 -0.65
C ALA A 25 -2.35 -4.47 -1.96
N LEU A 26 -3.30 -3.54 -1.96
CA LEU A 26 -4.10 -3.27 -3.14
C LEU A 26 -3.25 -2.60 -4.23
N LEU A 27 -2.25 -1.85 -3.81
CA LEU A 27 -1.36 -1.16 -4.74
C LEU A 27 -0.48 -2.16 -5.49
N SER A 28 0.04 -3.14 -4.75
CA SER A 28 0.91 -4.15 -5.34
C SER A 28 0.10 -5.15 -6.17
N ASP A 29 -1.16 -5.34 -5.77
CA ASP A 29 -2.03 -6.27 -6.48
C ASP A 29 -2.53 -5.66 -7.79
N MET A 30 -2.88 -4.38 -7.74
CA MET A 30 -3.38 -3.68 -8.92
C MET A 30 -2.22 -3.15 -9.76
N VAL A 31 -1.21 -2.60 -9.09
CA VAL A 31 -0.03 -2.07 -9.78
C VAL A 31 1.13 -3.05 -9.73
N ARG A 32 1.09 -4.04 -10.61
CA ARG A 32 2.15 -5.04 -10.66
C ARG A 32 3.38 -4.49 -11.37
N SER A 33 3.22 -3.38 -12.07
CA SER A 33 4.31 -2.76 -12.79
C SER A 33 4.90 -1.59 -12.00
N SER A 34 5.95 -0.99 -12.54
CA SER A 34 6.62 0.13 -11.88
C SER A 34 6.71 1.33 -12.82
N ASP A 35 6.73 1.06 -14.11
CA ASP A 35 6.82 2.11 -15.12
C ASP A 35 5.46 2.76 -15.36
N VAL A 36 4.74 3.03 -14.28
CA VAL A 36 3.42 3.64 -14.36
C VAL A 36 3.43 5.04 -13.76
N SER A 37 2.27 5.70 -13.80
CA SER A 37 2.13 7.04 -13.27
C SER A 37 1.16 7.06 -12.09
N TRP A 38 1.33 8.03 -11.20
CA TRP A 38 0.47 8.15 -10.03
C TRP A 38 -1.00 8.25 -10.45
N SER A 39 -1.28 9.10 -11.43
CA SER A 39 -2.64 9.28 -11.91
C SER A 39 -3.24 7.95 -12.37
N ASP A 40 -2.57 7.31 -13.33
CA ASP A 40 -3.03 6.04 -13.86
C ASP A 40 -3.48 5.11 -12.73
N THR A 41 -2.61 4.92 -11.75
CA THR A 41 -2.92 4.05 -10.62
C THR A 41 -4.10 4.60 -9.82
N ARG A 42 -3.97 5.84 -9.34
CA ARG A 42 -5.03 6.47 -8.57
C ARG A 42 -6.40 6.11 -9.12
N ARG A 43 -6.64 6.49 -10.37
CA ARG A 43 -7.91 6.22 -11.02
C ARG A 43 -8.22 4.71 -11.00
N THR A 44 -7.20 3.90 -11.24
CA THR A 44 -7.35 2.46 -11.25
C THR A 44 -7.94 1.95 -9.94
N LEU A 45 -7.37 2.42 -8.83
CA LEU A 45 -7.84 2.02 -7.51
C LEU A 45 -9.25 2.54 -7.25
N ARG A 46 -9.43 3.83 -7.46
CA ARG A 46 -10.73 4.46 -7.24
C ARG A 46 -11.86 3.54 -7.69
N LYS A 47 -11.68 2.92 -8.85
CA LYS A 47 -12.70 2.01 -9.39
C LYS A 47 -12.88 0.80 -8.48
N ASP A 48 -11.76 0.26 -7.98
CA ASP A 48 -11.81 -0.89 -7.09
C ASP A 48 -12.76 -0.66 -5.94
N HIS A 49 -13.08 -1.72 -5.20
CA HIS A 49 -13.99 -1.64 -4.07
C HIS A 49 -13.24 -1.24 -2.80
N ARG A 50 -12.18 -1.99 -2.49
CA ARG A 50 -11.38 -1.72 -1.30
C ARG A 50 -11.10 -0.23 -1.15
N TRP A 51 -10.83 0.43 -2.28
CA TRP A 51 -10.55 1.86 -2.27
C TRP A 51 -11.43 2.59 -1.26
N GLU A 52 -12.70 2.20 -1.22
CA GLU A 52 -13.65 2.82 -0.30
C GLU A 52 -13.03 3.01 1.08
N SER A 53 -12.44 1.94 1.61
CA SER A 53 -11.81 1.98 2.93
C SER A 53 -10.51 2.79 2.88
N GLY A 54 -9.87 2.80 1.72
CA GLY A 54 -8.63 3.53 1.56
C GLY A 54 -8.80 5.01 1.80
N SER A 55 -10.05 5.47 1.86
CA SER A 55 -10.35 6.88 2.10
C SER A 55 -9.54 7.42 3.27
N LEU A 56 -9.51 6.64 4.36
CA LEU A 56 -8.77 7.04 5.56
C LEU A 56 -7.48 7.75 5.19
N LEU A 57 -6.70 7.15 4.30
CA LEU A 57 -5.44 7.72 3.86
C LEU A 57 -5.67 8.97 3.03
N GLU A 58 -5.04 10.07 3.42
CA GLU A 58 -5.18 11.33 2.70
C GLU A 58 -4.36 11.32 1.41
N ARG A 59 -4.82 12.04 0.41
CA ARG A 59 -4.13 12.11 -0.87
C ARG A 59 -2.62 12.10 -0.68
N GLU A 60 -2.14 12.94 0.22
CA GLU A 60 -0.70 13.03 0.50
C GLU A 60 -0.17 11.67 0.96
N GLU A 61 -0.86 11.06 1.90
CA GLU A 61 -0.44 9.75 2.42
C GLU A 61 -0.47 8.70 1.33
N LYS A 62 -1.50 8.74 0.49
CA LYS A 62 -1.66 7.79 -0.60
C LYS A 62 -0.47 7.87 -1.56
N GLU A 63 -0.19 9.08 -2.06
CA GLU A 63 0.92 9.28 -2.98
C GLU A 63 2.21 8.70 -2.42
N LYS A 64 2.51 9.05 -1.17
CA LYS A 64 3.72 8.58 -0.50
C LYS A 64 3.83 7.06 -0.60
N LEU A 65 2.76 6.37 -0.23
CA LEU A 65 2.74 4.91 -0.28
C LEU A 65 3.04 4.41 -1.69
N PHE A 66 2.25 4.87 -2.66
CA PHE A 66 2.43 4.47 -4.05
C PHE A 66 3.90 4.57 -4.46
N ASN A 67 4.47 5.76 -4.28
CA ASN A 67 5.87 5.99 -4.63
C ASN A 67 6.76 4.90 -4.05
N GLU A 68 6.62 4.64 -2.76
CA GLU A 68 7.41 3.61 -2.09
C GLU A 68 7.22 2.26 -2.74
N HIS A 69 5.95 1.91 -3.02
CA HIS A 69 5.62 0.63 -3.65
C HIS A 69 6.45 0.44 -4.92
N ILE A 70 6.34 1.38 -5.85
CA ILE A 70 7.07 1.30 -7.11
C ILE A 70 8.56 1.05 -6.87
N GLU A 71 9.16 1.88 -6.01
CA GLU A 71 10.57 1.75 -5.69
C GLU A 71 10.88 0.37 -5.13
N ALA A 72 10.00 -0.12 -4.26
CA ALA A 72 10.18 -1.43 -3.65
C ALA A 72 10.24 -2.53 -4.71
N LEU A 73 9.31 -2.47 -5.66
CA LEU A 73 9.26 -3.46 -6.73
C LEU A 73 10.66 -3.73 -7.29
N THR A 74 11.22 -2.72 -7.95
CA THR A 74 12.56 -2.85 -8.53
C THR A 74 13.57 -3.34 -7.50
N LYS A 75 13.58 -2.69 -6.35
CA LYS A 75 14.50 -3.05 -5.27
C LYS A 75 14.47 -4.56 -5.02
N LYS A 76 13.26 -5.12 -4.96
CA LYS A 76 13.09 -6.54 -4.73
C LYS A 76 13.78 -7.36 -5.81
N LYS A 77 13.55 -6.99 -7.07
CA LYS A 77 14.15 -7.69 -8.19
C LYS A 77 15.66 -7.86 -7.99
N ARG A 78 16.17 -9.03 -8.33
CA ARG A 78 17.59 -9.33 -8.19
C ARG A 78 18.37 -8.85 -9.40
N GLU A 79 17.96 -9.31 -10.58
CA GLU A 79 18.63 -8.92 -11.82
C GLU A 79 18.92 -7.43 -11.84
N SER A 80 20.21 -7.09 -11.91
CA SER A 80 20.63 -5.69 -11.93
C SER A 80 21.76 -5.47 -12.93
N GLY A 81 21.92 -4.24 -13.38
CA GLY A 81 22.97 -3.92 -14.34
C GLY A 81 22.59 -2.77 -15.25
N PRO A 82 22.81 -1.54 -14.76
CA PRO A 82 22.49 -0.32 -15.53
C PRO A 82 23.43 -0.13 -16.71
N SER A 83 24.72 -0.36 -16.48
CA SER A 83 25.72 -0.20 -17.53
C SER A 83 25.22 -0.77 -18.85
N SER A 84 24.80 0.12 -19.75
CA SER A 84 24.29 -0.30 -21.05
C SER A 84 25.34 -1.11 -21.81
N GLY A 85 26.58 -0.65 -21.76
CA GLY A 85 27.66 -1.34 -22.45
C GLY A 85 28.32 -0.48 -23.50
N GLY A 1 -9.72 -17.88 30.31
CA GLY A 1 -10.42 -19.02 29.75
C GLY A 1 -10.54 -18.95 28.24
N SER A 2 -9.70 -19.72 27.55
CA SER A 2 -9.70 -19.74 26.09
C SER A 2 -10.68 -20.79 25.57
N SER A 3 -11.94 -20.40 25.42
CA SER A 3 -12.97 -21.31 24.94
C SER A 3 -13.87 -20.62 23.91
N GLY A 4 -13.75 -21.05 22.65
CA GLY A 4 -14.54 -20.46 21.60
C GLY A 4 -14.51 -18.94 21.61
N SER A 5 -13.32 -18.38 21.37
CA SER A 5 -13.15 -16.93 21.37
C SER A 5 -12.17 -16.51 20.27
N SER A 6 -12.29 -15.26 19.83
CA SER A 6 -11.41 -14.73 18.79
C SER A 6 -10.04 -14.41 19.35
N GLY A 7 -10.00 -13.58 20.39
CA GLY A 7 -8.74 -13.21 21.00
C GLY A 7 -8.30 -11.82 20.62
N ASP A 8 -9.08 -10.81 21.02
CA ASP A 8 -8.77 -9.43 20.72
C ASP A 8 -7.78 -8.86 21.74
N ARG A 9 -6.49 -8.98 21.44
CA ARG A 9 -5.46 -8.49 22.34
C ARG A 9 -4.85 -7.20 21.80
N GLU A 10 -4.57 -7.17 20.50
CA GLU A 10 -3.99 -5.99 19.87
C GLU A 10 -4.91 -5.46 18.77
N ARG A 11 -6.18 -5.85 18.83
CA ARG A 11 -7.16 -5.41 17.83
C ARG A 11 -8.09 -4.35 18.41
N GLU A 12 -7.52 -3.44 19.19
CA GLU A 12 -8.30 -2.38 19.81
C GLU A 12 -8.25 -1.11 18.98
N GLN A 13 -7.02 -0.63 18.72
CA GLN A 13 -6.82 0.58 17.94
C GLN A 13 -6.39 0.25 16.51
N HIS A 14 -7.03 -0.77 15.94
CA HIS A 14 -6.71 -1.19 14.58
C HIS A 14 -7.78 -0.73 13.60
N LYS A 15 -8.26 0.49 13.80
CA LYS A 15 -9.29 1.05 12.93
C LYS A 15 -8.69 1.54 11.62
N ARG A 16 -7.62 2.33 11.72
CA ARG A 16 -6.95 2.86 10.55
C ARG A 16 -5.90 1.89 10.02
N GLU A 17 -5.18 1.26 10.94
CA GLU A 17 -4.15 0.29 10.58
C GLU A 17 -4.61 -0.60 9.43
N GLU A 18 -5.79 -1.18 9.58
CA GLU A 18 -6.34 -2.07 8.56
C GLU A 18 -6.31 -1.39 7.19
N ALA A 19 -6.67 -0.11 7.16
CA ALA A 19 -6.68 0.65 5.92
C ALA A 19 -5.28 0.78 5.34
N ILE A 20 -4.34 1.22 6.17
CA ILE A 20 -2.95 1.38 5.74
C ILE A 20 -2.43 0.11 5.07
N GLN A 21 -2.26 -0.94 5.85
CA GLN A 21 -1.77 -2.21 5.33
C GLN A 21 -2.57 -2.64 4.11
N ASN A 22 -3.89 -2.61 4.23
CA ASN A 22 -4.77 -3.00 3.12
C ASN A 22 -4.41 -2.23 1.86
N PHE A 23 -4.19 -0.93 2.00
CA PHE A 23 -3.86 -0.08 0.86
C PHE A 23 -2.60 -0.59 0.15
N LYS A 24 -1.54 -0.80 0.92
CA LYS A 24 -0.28 -1.30 0.37
C LYS A 24 -0.52 -2.53 -0.49
N ALA A 25 -1.04 -3.58 0.12
CA ALA A 25 -1.32 -4.82 -0.59
C ALA A 25 -2.11 -4.55 -1.87
N LEU A 26 -3.00 -3.58 -1.82
CA LEU A 26 -3.82 -3.22 -2.97
C LEU A 26 -2.99 -2.56 -4.05
N LEU A 27 -1.93 -1.87 -3.64
CA LEU A 27 -1.05 -1.19 -4.57
C LEU A 27 -0.22 -2.20 -5.37
N SER A 28 0.34 -3.17 -4.67
CA SER A 28 1.16 -4.20 -5.32
C SER A 28 0.31 -5.06 -6.25
N ASP A 29 -0.81 -5.56 -5.73
CA ASP A 29 -1.71 -6.40 -6.50
C ASP A 29 -2.18 -5.67 -7.77
N MET A 30 -2.83 -4.53 -7.57
CA MET A 30 -3.33 -3.74 -8.68
C MET A 30 -2.18 -3.26 -9.57
N VAL A 31 -1.11 -2.78 -8.94
CA VAL A 31 0.05 -2.29 -9.67
C VAL A 31 1.21 -3.27 -9.58
N ARG A 32 1.28 -4.21 -10.52
CA ARG A 32 2.33 -5.21 -10.54
C ARG A 32 3.54 -4.70 -11.33
N SER A 33 3.42 -3.50 -11.88
CA SER A 33 4.50 -2.90 -12.67
C SER A 33 5.18 -1.78 -11.89
N SER A 34 6.27 -1.28 -12.44
CA SER A 34 7.02 -0.19 -11.79
C SER A 34 7.15 1.01 -12.73
N ASP A 35 6.80 0.81 -13.99
CA ASP A 35 6.88 1.88 -14.98
C ASP A 35 5.50 2.47 -15.24
N VAL A 36 4.79 2.80 -14.16
CA VAL A 36 3.46 3.38 -14.27
C VAL A 36 3.45 4.83 -13.80
N SER A 37 2.27 5.45 -13.82
CA SER A 37 2.12 6.83 -13.39
C SER A 37 1.15 6.93 -12.21
N TRP A 38 1.50 7.79 -11.25
CA TRP A 38 0.66 7.98 -10.07
C TRP A 38 -0.82 8.10 -10.46
N SER A 39 -1.15 9.18 -11.16
CA SER A 39 -2.53 9.41 -11.59
C SER A 39 -3.16 8.12 -12.10
N ASP A 40 -2.55 7.53 -13.12
CA ASP A 40 -3.06 6.30 -13.70
C ASP A 40 -3.60 5.37 -12.62
N THR A 41 -2.70 4.93 -11.73
CA THR A 41 -3.09 4.04 -10.64
C THR A 41 -4.15 4.67 -9.76
N ARG A 42 -4.03 5.98 -9.53
CA ARG A 42 -4.99 6.70 -8.70
C ARG A 42 -6.43 6.37 -9.11
N ARG A 43 -6.71 6.48 -10.40
CA ARG A 43 -8.04 6.19 -10.92
C ARG A 43 -8.34 4.70 -10.86
N THR A 44 -7.38 3.89 -11.28
CA THR A 44 -7.54 2.44 -11.26
C THR A 44 -8.12 1.96 -9.93
N LEU A 45 -7.56 2.50 -8.84
CA LEU A 45 -8.01 2.12 -7.50
C LEU A 45 -9.33 2.81 -7.15
N ARG A 46 -9.48 4.04 -7.62
CA ARG A 46 -10.69 4.81 -7.36
C ARG A 46 -11.94 3.99 -7.70
N LYS A 47 -11.88 3.28 -8.82
CA LYS A 47 -13.00 2.45 -9.25
C LYS A 47 -13.12 1.19 -8.40
N ASP A 48 -11.99 0.75 -7.85
CA ASP A 48 -11.97 -0.43 -7.00
C ASP A 48 -12.88 -0.25 -5.78
N HIS A 49 -13.26 -1.36 -5.16
CA HIS A 49 -14.12 -1.33 -3.99
C HIS A 49 -13.31 -1.01 -2.73
N ARG A 50 -12.25 -1.78 -2.50
CA ARG A 50 -11.40 -1.58 -1.34
C ARG A 50 -11.13 -0.10 -1.10
N TRP A 51 -10.72 0.60 -2.16
CA TRP A 51 -10.43 2.03 -2.06
C TRP A 51 -11.42 2.72 -1.13
N GLU A 52 -12.69 2.37 -1.25
CA GLU A 52 -13.73 2.96 -0.41
C GLU A 52 -13.24 3.15 1.02
N SER A 53 -12.88 2.04 1.66
CA SER A 53 -12.40 2.08 3.04
C SER A 53 -11.06 2.79 3.12
N GLY A 54 -10.35 2.84 2.00
CA GLY A 54 -9.05 3.49 1.96
C GLY A 54 -9.16 4.99 2.13
N SER A 55 -10.38 5.51 2.07
CA SER A 55 -10.62 6.94 2.22
C SER A 55 -9.81 7.51 3.39
N LEU A 56 -9.77 6.75 4.48
CA LEU A 56 -9.04 7.17 5.67
C LEU A 56 -7.75 7.91 5.30
N LEU A 57 -6.98 7.31 4.41
CA LEU A 57 -5.72 7.91 3.95
C LEU A 57 -5.99 9.16 3.13
N GLU A 58 -5.03 10.07 3.13
CA GLU A 58 -5.16 11.32 2.37
C GLU A 58 -4.25 11.30 1.14
N ARG A 59 -4.65 12.02 0.11
CA ARG A 59 -3.87 12.10 -1.13
C ARG A 59 -2.38 12.05 -0.83
N GLU A 60 -1.95 12.83 0.15
CA GLU A 60 -0.54 12.89 0.54
C GLU A 60 -0.02 11.49 0.88
N GLU A 61 -0.72 10.82 1.80
CA GLU A 61 -0.32 9.49 2.22
C GLU A 61 -0.34 8.51 1.05
N LYS A 62 -1.48 8.44 0.36
CA LYS A 62 -1.63 7.55 -0.78
C LYS A 62 -0.45 7.68 -1.72
N GLU A 63 -0.18 8.89 -2.19
CA GLU A 63 0.93 9.14 -3.09
C GLU A 63 2.24 8.59 -2.53
N LYS A 64 2.55 8.99 -1.29
CA LYS A 64 3.77 8.54 -0.63
C LYS A 64 3.95 7.04 -0.79
N LEU A 65 2.89 6.28 -0.55
CA LEU A 65 2.94 4.83 -0.68
C LEU A 65 3.24 4.42 -2.11
N PHE A 66 2.31 4.70 -3.02
CA PHE A 66 2.48 4.35 -4.42
C PHE A 66 3.93 4.55 -4.86
N ASN A 67 4.59 5.55 -4.27
CA ASN A 67 5.98 5.84 -4.60
C ASN A 67 6.91 4.76 -4.06
N GLU A 68 6.84 4.53 -2.75
CA GLU A 68 7.67 3.51 -2.11
C GLU A 68 7.52 2.16 -2.79
N HIS A 69 6.27 1.77 -3.03
CA HIS A 69 5.98 0.50 -3.68
C HIS A 69 6.67 0.42 -5.04
N ILE A 70 6.27 1.28 -5.96
CA ILE A 70 6.86 1.30 -7.30
C ILE A 70 8.37 1.12 -7.24
N GLU A 71 9.04 2.00 -6.50
CA GLU A 71 10.49 1.93 -6.36
C GLU A 71 10.91 0.62 -5.70
N ALA A 72 10.06 0.10 -4.83
CA ALA A 72 10.34 -1.14 -4.13
C ALA A 72 10.36 -2.32 -5.10
N LEU A 73 9.65 -2.17 -6.22
CA LEU A 73 9.58 -3.22 -7.22
C LEU A 73 10.87 -3.30 -8.03
N THR A 74 11.41 -2.14 -8.37
CA THR A 74 12.65 -2.08 -9.13
C THR A 74 13.83 -2.64 -8.34
N LYS A 75 14.17 -1.96 -7.25
CA LYS A 75 15.27 -2.38 -6.39
C LYS A 75 15.35 -3.90 -6.34
N LYS A 76 14.21 -4.55 -6.14
CA LYS A 76 14.16 -6.01 -6.08
C LYS A 76 14.73 -6.64 -7.34
N LYS A 77 14.20 -6.25 -8.49
CA LYS A 77 14.66 -6.77 -9.77
C LYS A 77 16.18 -6.62 -9.89
N ARG A 78 16.78 -7.45 -10.73
CA ARG A 78 18.22 -7.41 -10.95
C ARG A 78 18.56 -6.70 -12.27
N GLU A 79 19.37 -5.65 -12.18
CA GLU A 79 19.75 -4.89 -13.36
C GLU A 79 21.08 -5.41 -13.92
N SER A 80 21.03 -5.94 -15.15
CA SER A 80 22.22 -6.48 -15.79
C SER A 80 23.34 -5.44 -15.81
N GLY A 81 24.58 -5.90 -15.69
CA GLY A 81 25.72 -5.00 -15.71
C GLY A 81 26.50 -5.04 -14.40
N PRO A 82 26.18 -4.11 -13.49
CA PRO A 82 26.85 -4.02 -12.19
C PRO A 82 26.49 -5.18 -11.27
N SER A 83 27.14 -6.32 -11.49
CA SER A 83 26.89 -7.51 -10.67
C SER A 83 28.05 -7.76 -9.71
N SER A 84 28.39 -6.75 -8.93
CA SER A 84 29.48 -6.87 -7.97
C SER A 84 29.34 -8.13 -7.14
N GLY A 85 30.32 -8.38 -6.27
CA GLY A 85 30.29 -9.56 -5.43
C GLY A 85 30.98 -9.34 -4.10
N GLY A 1 3.11 10.01 28.04
CA GLY A 1 2.06 10.53 28.90
C GLY A 1 1.93 9.74 30.18
N SER A 2 0.70 9.34 30.49
CA SER A 2 0.42 8.57 31.71
C SER A 2 0.28 7.09 31.39
N SER A 3 1.29 6.30 31.77
CA SER A 3 1.27 4.87 31.53
C SER A 3 0.61 4.13 32.68
N GLY A 4 -0.04 3.00 32.36
CA GLY A 4 -0.72 2.22 33.38
C GLY A 4 -1.92 1.47 32.84
N SER A 5 -3.06 1.67 33.47
CA SER A 5 -4.28 0.99 33.05
C SER A 5 -4.66 1.38 31.62
N SER A 6 -4.80 0.39 30.76
CA SER A 6 -5.15 0.64 29.36
C SER A 6 -6.25 -0.30 28.91
N GLY A 7 -7.24 0.24 28.20
CA GLY A 7 -8.35 -0.56 27.71
C GLY A 7 -8.61 -0.36 26.23
N ASP A 8 -9.42 0.64 25.91
CA ASP A 8 -9.75 0.94 24.52
C ASP A 8 -8.86 2.05 23.98
N ARG A 9 -7.57 1.93 24.20
CA ARG A 9 -6.61 2.93 23.74
C ARG A 9 -5.89 2.44 22.49
N GLU A 10 -5.37 1.21 22.55
CA GLU A 10 -4.65 0.63 21.41
C GLU A 10 -5.53 0.58 20.17
N ARG A 11 -6.85 0.70 20.39
CA ARG A 11 -7.80 0.67 19.28
C ARG A 11 -7.84 2.02 18.56
N GLU A 12 -7.30 3.05 19.20
CA GLU A 12 -7.28 4.38 18.62
C GLU A 12 -6.30 4.45 17.45
N GLN A 13 -5.26 3.63 17.51
CA GLN A 13 -4.25 3.60 16.46
C GLN A 13 -4.26 2.26 15.72
N HIS A 14 -5.45 1.69 15.59
CA HIS A 14 -5.59 0.40 14.91
C HIS A 14 -6.52 0.52 13.69
N LYS A 15 -7.57 1.33 13.84
CA LYS A 15 -8.53 1.53 12.76
C LYS A 15 -7.82 1.97 11.48
N ARG A 16 -6.86 2.87 11.62
CA ARG A 16 -6.11 3.37 10.47
C ARG A 16 -5.15 2.30 9.94
N GLU A 17 -4.41 1.68 10.86
CA GLU A 17 -3.46 0.65 10.48
C GLU A 17 -4.07 -0.31 9.47
N GLU A 18 -5.27 -0.80 9.77
CA GLU A 18 -5.96 -1.72 8.88
C GLU A 18 -5.99 -1.19 7.45
N ALA A 19 -6.33 0.08 7.30
CA ALA A 19 -6.39 0.71 5.99
C ALA A 19 -5.03 0.66 5.29
N ILE A 20 -3.98 1.04 6.02
CA ILE A 20 -2.63 1.03 5.46
C ILE A 20 -2.30 -0.31 4.83
N GLN A 21 -2.23 -1.35 5.65
CA GLN A 21 -1.92 -2.69 5.18
C GLN A 21 -2.74 -3.03 3.94
N ASN A 22 -4.06 -2.85 4.04
CA ASN A 22 -4.96 -3.14 2.93
C ASN A 22 -4.54 -2.35 1.69
N PHE A 23 -4.08 -1.12 1.90
CA PHE A 23 -3.65 -0.26 0.80
C PHE A 23 -2.39 -0.81 0.14
N LYS A 24 -1.42 -1.19 0.96
CA LYS A 24 -0.16 -1.73 0.46
C LYS A 24 -0.41 -2.88 -0.51
N ALA A 25 -1.13 -3.90 -0.03
CA ALA A 25 -1.44 -5.06 -0.85
C ALA A 25 -2.18 -4.65 -2.13
N LEU A 26 -3.19 -3.80 -1.97
CA LEU A 26 -3.99 -3.34 -3.10
C LEU A 26 -3.10 -2.64 -4.13
N LEU A 27 -2.10 -1.91 -3.64
CA LEU A 27 -1.19 -1.18 -4.51
C LEU A 27 -0.38 -2.15 -5.38
N SER A 28 0.13 -3.20 -4.74
CA SER A 28 0.93 -4.20 -5.46
C SER A 28 0.05 -5.03 -6.38
N ASP A 29 -1.01 -5.60 -5.83
CA ASP A 29 -1.93 -6.42 -6.60
C ASP A 29 -2.44 -5.67 -7.83
N MET A 30 -2.86 -4.42 -7.61
CA MET A 30 -3.37 -3.59 -8.70
C MET A 30 -2.22 -3.08 -9.57
N VAL A 31 -1.13 -2.68 -8.92
CA VAL A 31 0.03 -2.17 -9.63
C VAL A 31 1.19 -3.14 -9.56
N ARG A 32 1.14 -4.18 -10.39
CA ARG A 32 2.19 -5.19 -10.42
C ARG A 32 3.44 -4.65 -11.11
N SER A 33 3.27 -3.56 -11.86
CA SER A 33 4.40 -2.94 -12.57
C SER A 33 5.01 -1.82 -11.74
N SER A 34 6.07 -1.22 -12.26
CA SER A 34 6.75 -0.13 -11.58
C SER A 34 6.84 1.11 -12.46
N ASP A 35 7.02 0.88 -13.76
CA ASP A 35 7.13 1.98 -14.71
C ASP A 35 5.75 2.50 -15.09
N VAL A 36 4.91 2.72 -14.09
CA VAL A 36 3.56 3.21 -14.32
C VAL A 36 3.45 4.69 -13.96
N SER A 37 2.23 5.23 -14.06
CA SER A 37 2.00 6.64 -13.75
C SER A 37 1.11 6.77 -12.51
N TRP A 38 1.39 7.81 -11.72
CA TRP A 38 0.61 8.05 -10.50
C TRP A 38 -0.86 8.23 -10.82
N SER A 39 -1.16 9.16 -11.73
CA SER A 39 -2.54 9.43 -12.13
C SER A 39 -3.27 8.14 -12.49
N ASP A 40 -2.66 7.36 -13.38
CA ASP A 40 -3.24 6.09 -13.81
C ASP A 40 -3.64 5.24 -12.61
N THR A 41 -2.72 5.06 -11.67
CA THR A 41 -2.98 4.27 -10.49
C THR A 41 -4.17 4.82 -9.70
N ARG A 42 -4.06 6.07 -9.28
CA ARG A 42 -5.14 6.72 -8.53
C ARG A 42 -6.50 6.33 -9.08
N ARG A 43 -6.66 6.47 -10.39
CA ARG A 43 -7.91 6.15 -11.05
C ARG A 43 -8.15 4.64 -11.05
N THR A 44 -7.07 3.88 -11.18
CA THR A 44 -7.16 2.43 -11.20
C THR A 44 -7.63 1.88 -9.85
N LEU A 45 -7.29 2.59 -8.78
CA LEU A 45 -7.69 2.18 -7.44
C LEU A 45 -9.04 2.81 -7.06
N ARG A 46 -9.31 3.98 -7.60
CA ARG A 46 -10.56 4.67 -7.32
C ARG A 46 -11.77 3.81 -7.67
N LYS A 47 -11.91 3.50 -8.96
CA LYS A 47 -13.01 2.67 -9.43
C LYS A 47 -13.18 1.44 -8.55
N ASP A 48 -12.06 0.82 -8.19
CA ASP A 48 -12.08 -0.38 -7.36
C ASP A 48 -12.92 -0.14 -6.10
N HIS A 49 -13.28 -1.23 -5.43
CA HIS A 49 -14.08 -1.14 -4.22
C HIS A 49 -13.19 -0.97 -2.99
N ARG A 50 -12.11 -1.74 -2.94
CA ARG A 50 -11.19 -1.68 -1.81
C ARG A 50 -10.92 -0.22 -1.41
N TRP A 51 -10.67 0.63 -2.40
CA TRP A 51 -10.41 2.04 -2.15
C TRP A 51 -11.41 2.60 -1.14
N GLU A 52 -12.66 2.21 -1.28
CA GLU A 52 -13.71 2.68 -0.38
C GLU A 52 -13.18 2.86 1.04
N SER A 53 -12.57 1.81 1.58
CA SER A 53 -12.02 1.84 2.92
C SER A 53 -10.74 2.68 2.96
N GLY A 54 -9.99 2.67 1.86
CA GLY A 54 -8.77 3.44 1.81
C GLY A 54 -8.99 4.92 2.06
N SER A 55 -10.25 5.33 2.07
CA SER A 55 -10.60 6.73 2.31
C SER A 55 -9.81 7.29 3.48
N LEU A 56 -9.72 6.50 4.55
CA LEU A 56 -8.99 6.92 5.75
C LEU A 56 -7.72 7.67 5.37
N LEU A 57 -7.00 7.17 4.39
CA LEU A 57 -5.76 7.78 3.93
C LEU A 57 -6.05 9.06 3.15
N GLU A 58 -5.06 9.95 3.08
CA GLU A 58 -5.21 11.20 2.36
C GLU A 58 -4.28 11.26 1.15
N ARG A 59 -4.55 12.19 0.24
CA ARG A 59 -3.75 12.34 -0.96
C ARG A 59 -2.26 12.25 -0.64
N GLU A 60 -1.89 12.71 0.55
CA GLU A 60 -0.50 12.69 0.98
C GLU A 60 -0.04 11.26 1.25
N GLU A 61 -0.86 10.49 1.96
CA GLU A 61 -0.53 9.11 2.28
C GLU A 61 -0.57 8.24 1.02
N LYS A 62 -1.60 8.42 0.22
CA LYS A 62 -1.75 7.66 -1.01
C LYS A 62 -0.60 7.93 -1.97
N GLU A 63 -0.33 9.21 -2.22
CA GLU A 63 0.75 9.60 -3.12
C GLU A 63 2.09 9.03 -2.64
N LYS A 64 2.44 9.34 -1.41
CA LYS A 64 3.69 8.86 -0.83
C LYS A 64 3.74 7.34 -0.83
N LEU A 65 2.73 6.71 -0.25
CA LEU A 65 2.67 5.26 -0.20
C LEU A 65 2.95 4.64 -1.56
N PHE A 66 2.30 5.18 -2.59
CA PHE A 66 2.49 4.69 -3.95
C PHE A 66 3.96 4.75 -4.35
N ASN A 67 4.50 5.95 -4.47
CA ASN A 67 5.90 6.14 -4.86
C ASN A 67 6.78 5.10 -4.19
N GLU A 68 6.56 4.89 -2.90
CA GLU A 68 7.34 3.91 -2.14
C GLU A 68 7.17 2.51 -2.71
N HIS A 69 5.91 2.09 -2.84
CA HIS A 69 5.60 0.76 -3.38
C HIS A 69 6.36 0.52 -4.67
N ILE A 70 6.17 1.40 -5.64
CA ILE A 70 6.84 1.27 -6.93
C ILE A 70 8.34 1.06 -6.76
N GLU A 71 8.99 2.02 -6.12
CA GLU A 71 10.43 1.94 -5.89
C GLU A 71 10.82 0.56 -5.37
N ALA A 72 9.95 -0.02 -4.53
CA ALA A 72 10.21 -1.34 -3.96
C ALA A 72 10.20 -2.41 -5.04
N LEU A 73 9.17 -2.41 -5.87
CA LEU A 73 9.04 -3.38 -6.95
C LEU A 73 10.36 -3.54 -7.69
N THR A 74 10.89 -2.43 -8.20
CA THR A 74 12.15 -2.45 -8.94
C THR A 74 13.31 -2.87 -8.04
N LYS A 75 13.52 -2.10 -6.96
CA LYS A 75 14.60 -2.40 -6.03
C LYS A 75 14.79 -3.91 -5.88
N LYS A 76 13.71 -4.63 -5.62
CA LYS A 76 13.77 -6.08 -5.46
C LYS A 76 14.27 -6.74 -6.75
N LYS A 77 13.63 -6.39 -7.86
CA LYS A 77 14.02 -6.96 -9.15
C LYS A 77 15.53 -6.98 -9.31
N ARG A 78 16.12 -8.17 -9.19
CA ARG A 78 17.56 -8.33 -9.33
C ARG A 78 18.11 -7.40 -10.41
N GLU A 79 19.31 -6.89 -10.18
CA GLU A 79 19.95 -5.99 -11.14
C GLU A 79 21.32 -6.53 -11.55
N SER A 80 21.38 -7.10 -12.75
CA SER A 80 22.62 -7.66 -13.27
C SER A 80 23.78 -6.66 -13.11
N GLY A 81 23.57 -5.44 -13.60
CA GLY A 81 24.59 -4.42 -13.50
C GLY A 81 24.17 -3.12 -14.16
N PRO A 82 24.74 -2.00 -13.69
CA PRO A 82 24.44 -0.67 -14.21
C PRO A 82 24.98 -0.47 -15.62
N SER A 83 24.20 0.20 -16.47
CA SER A 83 24.61 0.45 -17.84
C SER A 83 25.48 1.70 -17.93
N SER A 84 26.78 1.48 -18.09
CA SER A 84 27.74 2.58 -18.18
C SER A 84 27.84 3.10 -19.62
N GLY A 85 27.80 4.41 -19.78
CA GLY A 85 27.87 5.01 -21.10
C GLY A 85 26.53 5.47 -21.61
N GLY A 1 -8.61 -12.33 28.98
CA GLY A 1 -9.99 -11.95 29.21
C GLY A 1 -10.86 -13.14 29.59
N SER A 2 -12.16 -13.00 29.39
CA SER A 2 -13.11 -14.07 29.70
C SER A 2 -13.28 -15.01 28.52
N SER A 3 -13.45 -16.29 28.81
CA SER A 3 -13.63 -17.29 27.77
C SER A 3 -14.86 -16.98 26.91
N GLY A 4 -14.61 -16.46 25.70
CA GLY A 4 -15.71 -16.13 24.81
C GLY A 4 -15.48 -14.81 24.10
N SER A 5 -14.38 -14.73 23.35
CA SER A 5 -14.04 -13.51 22.62
C SER A 5 -15.22 -13.05 21.75
N SER A 6 -15.05 -11.92 21.08
CA SER A 6 -16.10 -11.38 20.22
C SER A 6 -15.64 -11.34 18.76
N GLY A 7 -14.40 -10.90 18.55
CA GLY A 7 -13.86 -10.83 17.21
C GLY A 7 -12.92 -9.66 17.02
N ASP A 8 -13.42 -8.45 17.26
CA ASP A 8 -12.62 -7.24 17.12
C ASP A 8 -12.05 -6.80 18.47
N ARG A 9 -11.59 -7.77 19.25
CA ARG A 9 -11.02 -7.49 20.57
C ARG A 9 -9.57 -7.08 20.45
N GLU A 10 -8.80 -7.83 19.67
CA GLU A 10 -7.39 -7.53 19.47
C GLU A 10 -7.20 -6.20 18.74
N ARG A 11 -7.93 -6.02 17.66
CA ARG A 11 -7.85 -4.79 16.87
C ARG A 11 -8.78 -3.72 17.43
N GLU A 12 -8.30 -3.00 18.44
CA GLU A 12 -9.09 -1.95 19.06
C GLU A 12 -8.84 -0.61 18.39
N GLN A 13 -7.58 -0.18 18.38
CA GLN A 13 -7.20 1.09 17.77
C GLN A 13 -6.61 0.87 16.38
N HIS A 14 -7.23 -0.05 15.63
CA HIS A 14 -6.76 -0.34 14.27
C HIS A 14 -7.72 0.24 13.24
N LYS A 15 -8.18 1.46 13.49
CA LYS A 15 -9.09 2.13 12.56
C LYS A 15 -8.41 2.43 11.23
N ARG A 16 -7.26 3.11 11.30
CA ARG A 16 -6.52 3.45 10.09
C ARG A 16 -5.56 2.33 9.71
N GLU A 17 -4.87 1.78 10.71
CA GLU A 17 -3.92 0.69 10.47
C GLU A 17 -4.45 -0.26 9.40
N GLU A 18 -5.62 -0.81 9.63
CA GLU A 18 -6.24 -1.74 8.69
C GLU A 18 -6.15 -1.21 7.26
N ALA A 19 -6.53 0.06 7.09
CA ALA A 19 -6.50 0.68 5.78
C ALA A 19 -5.08 0.74 5.23
N ILE A 20 -4.13 1.10 6.09
CA ILE A 20 -2.73 1.19 5.70
C ILE A 20 -2.25 -0.11 5.08
N GLN A 21 -2.31 -1.18 5.86
CA GLN A 21 -1.87 -2.50 5.38
C GLN A 21 -2.63 -2.90 4.12
N ASN A 22 -3.95 -2.80 4.19
CA ASN A 22 -4.81 -3.16 3.06
C ASN A 22 -4.37 -2.41 1.80
N PHE A 23 -4.08 -1.12 1.96
CA PHE A 23 -3.66 -0.29 0.83
C PHE A 23 -2.39 -0.85 0.19
N LYS A 24 -1.40 -1.17 1.02
CA LYS A 24 -0.14 -1.71 0.52
C LYS A 24 -0.37 -2.94 -0.34
N ALA A 25 -1.06 -3.93 0.22
CA ALA A 25 -1.36 -5.15 -0.51
C ALA A 25 -2.15 -4.85 -1.79
N LEU A 26 -3.10 -3.93 -1.69
CA LEU A 26 -3.92 -3.55 -2.84
C LEU A 26 -3.07 -2.89 -3.92
N LEU A 27 -2.04 -2.18 -3.50
CA LEU A 27 -1.14 -1.50 -4.43
C LEU A 27 -0.30 -2.50 -5.22
N SER A 28 0.28 -3.46 -4.51
CA SER A 28 1.11 -4.48 -5.14
C SER A 28 0.29 -5.34 -6.10
N ASP A 29 -0.97 -5.56 -5.75
CA ASP A 29 -1.86 -6.36 -6.58
C ASP A 29 -2.39 -5.54 -7.76
N MET A 30 -3.18 -4.52 -7.46
CA MET A 30 -3.74 -3.66 -8.49
C MET A 30 -2.64 -2.97 -9.29
N VAL A 31 -1.57 -2.59 -8.61
CA VAL A 31 -0.45 -1.93 -9.25
C VAL A 31 0.85 -2.70 -9.03
N ARG A 32 1.03 -3.78 -9.78
CA ARG A 32 2.23 -4.59 -9.66
C ARG A 32 3.33 -4.09 -10.60
N SER A 33 2.94 -3.31 -11.59
CA SER A 33 3.89 -2.77 -12.56
C SER A 33 4.71 -1.65 -11.94
N SER A 34 5.85 -1.36 -12.55
CA SER A 34 6.74 -0.31 -12.05
C SER A 34 6.79 0.86 -13.02
N ASP A 35 6.16 0.70 -14.18
CA ASP A 35 6.13 1.74 -15.20
C ASP A 35 4.78 2.45 -15.19
N VAL A 36 4.31 2.81 -14.01
CA VAL A 36 3.03 3.50 -13.87
C VAL A 36 3.16 4.74 -13.00
N SER A 37 2.45 5.80 -13.38
CA SER A 37 2.49 7.04 -12.62
C SER A 37 1.35 7.11 -11.61
N TRP A 38 1.42 8.08 -10.71
CA TRP A 38 0.40 8.25 -9.69
C TRP A 38 -1.00 8.32 -10.32
N SER A 39 -1.26 9.41 -11.03
CA SER A 39 -2.56 9.59 -11.68
C SER A 39 -3.12 8.25 -12.17
N ASP A 40 -2.30 7.52 -12.92
CA ASP A 40 -2.71 6.22 -13.45
C ASP A 40 -3.29 5.34 -12.34
N THR A 41 -2.47 5.04 -11.34
CA THR A 41 -2.89 4.20 -10.23
C THR A 41 -4.09 4.80 -9.52
N ARG A 42 -3.96 6.06 -9.10
CA ARG A 42 -5.03 6.75 -8.40
C ARG A 42 -6.38 6.42 -9.01
N ARG A 43 -6.51 6.67 -10.31
CA ARG A 43 -7.75 6.40 -11.03
C ARG A 43 -8.10 4.92 -10.97
N THR A 44 -7.07 4.07 -11.06
CA THR A 44 -7.27 2.62 -11.03
C THR A 44 -8.01 2.20 -9.76
N LEU A 45 -7.47 2.58 -8.61
CA LEU A 45 -8.08 2.24 -7.33
C LEU A 45 -9.46 2.87 -7.20
N ARG A 46 -9.56 4.14 -7.60
CA ARG A 46 -10.83 4.86 -7.54
C ARG A 46 -12.00 3.96 -7.98
N LYS A 47 -11.71 3.08 -8.93
CA LYS A 47 -12.73 2.17 -9.44
C LYS A 47 -12.92 0.99 -8.50
N ASP A 48 -11.82 0.43 -8.02
CA ASP A 48 -11.86 -0.72 -7.12
C ASP A 48 -12.77 -0.41 -5.92
N HIS A 49 -13.40 -1.45 -5.39
CA HIS A 49 -14.29 -1.31 -4.24
C HIS A 49 -13.50 -1.01 -2.97
N ARG A 50 -12.37 -1.70 -2.81
CA ARG A 50 -11.52 -1.52 -1.64
C ARG A 50 -11.17 -0.05 -1.44
N TRP A 51 -10.73 0.59 -2.52
CA TRP A 51 -10.35 2.00 -2.46
C TRP A 51 -11.28 2.78 -1.54
N GLU A 52 -12.57 2.42 -1.57
CA GLU A 52 -13.56 3.08 -0.73
C GLU A 52 -13.04 3.24 0.71
N SER A 53 -12.79 2.11 1.35
CA SER A 53 -12.30 2.12 2.73
C SER A 53 -10.99 2.91 2.84
N GLY A 54 -10.14 2.76 1.83
CA GLY A 54 -8.88 3.47 1.84
C GLY A 54 -9.04 4.97 2.00
N SER A 55 -10.27 5.45 1.83
CA SER A 55 -10.56 6.87 1.96
C SER A 55 -9.87 7.46 3.19
N LEU A 56 -9.79 6.68 4.25
CA LEU A 56 -9.15 7.11 5.49
C LEU A 56 -7.86 7.88 5.20
N LEU A 57 -7.04 7.32 4.31
CA LEU A 57 -5.78 7.95 3.93
C LEU A 57 -6.02 9.20 3.10
N GLU A 58 -4.99 10.04 2.98
CA GLU A 58 -5.09 11.27 2.21
C GLU A 58 -4.25 11.19 0.94
N ARG A 59 -4.64 11.97 -0.06
CA ARG A 59 -3.92 11.98 -1.34
C ARG A 59 -2.41 11.96 -1.11
N GLU A 60 -1.98 12.52 0.02
CA GLU A 60 -0.56 12.57 0.34
C GLU A 60 -0.06 11.20 0.79
N GLU A 61 -0.79 10.58 1.71
CA GLU A 61 -0.42 9.26 2.21
C GLU A 61 -0.49 8.21 1.11
N LYS A 62 -1.47 8.36 0.22
CA LYS A 62 -1.65 7.43 -0.89
C LYS A 62 -0.50 7.56 -1.90
N GLU A 63 -0.27 8.77 -2.38
CA GLU A 63 0.80 9.02 -3.34
C GLU A 63 2.13 8.51 -2.82
N LYS A 64 2.40 8.73 -1.54
CA LYS A 64 3.63 8.29 -0.92
C LYS A 64 3.76 6.77 -0.99
N LEU A 65 2.85 6.07 -0.31
CA LEU A 65 2.86 4.61 -0.29
C LEU A 65 3.03 4.05 -1.70
N PHE A 66 2.31 4.65 -2.65
CA PHE A 66 2.38 4.21 -4.04
C PHE A 66 3.82 4.25 -4.56
N ASN A 67 4.44 5.42 -4.43
CA ASN A 67 5.82 5.60 -4.88
C ASN A 67 6.74 4.56 -4.26
N GLU A 68 6.75 4.51 -2.93
CA GLU A 68 7.59 3.55 -2.21
C GLU A 68 7.48 2.15 -2.84
N HIS A 69 6.25 1.74 -3.13
CA HIS A 69 6.01 0.43 -3.72
C HIS A 69 6.77 0.28 -5.03
N ILE A 70 6.54 1.21 -5.96
CA ILE A 70 7.21 1.18 -7.25
C ILE A 70 8.71 1.11 -7.10
N GLU A 71 9.29 2.14 -6.50
CA GLU A 71 10.73 2.20 -6.29
C GLU A 71 11.24 0.89 -5.67
N ALA A 72 10.39 0.25 -4.88
CA ALA A 72 10.75 -1.00 -4.23
C ALA A 72 10.87 -2.13 -5.25
N LEU A 73 9.99 -2.12 -6.23
CA LEU A 73 9.99 -3.15 -7.27
C LEU A 73 11.24 -3.04 -8.14
N THR A 74 11.57 -1.81 -8.53
CA THR A 74 12.74 -1.56 -9.37
C THR A 74 14.02 -2.03 -8.67
N LYS A 75 14.01 -1.98 -7.34
CA LYS A 75 15.17 -2.40 -6.57
C LYS A 75 15.21 -3.92 -6.41
N LYS A 76 14.21 -4.47 -5.72
CA LYS A 76 14.12 -5.91 -5.52
C LYS A 76 14.58 -6.66 -6.75
N LYS A 77 14.15 -6.19 -7.93
CA LYS A 77 14.51 -6.82 -9.18
C LYS A 77 16.02 -6.75 -9.42
N ARG A 78 16.70 -7.86 -9.19
CA ARG A 78 18.15 -7.92 -9.38
C ARG A 78 18.56 -7.27 -10.70
N GLU A 79 19.73 -6.65 -10.71
CA GLU A 79 20.23 -6.00 -11.91
C GLU A 79 21.45 -6.74 -12.48
N SER A 80 22.50 -6.82 -11.67
CA SER A 80 23.73 -7.50 -12.09
C SER A 80 24.57 -7.89 -10.87
N GLY A 81 24.83 -9.19 -10.74
CA GLY A 81 25.62 -9.68 -9.62
C GLY A 81 25.11 -11.00 -9.10
N PRO A 82 26.04 -11.85 -8.63
CA PRO A 82 25.71 -13.17 -8.08
C PRO A 82 24.98 -13.07 -6.75
N SER A 83 23.65 -13.13 -6.80
CA SER A 83 22.84 -13.05 -5.60
C SER A 83 23.36 -11.97 -4.66
N SER A 84 23.69 -10.82 -5.23
CA SER A 84 24.21 -9.70 -4.45
C SER A 84 23.07 -8.87 -3.87
N GLY A 85 22.20 -8.36 -4.75
CA GLY A 85 21.07 -7.56 -4.31
C GLY A 85 20.20 -8.29 -3.30
N GLY A 1 1.50 12.35 39.93
CA GLY A 1 1.24 13.22 38.79
C GLY A 1 -0.02 12.81 38.04
N SER A 2 0.16 12.13 36.92
CA SER A 2 -0.96 11.69 36.09
C SER A 2 -1.05 10.17 36.06
N SER A 3 -2.25 9.66 35.83
CA SER A 3 -2.48 8.21 35.78
C SER A 3 -3.03 7.80 34.42
N GLY A 4 -2.57 6.65 33.93
CA GLY A 4 -3.02 6.16 32.64
C GLY A 4 -3.18 4.65 32.62
N SER A 5 -4.14 4.18 31.83
CA SER A 5 -4.40 2.75 31.74
C SER A 5 -4.65 2.34 30.28
N SER A 6 -4.21 1.14 29.92
CA SER A 6 -4.40 0.64 28.56
C SER A 6 -5.79 0.06 28.38
N GLY A 7 -6.34 0.21 27.18
CA GLY A 7 -7.67 -0.31 26.90
C GLY A 7 -8.24 0.24 25.60
N ASP A 8 -8.14 1.56 25.43
CA ASP A 8 -8.65 2.20 24.23
C ASP A 8 -7.53 2.90 23.46
N ARG A 9 -6.38 2.24 23.38
CA ARG A 9 -5.24 2.80 22.68
C ARG A 9 -5.10 2.19 21.29
N GLU A 10 -4.97 0.87 21.24
CA GLU A 10 -4.82 0.16 19.97
C GLU A 10 -6.15 0.11 19.22
N ARG A 11 -7.20 -0.30 19.92
CA ARG A 11 -8.53 -0.39 19.31
C ARG A 11 -8.89 0.91 18.59
N GLU A 12 -8.70 2.03 19.28
CA GLU A 12 -9.00 3.34 18.71
C GLU A 12 -8.16 3.59 17.45
N GLN A 13 -6.87 3.27 17.54
CA GLN A 13 -5.96 3.47 16.41
C GLN A 13 -5.78 2.17 15.63
N HIS A 14 -6.88 1.43 15.46
CA HIS A 14 -6.84 0.17 14.73
C HIS A 14 -7.54 0.31 13.37
N LYS A 15 -8.79 0.77 13.40
CA LYS A 15 -9.56 0.94 12.18
C LYS A 15 -8.68 1.47 11.05
N ARG A 16 -7.86 2.46 11.35
CA ARG A 16 -6.96 3.04 10.36
C ARG A 16 -5.87 2.06 9.96
N GLU A 17 -5.22 1.46 10.96
CA GLU A 17 -4.15 0.50 10.70
C GLU A 17 -4.56 -0.48 9.61
N GLU A 18 -5.74 -1.07 9.75
CA GLU A 18 -6.24 -2.04 8.78
C GLU A 18 -6.19 -1.45 7.36
N ALA A 19 -6.55 -0.17 7.25
CA ALA A 19 -6.55 0.50 5.96
C ALA A 19 -5.12 0.63 5.41
N ILE A 20 -4.18 0.90 6.30
CA ILE A 20 -2.78 1.04 5.89
C ILE A 20 -2.27 -0.23 5.22
N GLN A 21 -2.37 -1.35 5.93
CA GLN A 21 -1.92 -2.63 5.39
C GLN A 21 -2.74 -3.03 4.17
N ASN A 22 -4.05 -2.93 4.28
CA ASN A 22 -4.95 -3.28 3.18
C ASN A 22 -4.58 -2.51 1.92
N PHE A 23 -4.30 -1.22 2.07
CA PHE A 23 -3.94 -0.37 0.94
C PHE A 23 -2.67 -0.89 0.27
N LYS A 24 -1.62 -1.10 1.06
CA LYS A 24 -0.35 -1.59 0.55
C LYS A 24 -0.56 -2.80 -0.37
N ALA A 25 -1.16 -3.84 0.19
CA ALA A 25 -1.42 -5.06 -0.58
C ALA A 25 -2.19 -4.74 -1.86
N LEU A 26 -3.15 -3.83 -1.75
CA LEU A 26 -3.96 -3.44 -2.91
C LEU A 26 -3.11 -2.73 -3.95
N LEU A 27 -2.15 -1.94 -3.49
CA LEU A 27 -1.27 -1.19 -4.38
C LEU A 27 -0.47 -2.15 -5.27
N SER A 28 0.15 -3.14 -4.65
CA SER A 28 0.96 -4.12 -5.38
C SER A 28 0.08 -4.91 -6.35
N ASP A 29 -1.02 -5.45 -5.83
CA ASP A 29 -1.93 -6.24 -6.65
C ASP A 29 -2.47 -5.41 -7.83
N MET A 30 -3.17 -4.33 -7.51
CA MET A 30 -3.72 -3.46 -8.54
C MET A 30 -2.62 -2.84 -9.39
N VAL A 31 -1.46 -2.61 -8.78
CA VAL A 31 -0.32 -2.03 -9.47
C VAL A 31 0.93 -2.88 -9.29
N ARG A 32 1.12 -3.84 -10.20
CA ARG A 32 2.27 -4.72 -10.14
C ARG A 32 3.39 -4.22 -11.05
N SER A 33 3.10 -3.18 -11.81
CA SER A 33 4.07 -2.60 -12.73
C SER A 33 4.94 -1.56 -12.01
N SER A 34 6.07 -1.22 -12.62
CA SER A 34 6.98 -0.24 -12.03
C SER A 34 7.14 0.96 -12.95
N ASP A 35 6.47 0.92 -14.10
CA ASP A 35 6.55 2.01 -15.07
C ASP A 35 5.18 2.66 -15.26
N VAL A 36 4.52 2.97 -14.14
CA VAL A 36 3.21 3.60 -14.18
C VAL A 36 3.20 4.92 -13.41
N SER A 37 2.25 5.79 -13.75
CA SER A 37 2.14 7.08 -13.09
C SER A 37 1.04 7.07 -12.03
N TRP A 38 1.24 7.84 -10.97
CA TRP A 38 0.26 7.91 -9.89
C TRP A 38 -1.15 8.09 -10.44
N SER A 39 -1.30 9.04 -11.36
CA SER A 39 -2.60 9.31 -11.96
C SER A 39 -3.32 8.01 -12.32
N ASP A 40 -2.68 7.19 -13.13
CA ASP A 40 -3.25 5.92 -13.55
C ASP A 40 -3.60 5.06 -12.34
N THR A 41 -2.66 4.95 -11.40
CA THR A 41 -2.87 4.16 -10.20
C THR A 41 -4.14 4.59 -9.47
N ARG A 42 -4.31 5.91 -9.32
CA ARG A 42 -5.47 6.46 -8.64
C ARG A 42 -6.77 6.06 -9.36
N ARG A 43 -6.92 6.54 -10.58
CA ARG A 43 -8.11 6.23 -11.38
C ARG A 43 -8.39 4.73 -11.39
N THR A 44 -7.32 3.94 -11.24
CA THR A 44 -7.45 2.49 -11.25
C THR A 44 -8.12 1.99 -9.97
N LEU A 45 -7.50 2.26 -8.83
CA LEU A 45 -8.05 1.84 -7.55
C LEU A 45 -9.41 2.48 -7.30
N ARG A 46 -9.50 3.78 -7.53
CA ARG A 46 -10.75 4.52 -7.33
C ARG A 46 -11.94 3.65 -7.72
N LYS A 47 -11.88 3.06 -8.91
CA LYS A 47 -12.96 2.21 -9.40
C LYS A 47 -13.21 1.05 -8.45
N ASP A 48 -12.13 0.44 -7.96
CA ASP A 48 -12.24 -0.68 -7.04
C ASP A 48 -13.00 -0.28 -5.78
N HIS A 49 -13.77 -1.22 -5.24
CA HIS A 49 -14.56 -0.97 -4.03
C HIS A 49 -13.65 -0.74 -2.83
N ARG A 50 -12.62 -1.58 -2.70
CA ARG A 50 -11.68 -1.46 -1.59
C ARG A 50 -11.26 -0.02 -1.37
N TRP A 51 -10.79 0.62 -2.44
CA TRP A 51 -10.36 2.02 -2.37
C TRP A 51 -11.27 2.82 -1.44
N GLU A 52 -12.56 2.59 -1.54
CA GLU A 52 -13.53 3.29 -0.70
C GLU A 52 -13.05 3.38 0.74
N SER A 53 -12.64 2.24 1.28
CA SER A 53 -12.16 2.18 2.66
C SER A 53 -10.83 2.93 2.81
N GLY A 54 -9.99 2.82 1.78
CA GLY A 54 -8.70 3.49 1.80
C GLY A 54 -8.82 4.99 2.01
N SER A 55 -10.04 5.51 1.84
CA SER A 55 -10.29 6.93 2.01
C SER A 55 -9.55 7.47 3.22
N LEU A 56 -9.57 6.70 4.30
CA LEU A 56 -8.91 7.11 5.54
C LEU A 56 -7.60 7.84 5.25
N LEU A 57 -6.77 7.24 4.40
CA LEU A 57 -5.49 7.84 4.03
C LEU A 57 -5.70 9.09 3.18
N GLU A 58 -4.80 10.05 3.33
CA GLU A 58 -4.88 11.29 2.56
C GLU A 58 -4.05 11.21 1.29
N ARG A 59 -4.52 11.88 0.24
CA ARG A 59 -3.83 11.88 -1.04
C ARG A 59 -2.31 11.85 -0.84
N GLU A 60 -1.82 12.71 0.05
CA GLU A 60 -0.40 12.77 0.34
C GLU A 60 0.15 11.40 0.73
N GLU A 61 -0.49 10.78 1.72
CA GLU A 61 -0.07 9.48 2.19
C GLU A 61 -0.17 8.43 1.09
N LYS A 62 -1.29 8.46 0.36
CA LYS A 62 -1.52 7.52 -0.74
C LYS A 62 -0.40 7.62 -1.77
N GLU A 63 -0.16 8.83 -2.26
CA GLU A 63 0.88 9.05 -3.26
C GLU A 63 2.23 8.56 -2.76
N LYS A 64 2.56 8.91 -1.51
CA LYS A 64 3.82 8.51 -0.91
C LYS A 64 4.00 7.00 -0.97
N LEU A 65 2.98 6.27 -0.52
CA LEU A 65 3.02 4.81 -0.53
C LEU A 65 3.31 4.28 -1.93
N PHE A 66 2.53 4.73 -2.90
CA PHE A 66 2.71 4.30 -4.28
C PHE A 66 4.15 4.51 -4.75
N ASN A 67 4.61 5.76 -4.67
CA ASN A 67 5.96 6.11 -5.07
C ASN A 67 6.97 5.14 -4.46
N GLU A 68 6.76 4.80 -3.19
CA GLU A 68 7.66 3.88 -2.49
C GLU A 68 7.52 2.46 -3.04
N HIS A 69 6.28 2.04 -3.27
CA HIS A 69 6.01 0.72 -3.80
C HIS A 69 6.77 0.47 -5.11
N ILE A 70 6.75 1.48 -5.97
CA ILE A 70 7.45 1.38 -7.26
C ILE A 70 8.95 1.31 -7.08
N GLU A 71 9.49 2.23 -6.27
CA GLU A 71 10.92 2.28 -6.01
C GLU A 71 11.40 0.97 -5.41
N ALA A 72 10.53 0.32 -4.65
CA ALA A 72 10.87 -0.95 -4.01
C ALA A 72 10.94 -2.08 -5.03
N LEU A 73 9.87 -2.24 -5.81
CA LEU A 73 9.81 -3.28 -6.83
C LEU A 73 11.15 -3.44 -7.53
N THR A 74 11.72 -2.32 -7.99
CA THR A 74 13.00 -2.34 -8.67
C THR A 74 14.12 -2.76 -7.73
N LYS A 75 14.12 -2.19 -6.53
CA LYS A 75 15.13 -2.50 -5.53
C LYS A 75 15.19 -4.01 -5.26
N LYS A 76 14.04 -4.58 -4.91
CA LYS A 76 13.95 -6.02 -4.64
C LYS A 76 14.40 -6.83 -5.85
N LYS A 77 13.80 -6.52 -7.01
CA LYS A 77 14.13 -7.22 -8.25
C LYS A 77 15.62 -7.14 -8.54
N ARG A 78 16.11 -8.04 -9.40
CA ARG A 78 17.51 -8.07 -9.76
C ARG A 78 17.90 -6.81 -10.54
N GLU A 79 18.82 -6.03 -9.98
CA GLU A 79 19.27 -4.80 -10.63
C GLU A 79 19.84 -5.09 -12.01
N SER A 80 19.42 -4.29 -12.99
CA SER A 80 19.89 -4.46 -14.36
C SER A 80 19.78 -5.92 -14.79
N GLY A 81 18.77 -6.61 -14.28
CA GLY A 81 18.57 -8.01 -14.61
C GLY A 81 17.75 -8.19 -15.87
N PRO A 82 16.43 -8.36 -15.71
CA PRO A 82 15.51 -8.55 -16.83
C PRO A 82 15.34 -7.28 -17.67
N SER A 83 14.50 -7.36 -18.69
CA SER A 83 14.26 -6.21 -19.57
C SER A 83 13.04 -6.45 -20.45
N SER A 84 12.70 -5.46 -21.28
CA SER A 84 11.55 -5.57 -22.16
C SER A 84 11.88 -5.02 -23.55
N GLY A 85 11.03 -5.32 -24.52
CA GLY A 85 11.25 -4.86 -25.87
C GLY A 85 10.67 -5.80 -26.90
N GLY A 1 -2.42 -21.12 27.70
CA GLY A 1 -1.94 -19.78 27.99
C GLY A 1 -2.93 -18.71 27.58
N SER A 2 -2.88 -17.57 28.24
CA SER A 2 -3.79 -16.47 27.95
C SER A 2 -3.01 -15.17 27.71
N SER A 3 -2.74 -14.88 26.45
CA SER A 3 -1.99 -13.67 26.07
C SER A 3 -2.91 -12.66 25.40
N GLY A 4 -3.56 -11.82 26.21
CA GLY A 4 -4.45 -10.82 25.67
C GLY A 4 -4.82 -9.76 26.70
N SER A 5 -5.57 -8.75 26.27
CA SER A 5 -5.98 -7.67 27.16
C SER A 5 -7.49 -7.71 27.38
N SER A 6 -7.89 -7.81 28.65
CA SER A 6 -9.30 -7.85 29.00
C SER A 6 -10.12 -6.91 28.12
N GLY A 7 -9.78 -5.62 28.17
CA GLY A 7 -10.48 -4.64 27.37
C GLY A 7 -9.93 -4.53 25.96
N ASP A 8 -10.32 -3.48 25.26
CA ASP A 8 -9.86 -3.25 23.89
C ASP A 8 -8.87 -2.09 23.83
N ARG A 9 -7.59 -2.41 23.80
CA ARG A 9 -6.54 -1.39 23.75
C ARG A 9 -6.09 -1.15 22.32
N GLU A 10 -5.86 -2.24 21.58
CA GLU A 10 -5.42 -2.16 20.20
C GLU A 10 -6.61 -2.07 19.25
N ARG A 11 -7.49 -3.07 19.31
CA ARG A 11 -8.67 -3.10 18.46
C ARG A 11 -9.22 -1.70 18.23
N GLU A 12 -9.23 -0.89 19.29
CA GLU A 12 -9.73 0.48 19.21
C GLU A 12 -9.13 1.20 18.01
N GLN A 13 -7.81 1.13 17.89
CA GLN A 13 -7.10 1.78 16.78
C GLN A 13 -6.69 0.76 15.72
N HIS A 14 -7.57 -0.19 15.43
CA HIS A 14 -7.30 -1.21 14.44
C HIS A 14 -7.98 -0.89 13.12
N LYS A 15 -9.05 -0.11 13.19
CA LYS A 15 -9.80 0.27 12.00
C LYS A 15 -8.88 0.91 10.96
N ARG A 16 -8.07 1.87 11.41
CA ARG A 16 -7.14 2.55 10.51
C ARG A 16 -6.03 1.62 10.05
N GLU A 17 -5.55 0.78 10.96
CA GLU A 17 -4.50 -0.17 10.64
C GLU A 17 -4.88 -1.02 9.43
N GLU A 18 -6.16 -1.31 9.29
CA GLU A 18 -6.65 -2.10 8.17
C GLU A 18 -6.45 -1.37 6.85
N ALA A 19 -6.88 -0.11 6.79
CA ALA A 19 -6.74 0.69 5.60
C ALA A 19 -5.27 0.81 5.18
N ILE A 20 -4.40 0.98 6.16
CA ILE A 20 -2.97 1.10 5.89
C ILE A 20 -2.43 -0.16 5.23
N GLN A 21 -2.45 -1.26 5.96
CA GLN A 21 -1.96 -2.54 5.44
C GLN A 21 -2.70 -2.93 4.16
N ASN A 22 -4.00 -2.66 4.14
CA ASN A 22 -4.84 -2.98 2.98
C ASN A 22 -4.39 -2.19 1.76
N PHE A 23 -4.15 -0.90 1.96
CA PHE A 23 -3.72 -0.03 0.86
C PHE A 23 -2.44 -0.56 0.21
N LYS A 24 -1.43 -0.81 1.03
CA LYS A 24 -0.15 -1.32 0.53
C LYS A 24 -0.36 -2.59 -0.29
N ALA A 25 -1.14 -3.52 0.25
CA ALA A 25 -1.42 -4.78 -0.43
C ALA A 25 -2.15 -4.54 -1.74
N LEU A 26 -3.16 -3.69 -1.71
CA LEU A 26 -3.94 -3.36 -2.90
C LEU A 26 -3.05 -2.80 -4.01
N LEU A 27 -1.99 -2.10 -3.60
CA LEU A 27 -1.06 -1.51 -4.55
C LEU A 27 -0.24 -2.59 -5.24
N SER A 28 0.45 -3.41 -4.45
CA SER A 28 1.27 -4.48 -4.99
C SER A 28 0.42 -5.49 -5.76
N ASP A 29 -0.87 -5.51 -5.46
CA ASP A 29 -1.80 -6.42 -6.12
C ASP A 29 -2.25 -5.87 -7.45
N MET A 30 -2.98 -4.75 -7.41
CA MET A 30 -3.48 -4.12 -8.62
C MET A 30 -2.33 -3.47 -9.40
N VAL A 31 -1.49 -2.73 -8.71
CA VAL A 31 -0.35 -2.06 -9.33
C VAL A 31 0.93 -2.85 -9.14
N ARG A 32 0.96 -4.07 -9.68
CA ARG A 32 2.13 -4.93 -9.57
C ARG A 32 3.25 -4.45 -10.49
N SER A 33 2.91 -3.55 -11.40
CA SER A 33 3.89 -3.01 -12.34
C SER A 33 4.67 -1.86 -11.73
N SER A 34 5.77 -1.50 -12.36
CA SER A 34 6.61 -0.41 -11.87
C SER A 34 6.77 0.67 -12.93
N ASP A 35 6.01 0.56 -14.01
CA ASP A 35 6.06 1.52 -15.10
C ASP A 35 4.73 2.26 -15.24
N VAL A 36 4.11 2.58 -14.10
CA VAL A 36 2.83 3.28 -14.11
C VAL A 36 2.95 4.63 -13.40
N SER A 37 2.07 5.56 -13.78
CA SER A 37 2.07 6.90 -13.19
C SER A 37 1.01 7.01 -12.09
N TRP A 38 1.29 7.82 -11.08
CA TRP A 38 0.37 8.02 -9.97
C TRP A 38 -1.05 8.26 -10.48
N SER A 39 -1.17 9.13 -11.48
CA SER A 39 -2.48 9.44 -12.05
C SER A 39 -3.23 8.18 -12.43
N ASP A 40 -2.62 7.35 -13.27
CA ASP A 40 -3.23 6.10 -13.70
C ASP A 40 -3.68 5.28 -12.50
N THR A 41 -2.87 5.27 -11.45
CA THR A 41 -3.19 4.52 -10.24
C THR A 41 -4.39 5.11 -9.52
N ARG A 42 -4.40 6.43 -9.36
CA ARG A 42 -5.50 7.12 -8.69
C ARG A 42 -6.82 6.80 -9.37
N ARG A 43 -6.80 6.67 -10.69
CA ARG A 43 -8.00 6.36 -11.45
C ARG A 43 -8.29 4.87 -11.45
N THR A 44 -7.23 4.06 -11.37
CA THR A 44 -7.37 2.62 -11.35
C THR A 44 -8.05 2.14 -10.07
N LEU A 45 -7.59 2.66 -8.94
CA LEU A 45 -8.16 2.29 -7.64
C LEU A 45 -9.56 2.86 -7.47
N ARG A 46 -9.75 4.11 -7.89
CA ARG A 46 -11.04 4.77 -7.79
C ARG A 46 -12.17 3.79 -8.14
N LYS A 47 -12.04 3.12 -9.27
CA LYS A 47 -13.04 2.16 -9.71
C LYS A 47 -13.08 0.94 -8.79
N ASP A 48 -11.92 0.62 -8.21
CA ASP A 48 -11.83 -0.52 -7.30
C ASP A 48 -12.74 -0.34 -6.10
N HIS A 49 -12.92 -1.41 -5.32
CA HIS A 49 -13.77 -1.37 -4.14
C HIS A 49 -12.96 -1.01 -2.90
N ARG A 50 -11.81 -1.66 -2.75
CA ARG A 50 -10.95 -1.41 -1.60
C ARG A 50 -10.70 0.09 -1.42
N TRP A 51 -10.42 0.78 -2.52
CA TRP A 51 -10.17 2.22 -2.48
C TRP A 51 -11.08 2.90 -1.46
N GLU A 52 -12.35 2.48 -1.43
CA GLU A 52 -13.31 3.05 -0.50
C GLU A 52 -12.73 3.15 0.91
N SER A 53 -12.29 2.02 1.44
CA SER A 53 -11.71 1.98 2.78
C SER A 53 -10.48 2.88 2.88
N GLY A 54 -9.69 2.90 1.81
CA GLY A 54 -8.50 3.73 1.78
C GLY A 54 -8.79 5.18 2.08
N SER A 55 -10.07 5.55 2.02
CA SER A 55 -10.49 6.92 2.28
C SER A 55 -9.76 7.49 3.48
N LEU A 56 -9.68 6.71 4.55
CA LEU A 56 -9.02 7.13 5.78
C LEU A 56 -7.74 7.91 5.46
N LEU A 57 -6.85 7.28 4.70
CA LEU A 57 -5.59 7.91 4.32
C LEU A 57 -5.84 9.19 3.53
N GLU A 58 -4.81 10.03 3.43
CA GLU A 58 -4.92 11.28 2.68
C GLU A 58 -4.20 11.19 1.34
N ARG A 59 -4.55 12.07 0.42
CA ARG A 59 -3.94 12.08 -0.90
C ARG A 59 -2.42 11.99 -0.80
N GLU A 60 -1.84 12.77 0.11
CA GLU A 60 -0.41 12.78 0.31
C GLU A 60 0.10 11.38 0.68
N GLU A 61 -0.44 10.83 1.77
CA GLU A 61 -0.05 9.51 2.23
C GLU A 61 -0.12 8.49 1.10
N LYS A 62 -1.26 8.45 0.42
CA LYS A 62 -1.46 7.52 -0.69
C LYS A 62 -0.36 7.68 -1.72
N GLU A 63 -0.18 8.90 -2.22
CA GLU A 63 0.84 9.17 -3.22
C GLU A 63 2.20 8.71 -2.75
N LYS A 64 2.60 9.13 -1.55
CA LYS A 64 3.89 8.75 -0.99
C LYS A 64 4.06 7.23 -1.01
N LEU A 65 3.09 6.52 -0.46
CA LEU A 65 3.13 5.06 -0.42
C LEU A 65 3.39 4.48 -1.80
N PHE A 66 2.46 4.69 -2.72
CA PHE A 66 2.60 4.20 -4.09
C PHE A 66 4.03 4.35 -4.57
N ASN A 67 4.51 5.59 -4.62
CA ASN A 67 5.86 5.87 -5.07
C ASN A 67 6.86 4.91 -4.44
N GLU A 68 6.84 4.83 -3.12
CA GLU A 68 7.74 3.95 -2.38
C GLU A 68 7.59 2.51 -2.87
N HIS A 69 6.35 2.06 -3.00
CA HIS A 69 6.06 0.70 -3.44
C HIS A 69 6.80 0.40 -4.74
N ILE A 70 6.62 1.27 -5.74
CA ILE A 70 7.25 1.09 -7.03
C ILE A 70 8.77 1.02 -6.89
N GLU A 71 9.37 2.12 -6.43
CA GLU A 71 10.81 2.19 -6.25
C GLU A 71 11.35 0.87 -5.72
N ALA A 72 10.68 0.32 -4.72
CA ALA A 72 11.10 -0.94 -4.12
C ALA A 72 11.01 -2.09 -5.14
N LEU A 73 9.96 -2.07 -5.95
CA LEU A 73 9.76 -3.10 -6.96
C LEU A 73 10.97 -3.18 -7.90
N THR A 74 11.32 -2.05 -8.50
CA THR A 74 12.45 -2.00 -9.43
C THR A 74 13.76 -2.27 -8.69
N LYS A 75 13.91 -1.67 -7.52
CA LYS A 75 15.12 -1.85 -6.73
C LYS A 75 15.37 -3.32 -6.43
N LYS A 76 14.28 -4.05 -6.17
CA LYS A 76 14.37 -5.47 -5.86
C LYS A 76 14.55 -6.29 -7.15
N LYS A 77 14.43 -5.62 -8.28
CA LYS A 77 14.58 -6.28 -9.58
C LYS A 77 15.97 -6.05 -10.15
N ARG A 78 16.25 -4.80 -10.50
CA ARG A 78 17.55 -4.45 -11.06
C ARG A 78 18.69 -5.07 -10.26
N GLU A 79 18.43 -5.32 -8.98
CA GLU A 79 19.44 -5.92 -8.11
C GLU A 79 19.16 -7.40 -7.90
N SER A 80 20.09 -8.24 -8.32
CA SER A 80 19.94 -9.69 -8.19
C SER A 80 20.03 -10.11 -6.73
N GLY A 81 21.11 -9.71 -6.06
CA GLY A 81 21.30 -10.05 -4.67
C GLY A 81 22.07 -9.00 -3.91
N PRO A 82 21.73 -8.81 -2.62
CA PRO A 82 22.39 -7.82 -1.76
C PRO A 82 23.83 -8.20 -1.43
N SER A 83 24.76 -7.33 -1.77
CA SER A 83 26.17 -7.58 -1.51
C SER A 83 26.84 -6.35 -0.90
N SER A 84 26.28 -5.88 0.21
CA SER A 84 26.83 -4.70 0.89
C SER A 84 26.47 -4.72 2.37
N GLY A 85 27.37 -4.19 3.20
CA GLY A 85 27.13 -4.16 4.63
C GLY A 85 27.84 -3.02 5.31
#